data_8A09
# 
_entry.id   8A09 
# 
_audit_conform.dict_name       mmcif_pdbx.dic 
_audit_conform.dict_version    5.398 
_audit_conform.dict_location   http://mmcif.pdb.org/dictionaries/ascii/mmcif_pdbx.dic 
# 
loop_
_database_2.database_id 
_database_2.database_code 
_database_2.pdbx_database_accession 
_database_2.pdbx_DOI 
PDB   8A09         pdb_00008a09 10.2210/pdb8a09/pdb 
WWPDB D_1292123368 ?            ?                   
# 
loop_
_pdbx_audit_revision_history.ordinal 
_pdbx_audit_revision_history.data_content_type 
_pdbx_audit_revision_history.major_revision 
_pdbx_audit_revision_history.minor_revision 
_pdbx_audit_revision_history.revision_date 
1 'Structure model' 1 0 2022-06-15 
2 'Structure model' 1 1 2023-02-08 
3 'Structure model' 1 2 2024-06-19 
4 'Structure model' 1 3 2024-11-13 
# 
_pdbx_audit_revision_details.ordinal             1 
_pdbx_audit_revision_details.revision_ordinal    1 
_pdbx_audit_revision_details.data_content_type   'Structure model' 
_pdbx_audit_revision_details.provider            repository 
_pdbx_audit_revision_details.type                'Initial release' 
_pdbx_audit_revision_details.description         ? 
_pdbx_audit_revision_details.details             ? 
# 
loop_
_pdbx_audit_revision_group.ordinal 
_pdbx_audit_revision_group.revision_ordinal 
_pdbx_audit_revision_group.data_content_type 
_pdbx_audit_revision_group.group 
1 2 'Structure model' 'Database references' 
2 3 'Structure model' 'Data collection'     
3 4 'Structure model' 'Structure summary'   
# 
loop_
_pdbx_audit_revision_category.ordinal 
_pdbx_audit_revision_category.revision_ordinal 
_pdbx_audit_revision_category.data_content_type 
_pdbx_audit_revision_category.category 
1 2 'Structure model' citation           
2 2 'Structure model' citation_author    
3 3 'Structure model' chem_comp_atom     
4 3 'Structure model' chem_comp_bond     
5 4 'Structure model' pdbx_entry_details 
# 
loop_
_pdbx_audit_revision_item.ordinal 
_pdbx_audit_revision_item.revision_ordinal 
_pdbx_audit_revision_item.data_content_type 
_pdbx_audit_revision_item.item 
1  2 'Structure model' '_citation.country'                            
2  2 'Structure model' '_citation.journal_abbrev'                     
3  2 'Structure model' '_citation.journal_id_CSD'                     
4  2 'Structure model' '_citation.journal_id_ISSN'                    
5  2 'Structure model' '_citation.journal_volume'                     
6  2 'Structure model' '_citation.page_first'                         
7  2 'Structure model' '_citation.page_last'                          
8  2 'Structure model' '_citation.pdbx_database_id_DOI'               
9  2 'Structure model' '_citation.pdbx_database_id_PubMed'            
10 2 'Structure model' '_citation.title'                              
11 2 'Structure model' '_citation.year'                               
12 4 'Structure model' '_pdbx_entry_details.has_protein_modification' 
# 
_pdbx_database_status.status_code                     REL 
_pdbx_database_status.status_code_sf                  REL 
_pdbx_database_status.status_code_mr                  ? 
_pdbx_database_status.entry_id                        8A09 
_pdbx_database_status.recvd_initial_deposition_date   2022-05-27 
_pdbx_database_status.SG_entry                        N 
_pdbx_database_status.deposit_site                    PDBE 
_pdbx_database_status.process_site                    PDBE 
_pdbx_database_status.status_code_cs                  ? 
_pdbx_database_status.status_code_nmr_data            ? 
_pdbx_database_status.methods_development_category    ? 
_pdbx_database_status.pdb_format_compatible           Y 
# 
_pdbx_contact_author.id                 4 
_pdbx_contact_author.email              d.n.woolfson@bristol.ac.uk 
_pdbx_contact_author.name_first         Derek 
_pdbx_contact_author.name_last          Woolfson 
_pdbx_contact_author.name_mi            N. 
_pdbx_contact_author.role               'principal investigator/group leader' 
_pdbx_contact_author.identifier_ORCID   0000-0002-0394-3202 
# 
loop_
_audit_author.name 
_audit_author.pdbx_ordinal 
_audit_author.identifier_ORCID 
'Martin, F.J.O.' 1 0000-0001-6456-2860 
'Rhys, G.G.'     2 0000-0002-0247-9495 
'Dawson, W.M.'   3 0000-0003-2710-6879 
'Woolfson, D.N.' 4 0000-0002-0394-3202 
# 
_citation.abstract                  ? 
_citation.abstract_id_CAS           ? 
_citation.book_id_ISBN              ? 
_citation.book_publisher            ? 
_citation.book_publisher_city       ? 
_citation.book_title                ? 
_citation.coordinate_linkage        ? 
_citation.country                   UK 
_citation.database_id_Medline       ? 
_citation.details                   ? 
_citation.id                        primary 
_citation.journal_abbrev            'Nat Commun' 
_citation.journal_id_ASTM           ? 
_citation.journal_id_CSD            ? 
_citation.journal_id_ISSN           2041-1723 
_citation.journal_full              ? 
_citation.journal_issue             ? 
_citation.journal_volume            14 
_citation.language                  ? 
_citation.page_first                383 
_citation.page_last                 383 
_citation.title                     'Differential sensing with arrays of de novo designed peptide assemblies.' 
_citation.year                      2023 
_citation.database_id_CSD           ? 
_citation.pdbx_database_id_DOI      10.1038/s41467-023-36024-y 
_citation.pdbx_database_id_PubMed   36693847 
_citation.pdbx_database_id_patent   ? 
_citation.unpublished_flag          ? 
# 
loop_
_citation_author.citation_id 
_citation_author.name 
_citation_author.ordinal 
_citation_author.identifier_ORCID 
primary 'Dawson, W.M.'    1  0000-0003-2710-6879 
primary 'Shelley, K.L.'   2  0000-0003-2206-7778 
primary 'Fletcher, J.M.'  3  ?                   
primary 'Scott, D.A.'     4  ?                   
primary 'Lombardi, L.'    5  0000-0002-5202-9847 
primary 'Rhys, G.G.'      6  0000-0002-0247-9495 
primary 'LaGambina, T.J.' 7  0000-0001-9731-9365 
primary 'Obst, U.'        8  ?                   
primary 'Burton, A.J.'    9  ?                   
primary 'Cross, J.A.'     10 0000-0001-7725-3821 
primary 'Davies, G.'      11 ?                   
primary 'Martin, F.J.O.'  12 ?                   
primary 'Wiseman, F.J.'   13 ?                   
primary 'Brady, R.L.'     14 0000-0002-3575-5513 
primary 'Tew, D.'         15 0000-0002-9328-1248 
primary 'Wood, C.W.'      16 ?                   
primary 'Woolfson, D.N.'  17 0000-0002-0394-3202 
# 
loop_
_entity.id 
_entity.type 
_entity.src_method 
_entity.pdbx_description 
_entity.formula_weight 
_entity.pdbx_number_of_molecules 
_entity.pdbx_ec 
_entity.pdbx_mutation 
_entity.pdbx_fragment 
_entity.details 
1 polymer     syn 'A hexameric barrel state of a de novo coiled-coil assembly: CC-Type2-(QgLaId)4' 3463.075 2  ? ? ? ? 
2 non-polymer syn GLYCEROL                                                                         92.094   3  ? ? ? ? 
3 water       nat water                                                                            18.015   20 ? ? ? ? 
# 
_entity_poly.entity_id                      1 
_entity_poly.type                           'polypeptide(L)' 
_entity_poly.nstd_linkage                   no 
_entity_poly.nstd_monomer                   yes 
_entity_poly.pdbx_seq_one_letter_code       '(ACE)GEIAQQLKEIAKQLKEIAWQLKEIAQQLKG(NH2)' 
_entity_poly.pdbx_seq_one_letter_code_can   XGEIAQQLKEIAKQLKEIAWQLKEIAQQLKGX 
_entity_poly.pdbx_strand_id                 A,B 
_entity_poly.pdbx_target_identifier         ? 
# 
loop_
_pdbx_entity_nonpoly.entity_id 
_pdbx_entity_nonpoly.name 
_pdbx_entity_nonpoly.comp_id 
2 GLYCEROL GOL 
3 water    HOH 
# 
loop_
_entity_poly_seq.entity_id 
_entity_poly_seq.num 
_entity_poly_seq.mon_id 
_entity_poly_seq.hetero 
1 1  ACE n 
1 2  GLY n 
1 3  GLU n 
1 4  ILE n 
1 5  ALA n 
1 6  GLN n 
1 7  GLN n 
1 8  LEU n 
1 9  LYS n 
1 10 GLU n 
1 11 ILE n 
1 12 ALA n 
1 13 LYS n 
1 14 GLN n 
1 15 LEU n 
1 16 LYS n 
1 17 GLU n 
1 18 ILE n 
1 19 ALA n 
1 20 TRP n 
1 21 GLN n 
1 22 LEU n 
1 23 LYS n 
1 24 GLU n 
1 25 ILE n 
1 26 ALA n 
1 27 GLN n 
1 28 GLN n 
1 29 LEU n 
1 30 LYS n 
1 31 GLY n 
1 32 NH2 n 
# 
_pdbx_entity_src_syn.entity_id              1 
_pdbx_entity_src_syn.pdbx_src_id            1 
_pdbx_entity_src_syn.pdbx_alt_source_flag   sample 
_pdbx_entity_src_syn.pdbx_beg_seq_num       1 
_pdbx_entity_src_syn.pdbx_end_seq_num       32 
_pdbx_entity_src_syn.organism_scientific    'synthetic construct' 
_pdbx_entity_src_syn.organism_common_name   ? 
_pdbx_entity_src_syn.ncbi_taxonomy_id       32630 
_pdbx_entity_src_syn.details                ? 
# 
loop_
_chem_comp.id 
_chem_comp.type 
_chem_comp.mon_nstd_flag 
_chem_comp.name 
_chem_comp.pdbx_synonyms 
_chem_comp.formula 
_chem_comp.formula_weight 
ACE non-polymer         . 'ACETYL GROUP'  ?                               'C2 H4 O'        44.053  
ALA 'L-peptide linking' y ALANINE         ?                               'C3 H7 N O2'     89.093  
GLN 'L-peptide linking' y GLUTAMINE       ?                               'C5 H10 N2 O3'   146.144 
GLU 'L-peptide linking' y 'GLUTAMIC ACID' ?                               'C5 H9 N O4'     147.129 
GLY 'peptide linking'   y GLYCINE         ?                               'C2 H5 N O2'     75.067  
GOL non-polymer         . GLYCEROL        'GLYCERIN; PROPANE-1,2,3-TRIOL' 'C3 H8 O3'       92.094  
HOH non-polymer         . WATER           ?                               'H2 O'           18.015  
ILE 'L-peptide linking' y ISOLEUCINE      ?                               'C6 H13 N O2'    131.173 
LEU 'L-peptide linking' y LEUCINE         ?                               'C6 H13 N O2'    131.173 
LYS 'L-peptide linking' y LYSINE          ?                               'C6 H15 N2 O2 1' 147.195 
NH2 non-polymer         . 'AMINO GROUP'   ?                               'H2 N'           16.023  
TRP 'L-peptide linking' y TRYPTOPHAN      ?                               'C11 H12 N2 O2'  204.225 
# 
loop_
_pdbx_poly_seq_scheme.asym_id 
_pdbx_poly_seq_scheme.entity_id 
_pdbx_poly_seq_scheme.seq_id 
_pdbx_poly_seq_scheme.mon_id 
_pdbx_poly_seq_scheme.ndb_seq_num 
_pdbx_poly_seq_scheme.pdb_seq_num 
_pdbx_poly_seq_scheme.auth_seq_num 
_pdbx_poly_seq_scheme.pdb_mon_id 
_pdbx_poly_seq_scheme.auth_mon_id 
_pdbx_poly_seq_scheme.pdb_strand_id 
_pdbx_poly_seq_scheme.pdb_ins_code 
_pdbx_poly_seq_scheme.hetero 
A 1 1  ACE 1  0  ?  ?   ?   A . n 
A 1 2  GLY 2  1  1  GLY GLY A . n 
A 1 3  GLU 3  2  2  GLU GLU A . n 
A 1 4  ILE 4  3  3  ILE ILE A . n 
A 1 5  ALA 5  4  4  ALA ALA A . n 
A 1 6  GLN 6  5  5  GLN GLN A . n 
A 1 7  GLN 7  6  6  GLN GLN A . n 
A 1 8  LEU 8  7  7  LEU LEU A . n 
A 1 9  LYS 9  8  8  LYS LYS A . n 
A 1 10 GLU 10 9  9  GLU GLU A . n 
A 1 11 ILE 11 10 10 ILE ILE A . n 
A 1 12 ALA 12 11 11 ALA ALA A . n 
A 1 13 LYS 13 12 12 LYS LYS A . n 
A 1 14 GLN 14 13 13 GLN GLN A . n 
A 1 15 LEU 15 14 14 LEU LEU A . n 
A 1 16 LYS 16 15 15 LYS LYS A . n 
A 1 17 GLU 17 16 16 GLU GLU A . n 
A 1 18 ILE 18 17 17 ILE ILE A . n 
A 1 19 ALA 19 18 18 ALA ALA A . n 
A 1 20 TRP 20 19 19 TRP TRP A . n 
A 1 21 GLN 21 20 20 GLN GLN A . n 
A 1 22 LEU 22 21 21 LEU LEU A . n 
A 1 23 LYS 23 22 22 LYS LYS A . n 
A 1 24 GLU 24 23 23 GLU GLU A . n 
A 1 25 ILE 25 24 24 ILE ILE A . n 
A 1 26 ALA 26 25 25 ALA ALA A . n 
A 1 27 GLN 27 26 26 GLN GLN A . n 
A 1 28 GLN 28 27 27 GLN GLN A . n 
A 1 29 LEU 29 28 28 LEU LEU A . n 
A 1 30 LYS 30 29 29 LYS LYS A . n 
A 1 31 GLY 31 30 30 GLY GLY A . n 
A 1 32 NH2 32 31 ?  ?   ?   A . n 
B 1 1  ACE 1  0  ?  ?   ?   B . n 
B 1 2  GLY 2  1  1  GLY GLY B . n 
B 1 3  GLU 3  2  2  GLU GLU B . n 
B 1 4  ILE 4  3  3  ILE ILE B . n 
B 1 5  ALA 5  4  4  ALA ALA B . n 
B 1 6  GLN 6  5  5  GLN GLN B . n 
B 1 7  GLN 7  6  6  GLN GLN B . n 
B 1 8  LEU 8  7  7  LEU LEU B . n 
B 1 9  LYS 9  8  8  LYS LYS B . n 
B 1 10 GLU 10 9  9  GLU GLU B . n 
B 1 11 ILE 11 10 10 ILE ILE B . n 
B 1 12 ALA 12 11 11 ALA ALA B . n 
B 1 13 LYS 13 12 12 LYS LYS B . n 
B 1 14 GLN 14 13 13 GLN GLN B . n 
B 1 15 LEU 15 14 14 LEU LEU B . n 
B 1 16 LYS 16 15 15 LYS LYS B . n 
B 1 17 GLU 17 16 16 GLU GLU B . n 
B 1 18 ILE 18 17 17 ILE ILE B . n 
B 1 19 ALA 19 18 18 ALA ALA B . n 
B 1 20 TRP 20 19 19 TRP TRP B . n 
B 1 21 GLN 21 20 20 GLN GLN B . n 
B 1 22 LEU 22 21 21 LEU LEU B . n 
B 1 23 LYS 23 22 22 LYS LYS B . n 
B 1 24 GLU 24 23 23 GLU GLU B . n 
B 1 25 ILE 25 24 24 ILE ILE B . n 
B 1 26 ALA 26 25 25 ALA ALA B . n 
B 1 27 GLN 27 26 26 GLN GLN B . n 
B 1 28 GLN 28 27 27 GLN GLN B . n 
B 1 29 LEU 29 28 28 LEU LEU B . n 
B 1 30 LYS 30 29 29 LYS LYS B . n 
B 1 31 GLY 31 30 30 GLY GLY B . n 
B 1 32 NH2 32 31 ?  ?   ?   B . n 
# 
loop_
_pdbx_nonpoly_scheme.asym_id 
_pdbx_nonpoly_scheme.entity_id 
_pdbx_nonpoly_scheme.mon_id 
_pdbx_nonpoly_scheme.ndb_seq_num 
_pdbx_nonpoly_scheme.pdb_seq_num 
_pdbx_nonpoly_scheme.auth_seq_num 
_pdbx_nonpoly_scheme.pdb_mon_id 
_pdbx_nonpoly_scheme.auth_mon_id 
_pdbx_nonpoly_scheme.pdb_strand_id 
_pdbx_nonpoly_scheme.pdb_ins_code 
C 2 GOL 1  101 1  GOL GOL A . 
D 2 GOL 1  102 2  GOL GOL A . 
E 2 GOL 1  103 3  GOL GOL A . 
F 3 HOH 1  201 20 HOH HOH A . 
F 3 HOH 2  202 10 HOH HOH A . 
F 3 HOH 3  203 11 HOH HOH A . 
F 3 HOH 4  204 2  HOH HOH A . 
F 3 HOH 5  205 4  HOH HOH A . 
F 3 HOH 6  206 15 HOH HOH A . 
F 3 HOH 7  207 16 HOH HOH A . 
F 3 HOH 8  208 7  HOH HOH A . 
F 3 HOH 9  209 18 HOH HOH A . 
F 3 HOH 10 210 19 HOH HOH A . 
G 3 HOH 1  101 17 HOH HOH B . 
G 3 HOH 2  102 12 HOH HOH B . 
G 3 HOH 3  103 14 HOH HOH B . 
G 3 HOH 4  104 5  HOH HOH B . 
G 3 HOH 5  105 6  HOH HOH B . 
G 3 HOH 6  106 3  HOH HOH B . 
G 3 HOH 7  107 8  HOH HOH B . 
G 3 HOH 8  108 13 HOH HOH B . 
G 3 HOH 9  109 9  HOH HOH B . 
G 3 HOH 10 110 21 HOH HOH B . 
# 
loop_
_pdbx_unobs_or_zero_occ_atoms.id 
_pdbx_unobs_or_zero_occ_atoms.PDB_model_num 
_pdbx_unobs_or_zero_occ_atoms.polymer_flag 
_pdbx_unobs_or_zero_occ_atoms.occupancy_flag 
_pdbx_unobs_or_zero_occ_atoms.auth_asym_id 
_pdbx_unobs_or_zero_occ_atoms.auth_comp_id 
_pdbx_unobs_or_zero_occ_atoms.auth_seq_id 
_pdbx_unobs_or_zero_occ_atoms.PDB_ins_code 
_pdbx_unobs_or_zero_occ_atoms.auth_atom_id 
_pdbx_unobs_or_zero_occ_atoms.label_alt_id 
_pdbx_unobs_or_zero_occ_atoms.label_asym_id 
_pdbx_unobs_or_zero_occ_atoms.label_comp_id 
_pdbx_unobs_or_zero_occ_atoms.label_seq_id 
_pdbx_unobs_or_zero_occ_atoms.label_atom_id 
1  1 Y 1 A GLU 2  ? CG  ? A GLU 3  CG  
2  1 Y 1 A GLU 2  ? CD  ? A GLU 3  CD  
3  1 Y 1 A GLU 2  ? OE1 ? A GLU 3  OE1 
4  1 Y 1 A GLU 2  ? OE2 ? A GLU 3  OE2 
5  1 Y 1 A LYS 15 ? NZ  ? A LYS 16 NZ  
6  1 Y 1 A LYS 22 ? CE  ? A LYS 23 CE  
7  1 Y 1 A LYS 22 ? NZ  ? A LYS 23 NZ  
8  1 Y 1 A GLY 30 ? CA  ? A GLY 31 CA  
9  1 Y 1 A GLY 30 ? C   ? A GLY 31 C   
10 1 Y 1 A GLY 30 ? O   ? A GLY 31 O   
11 1 Y 1 B GLU 2  ? CG  ? B GLU 3  CG  
12 1 Y 1 B GLU 2  ? CD  ? B GLU 3  CD  
13 1 Y 1 B GLU 2  ? OE1 ? B GLU 3  OE1 
14 1 Y 1 B GLU 2  ? OE2 ? B GLU 3  OE2 
15 1 Y 1 B LYS 29 ? CE  ? B LYS 30 CE  
16 1 Y 1 B LYS 29 ? NZ  ? B LYS 30 NZ  
17 1 Y 1 B GLY 30 ? CA  ? B GLY 31 CA  
18 1 Y 1 B GLY 30 ? C   ? B GLY 31 C   
19 1 Y 1 B GLY 30 ? O   ? B GLY 31 O   
# 
loop_
_software.citation_id 
_software.classification 
_software.compiler_name 
_software.compiler_version 
_software.contact_author 
_software.contact_author_email 
_software.date 
_software.description 
_software.dependencies 
_software.hardware 
_software.language 
_software.location 
_software.mods 
_software.name 
_software.os 
_software.os_version 
_software.type 
_software.version 
_software.pdbx_ordinal 
? refinement        ? ? ? ? ? ? ? ? ? ? ? REFMAC      ? ? ? 5.8.0349 1 
? 'data scaling'    ? ? ? ? ? ? ? ? ? ? ? Aimless     ? ? ? .        2 
? 'data extraction' ? ? ? ? ? ? ? ? ? ? ? PDB_EXTRACT ? ? ? 3.27     3 
? 'data reduction'  ? ? ? ? ? ? ? ? ? ? ? DIALS       ? ? ? .        4 
? phasing           ? ? ? ? ? ? ? ? ? ? ? Arcimboldo  ? ? ? .        5 
# 
_cell.angle_alpha                  90.000 
_cell.angle_alpha_esd              ? 
_cell.angle_beta                   90.000 
_cell.angle_beta_esd               ? 
_cell.angle_gamma                  120.000 
_cell.angle_gamma_esd              ? 
_cell.entry_id                     8A09 
_cell.details                      ? 
_cell.formula_units_Z              ? 
_cell.length_a                     53.710 
_cell.length_a_esd                 ? 
_cell.length_b                     53.710 
_cell.length_b_esd                 ? 
_cell.length_c                     46.392 
_cell.length_c_esd                 ? 
_cell.volume                       ? 
_cell.volume_esd                   ? 
_cell.Z_PDB                        18 
_cell.reciprocal_angle_alpha       ? 
_cell.reciprocal_angle_beta        ? 
_cell.reciprocal_angle_gamma       ? 
_cell.reciprocal_angle_alpha_esd   ? 
_cell.reciprocal_angle_beta_esd    ? 
_cell.reciprocal_angle_gamma_esd   ? 
_cell.reciprocal_length_a          ? 
_cell.reciprocal_length_b          ? 
_cell.reciprocal_length_c          ? 
_cell.reciprocal_length_a_esd      ? 
_cell.reciprocal_length_b_esd      ? 
_cell.reciprocal_length_c_esd      ? 
_cell.pdbx_unique_axis             ? 
_cell.pdbx_esd_method              ? 
# 
_symmetry.entry_id                         8A09 
_symmetry.cell_setting                     ? 
_symmetry.Int_Tables_number                146 
_symmetry.space_group_name_Hall            ? 
_symmetry.space_group_name_H-M             'H 3' 
_symmetry.pdbx_full_space_group_name_H-M   ? 
# 
_exptl.absorpt_coefficient_mu     ? 
_exptl.absorpt_correction_T_max   ? 
_exptl.absorpt_correction_T_min   ? 
_exptl.absorpt_correction_type    ? 
_exptl.absorpt_process_details    ? 
_exptl.entry_id                   8A09 
_exptl.crystals_number            1 
_exptl.details                    ? 
_exptl.method                     'X-RAY DIFFRACTION' 
_exptl.method_details             ? 
# 
_exptl_crystal.colour                       ? 
_exptl_crystal.density_diffrn               ? 
_exptl_crystal.density_Matthews             1.86 
_exptl_crystal.density_method               ? 
_exptl_crystal.density_percent_sol          33.85 
_exptl_crystal.description                  ? 
_exptl_crystal.F_000                        ? 
_exptl_crystal.id                           1 
_exptl_crystal.preparation                  ? 
_exptl_crystal.size_max                     ? 
_exptl_crystal.size_mid                     ? 
_exptl_crystal.size_min                     ? 
_exptl_crystal.size_rad                     ? 
_exptl_crystal.colour_lustre                ? 
_exptl_crystal.colour_modifier              ? 
_exptl_crystal.colour_primary               ? 
_exptl_crystal.density_meas                 ? 
_exptl_crystal.density_meas_esd             ? 
_exptl_crystal.density_meas_gt              ? 
_exptl_crystal.density_meas_lt              ? 
_exptl_crystal.density_meas_temp            ? 
_exptl_crystal.density_meas_temp_esd        ? 
_exptl_crystal.density_meas_temp_gt         ? 
_exptl_crystal.density_meas_temp_lt         ? 
_exptl_crystal.pdbx_crystal_image_url       ? 
_exptl_crystal.pdbx_crystal_image_format    ? 
_exptl_crystal.pdbx_mosaicity               ? 
_exptl_crystal.pdbx_mosaicity_esd           ? 
_exptl_crystal.pdbx_mosaic_method           ? 
_exptl_crystal.pdbx_mosaic_block_size       ? 
_exptl_crystal.pdbx_mosaic_block_size_esd   ? 
# 
_exptl_crystal_grow.apparatus       ? 
_exptl_crystal_grow.atmosphere      ? 
_exptl_crystal_grow.crystal_id      1 
_exptl_crystal_grow.details         ? 
_exptl_crystal_grow.method          'VAPOR DIFFUSION' 
_exptl_crystal_grow.method_ref      ? 
_exptl_crystal_grow.pH              5.0 
_exptl_crystal_grow.pressure        ? 
_exptl_crystal_grow.pressure_esd    ? 
_exptl_crystal_grow.seeding         ? 
_exptl_crystal_grow.seeding_ref     ? 
_exptl_crystal_grow.temp            293 
_exptl_crystal_grow.temp_details    Incubator 
_exptl_crystal_grow.temp_esd        ? 
_exptl_crystal_grow.time            ? 
_exptl_crystal_grow.pdbx_details    '1.5 mM peptide, 50 mM Sodium acetate, 1% w/v PEG 4000 at pH 5.0' 
_exptl_crystal_grow.pdbx_pH_range   ? 
# 
_diffrn.ambient_environment              ? 
_diffrn.ambient_temp                     100 
_diffrn.ambient_temp_details             ? 
_diffrn.ambient_temp_esd                 ? 
_diffrn.crystal_id                       1 
_diffrn.crystal_support                  ? 
_diffrn.crystal_treatment                ? 
_diffrn.details                          ? 
_diffrn.id                               1 
_diffrn.ambient_pressure                 ? 
_diffrn.ambient_pressure_esd             ? 
_diffrn.ambient_pressure_gt              ? 
_diffrn.ambient_pressure_lt              ? 
_diffrn.ambient_temp_gt                  ? 
_diffrn.ambient_temp_lt                  ? 
_diffrn.pdbx_serial_crystal_experiment   N 
# 
_diffrn_detector.details                      ? 
_diffrn_detector.detector                     PIXEL 
_diffrn_detector.diffrn_id                    1 
_diffrn_detector.type                         'DECTRIS EIGER2 XE 16M' 
_diffrn_detector.area_resol_mean              ? 
_diffrn_detector.dtime                        ? 
_diffrn_detector.pdbx_frames_total            ? 
_diffrn_detector.pdbx_collection_time_total   ? 
_diffrn_detector.pdbx_collection_date         2021-05-19 
_diffrn_detector.pdbx_frequency               ? 
# 
_diffrn_radiation.collimation                      ? 
_diffrn_radiation.diffrn_id                        1 
_diffrn_radiation.filter_edge                      ? 
_diffrn_radiation.inhomogeneity                    ? 
_diffrn_radiation.monochromator                    ? 
_diffrn_radiation.polarisn_norm                    ? 
_diffrn_radiation.polarisn_ratio                   ? 
_diffrn_radiation.probe                            ? 
_diffrn_radiation.type                             ? 
_diffrn_radiation.xray_symbol                      ? 
_diffrn_radiation.wavelength_id                    1 
_diffrn_radiation.pdbx_monochromatic_or_laue_m_l   M 
_diffrn_radiation.pdbx_wavelength_list             ? 
_diffrn_radiation.pdbx_wavelength                  ? 
_diffrn_radiation.pdbx_diffrn_protocol             'SINGLE WAVELENGTH' 
_diffrn_radiation.pdbx_analyzer                    ? 
_diffrn_radiation.pdbx_scattering_type             x-ray 
# 
_diffrn_radiation_wavelength.id           1 
_diffrn_radiation_wavelength.wavelength   0.9795 
_diffrn_radiation_wavelength.wt           1.0 
# 
_diffrn_source.current                     ? 
_diffrn_source.details                     ? 
_diffrn_source.diffrn_id                   1 
_diffrn_source.power                       ? 
_diffrn_source.size                        ? 
_diffrn_source.source                      SYNCHROTRON 
_diffrn_source.target                      ? 
_diffrn_source.type                        'DIAMOND BEAMLINE I04' 
_diffrn_source.voltage                     ? 
_diffrn_source.take-off_angle              ? 
_diffrn_source.pdbx_wavelength_list        0.9795 
_diffrn_source.pdbx_wavelength             ? 
_diffrn_source.pdbx_synchrotron_beamline   I04 
_diffrn_source.pdbx_synchrotron_site       Diamond 
# 
_reflns.B_iso_Wilson_estimate                          20.91 
_reflns.entry_id                                       8A09 
_reflns.data_reduction_details                         ? 
_reflns.data_reduction_method                          ? 
_reflns.d_resolution_high                              1.35 
_reflns.d_resolution_low                               32.85 
_reflns.details                                        ? 
_reflns.limit_h_max                                    ? 
_reflns.limit_h_min                                    ? 
_reflns.limit_k_max                                    ? 
_reflns.limit_k_min                                    ? 
_reflns.limit_l_max                                    ? 
_reflns.limit_l_min                                    ? 
_reflns.number_all                                     ? 
_reflns.number_obs                                     10984 
_reflns.observed_criterion                             ? 
_reflns.observed_criterion_F_max                       ? 
_reflns.observed_criterion_F_min                       ? 
_reflns.observed_criterion_I_max                       ? 
_reflns.observed_criterion_I_min                       ? 
_reflns.observed_criterion_sigma_F                     ? 
_reflns.observed_criterion_sigma_I                     ? 
_reflns.percent_possible_obs                           99.79 
_reflns.R_free_details                                 ? 
_reflns.Rmerge_F_all                                   ? 
_reflns.Rmerge_F_obs                                   ? 
_reflns.Friedel_coverage                               ? 
_reflns.number_gt                                      ? 
_reflns.threshold_expression                           ? 
_reflns.pdbx_redundancy                                5.2 
_reflns.pdbx_Rmerge_I_obs                              0.1462 
_reflns.pdbx_Rmerge_I_all                              ? 
_reflns.pdbx_Rsym_value                                ? 
_reflns.pdbx_netI_over_av_sigmaI                       ? 
_reflns.pdbx_netI_over_sigmaI                          13.01 
_reflns.pdbx_res_netI_over_av_sigmaI_2                 ? 
_reflns.pdbx_res_netI_over_sigmaI_2                    ? 
_reflns.pdbx_chi_squared                               ? 
_reflns.pdbx_scaling_rejects                           ? 
_reflns.pdbx_d_res_high_opt                            ? 
_reflns.pdbx_d_res_low_opt                             ? 
_reflns.pdbx_d_res_opt_method                          ? 
_reflns.phase_calculation_details                      ? 
_reflns.pdbx_Rrim_I_all                                0.162 
_reflns.pdbx_Rpim_I_all                                0.06936 
_reflns.pdbx_d_opt                                     ? 
_reflns.pdbx_number_measured_all                       ? 
_reflns.pdbx_diffrn_id                                 1 
_reflns.pdbx_ordinal                                   1 
_reflns.pdbx_CC_half                                   0.988 
_reflns.pdbx_CC_star                                   ? 
_reflns.pdbx_R_split                                   ? 
_reflns.pdbx_aniso_diffraction_limit_axis_1_ortho[1]   ? 
_reflns.pdbx_aniso_diffraction_limit_axis_1_ortho[2]   ? 
_reflns.pdbx_aniso_diffraction_limit_axis_1_ortho[3]   ? 
_reflns.pdbx_aniso_diffraction_limit_axis_2_ortho[1]   ? 
_reflns.pdbx_aniso_diffraction_limit_axis_2_ortho[2]   ? 
_reflns.pdbx_aniso_diffraction_limit_axis_2_ortho[3]   ? 
_reflns.pdbx_aniso_diffraction_limit_axis_3_ortho[1]   ? 
_reflns.pdbx_aniso_diffraction_limit_axis_3_ortho[2]   ? 
_reflns.pdbx_aniso_diffraction_limit_axis_3_ortho[3]   ? 
_reflns.pdbx_aniso_diffraction_limit_1                 ? 
_reflns.pdbx_aniso_diffraction_limit_2                 ? 
_reflns.pdbx_aniso_diffraction_limit_3                 ? 
_reflns.pdbx_aniso_B_tensor_eigenvector_1_ortho[1]     ? 
_reflns.pdbx_aniso_B_tensor_eigenvector_1_ortho[2]     ? 
_reflns.pdbx_aniso_B_tensor_eigenvector_1_ortho[3]     ? 
_reflns.pdbx_aniso_B_tensor_eigenvector_2_ortho[1]     ? 
_reflns.pdbx_aniso_B_tensor_eigenvector_2_ortho[2]     ? 
_reflns.pdbx_aniso_B_tensor_eigenvector_2_ortho[3]     ? 
_reflns.pdbx_aniso_B_tensor_eigenvector_3_ortho[1]     ? 
_reflns.pdbx_aniso_B_tensor_eigenvector_3_ortho[2]     ? 
_reflns.pdbx_aniso_B_tensor_eigenvector_3_ortho[3]     ? 
_reflns.pdbx_aniso_B_tensor_eigenvalue_1               ? 
_reflns.pdbx_aniso_B_tensor_eigenvalue_2               ? 
_reflns.pdbx_aniso_B_tensor_eigenvalue_3               ? 
_reflns.pdbx_orthogonalization_convention              ? 
_reflns.pdbx_percent_possible_ellipsoidal              ? 
_reflns.pdbx_percent_possible_spherical                ? 
_reflns.pdbx_percent_possible_ellipsoidal_anomalous    ? 
_reflns.pdbx_percent_possible_spherical_anomalous      ? 
_reflns.pdbx_redundancy_anomalous                      ? 
_reflns.pdbx_CC_half_anomalous                         ? 
_reflns.pdbx_absDiff_over_sigma_anomalous              ? 
_reflns.pdbx_percent_possible_anomalous                ? 
_reflns.pdbx_observed_signal_threshold                 ? 
_reflns.pdbx_signal_type                               ? 
_reflns.pdbx_signal_details                            ? 
_reflns.pdbx_signal_software_id                        ? 
_reflns.pdbx_CC_split_method                           ? 
# 
_reflns_shell.d_res_high                                    1.35 
_reflns_shell.d_res_low                                     1.398 
_reflns_shell.meanI_over_sigI_all                           ? 
_reflns_shell.meanI_over_sigI_obs                           0.77 
_reflns_shell.number_measured_all                           ? 
_reflns_shell.number_measured_obs                           ? 
_reflns_shell.number_possible                               ? 
_reflns_shell.number_unique_all                             ? 
_reflns_shell.number_unique_obs                             1089 
_reflns_shell.percent_possible_all                          99.91 
_reflns_shell.percent_possible_obs                          ? 
_reflns_shell.Rmerge_F_all                                  ? 
_reflns_shell.Rmerge_F_obs                                  ? 
_reflns_shell.Rmerge_I_all                                  ? 
_reflns_shell.Rmerge_I_obs                                  1.009 
_reflns_shell.meanI_over_sigI_gt                            ? 
_reflns_shell.meanI_over_uI_all                             ? 
_reflns_shell.meanI_over_uI_gt                              ? 
_reflns_shell.number_measured_gt                            ? 
_reflns_shell.number_unique_gt                              ? 
_reflns_shell.percent_possible_gt                           ? 
_reflns_shell.Rmerge_F_gt                                   ? 
_reflns_shell.Rmerge_I_gt                                   ? 
_reflns_shell.pdbx_redundancy                               4.5 
_reflns_shell.pdbx_Rsym_value                               ? 
_reflns_shell.pdbx_chi_squared                              ? 
_reflns_shell.pdbx_netI_over_sigmaI_all                     ? 
_reflns_shell.pdbx_netI_over_sigmaI_obs                     ? 
_reflns_shell.pdbx_Rrim_I_all                               1.145 
_reflns_shell.pdbx_Rpim_I_all                               0.5337 
_reflns_shell.pdbx_rejects                                  ? 
_reflns_shell.pdbx_ordinal                                  1 
_reflns_shell.pdbx_diffrn_id                                1 
_reflns_shell.pdbx_CC_half                                  0.529 
_reflns_shell.pdbx_CC_star                                  ? 
_reflns_shell.pdbx_R_split                                  ? 
_reflns_shell.pdbx_percent_possible_ellipsoidal             ? 
_reflns_shell.pdbx_percent_possible_spherical               ? 
_reflns_shell.pdbx_percent_possible_ellipsoidal_anomalous   ? 
_reflns_shell.pdbx_percent_possible_spherical_anomalous     ? 
_reflns_shell.pdbx_redundancy_anomalous                     ? 
_reflns_shell.pdbx_CC_half_anomalous                        ? 
_reflns_shell.pdbx_absDiff_over_sigma_anomalous             ? 
_reflns_shell.pdbx_percent_possible_anomalous               ? 
# 
_refine.aniso_B[1][1]                            -0.4900 
_refine.aniso_B[1][2]                            -0.2400 
_refine.aniso_B[1][3]                            0.0000 
_refine.aniso_B[2][2]                            -0.4900 
_refine.aniso_B[2][3]                            0.0000 
_refine.aniso_B[3][3]                            1.5700 
_refine.B_iso_max                                63.490 
_refine.B_iso_mean                               25.9720 
_refine.B_iso_min                                15.310 
_refine.correlation_coeff_Fo_to_Fc               0.9620 
_refine.correlation_coeff_Fo_to_Fc_free          0.9680 
_refine.details                                  'HYDROGENS HAVE BEEN ADDED IN THE RIDING POSITIONS U VALUES      : WITH TLS ADDED' 
_refine.diff_density_max                         ? 
_refine.diff_density_max_esd                     ? 
_refine.diff_density_min                         ? 
_refine.diff_density_min_esd                     ? 
_refine.diff_density_rms                         ? 
_refine.diff_density_rms_esd                     ? 
_refine.entry_id                                 8A09 
_refine.pdbx_refine_id                           'X-RAY DIFFRACTION' 
_refine.ls_abs_structure_details                 ? 
_refine.ls_abs_structure_Flack                   ? 
_refine.ls_abs_structure_Flack_esd               ? 
_refine.ls_abs_structure_Rogers                  ? 
_refine.ls_abs_structure_Rogers_esd              ? 
_refine.ls_d_res_high                            1.3500 
_refine.ls_d_res_low                             32.8500 
_refine.ls_extinction_coef                       ? 
_refine.ls_extinction_coef_esd                   ? 
_refine.ls_extinction_expression                 ? 
_refine.ls_extinction_method                     ? 
_refine.ls_goodness_of_fit_all                   ? 
_refine.ls_goodness_of_fit_all_esd               ? 
_refine.ls_goodness_of_fit_obs                   ? 
_refine.ls_goodness_of_fit_obs_esd               ? 
_refine.ls_hydrogen_treatment                    ? 
_refine.ls_matrix_type                           ? 
_refine.ls_number_constraints                    ? 
_refine.ls_number_parameters                     ? 
_refine.ls_number_reflns_all                     ? 
_refine.ls_number_reflns_obs                     10446 
_refine.ls_number_reflns_R_free                  565 
_refine.ls_number_reflns_R_work                  ? 
_refine.ls_number_restraints                     ? 
_refine.ls_percent_reflns_obs                    99.7500 
_refine.ls_percent_reflns_R_free                 5.1000 
_refine.ls_R_factor_all                          ? 
_refine.ls_R_factor_obs                          0.1753 
_refine.ls_R_factor_R_free                       0.1937 
_refine.ls_R_factor_R_free_error                 ? 
_refine.ls_R_factor_R_free_error_details         ? 
_refine.ls_R_factor_R_work                       0.1743 
_refine.ls_R_Fsqd_factor_obs                     ? 
_refine.ls_R_I_factor_obs                        ? 
_refine.ls_redundancy_reflns_all                 ? 
_refine.ls_redundancy_reflns_obs                 ? 
_refine.ls_restrained_S_all                      ? 
_refine.ls_restrained_S_obs                      ? 
_refine.ls_shift_over_esd_max                    ? 
_refine.ls_shift_over_esd_mean                   ? 
_refine.ls_structure_factor_coef                 ? 
_refine.ls_weighting_details                     ? 
_refine.ls_weighting_scheme                      ? 
_refine.ls_wR_factor_all                         ? 
_refine.ls_wR_factor_obs                         ? 
_refine.ls_wR_factor_R_free                      ? 
_refine.ls_wR_factor_R_work                      ? 
_refine.occupancy_max                            ? 
_refine.occupancy_min                            ? 
_refine.solvent_model_details                    MASK 
_refine.solvent_model_param_bsol                 ? 
_refine.solvent_model_param_ksol                 ? 
_refine.pdbx_R_complete                          ? 
_refine.ls_R_factor_gt                           ? 
_refine.ls_goodness_of_fit_gt                    ? 
_refine.ls_goodness_of_fit_ref                   ? 
_refine.ls_shift_over_su_max                     ? 
_refine.ls_shift_over_su_max_lt                  ? 
_refine.ls_shift_over_su_mean                    ? 
_refine.ls_shift_over_su_mean_lt                 ? 
_refine.pdbx_ls_sigma_I                          ? 
_refine.pdbx_ls_sigma_F                          0.000 
_refine.pdbx_ls_sigma_Fsqd                       ? 
_refine.pdbx_data_cutoff_high_absF               ? 
_refine.pdbx_data_cutoff_high_rms_absF           ? 
_refine.pdbx_data_cutoff_low_absF                ? 
_refine.pdbx_isotropic_thermal_model             ? 
_refine.pdbx_ls_cross_valid_method               THROUGHOUT 
_refine.pdbx_method_to_determine_struct          'AB INITIO PHASING' 
_refine.pdbx_starting_model                      ? 
_refine.pdbx_stereochemistry_target_values       'MAXIMUM LIKELIHOOD' 
_refine.pdbx_R_Free_selection_details            RANDOM 
_refine.pdbx_stereochem_target_val_spec_case     ? 
_refine.pdbx_overall_ESU_R                       0.0700 
_refine.pdbx_overall_ESU_R_Free                  0.0580 
_refine.pdbx_solvent_vdw_probe_radii             1.3000 
_refine.pdbx_solvent_ion_probe_radii             0.7000 
_refine.pdbx_solvent_shrinkage_radii             0.7000 
_refine.pdbx_real_space_R                        ? 
_refine.pdbx_density_correlation                 ? 
_refine.pdbx_pd_number_of_powder_patterns        ? 
_refine.pdbx_pd_number_of_points                 ? 
_refine.pdbx_pd_meas_number_of_points            ? 
_refine.pdbx_pd_proc_ls_prof_R_factor            ? 
_refine.pdbx_pd_proc_ls_prof_wR_factor           ? 
_refine.pdbx_pd_Marquardt_correlation_coeff      ? 
_refine.pdbx_pd_Fsqrd_R_factor                   ? 
_refine.pdbx_pd_ls_matrix_band_width             ? 
_refine.pdbx_overall_phase_error                 ? 
_refine.pdbx_overall_SU_R_free_Cruickshank_DPI   ? 
_refine.pdbx_overall_SU_R_free_Blow_DPI          ? 
_refine.pdbx_overall_SU_R_Blow_DPI               ? 
_refine.pdbx_TLS_residual_ADP_flag               ? 
_refine.pdbx_diffrn_id                           1 
_refine.overall_SU_B                             2.9920 
_refine.overall_SU_ML                            0.0530 
_refine.overall_SU_R_Cruickshank_DPI             0.0695 
_refine.overall_SU_R_free                        ? 
_refine.overall_FOM_free_R_set                   ? 
_refine.overall_FOM_work_R_set                   ? 
_refine.pdbx_average_fsc_overall                 ? 
_refine.pdbx_average_fsc_work                    ? 
_refine.pdbx_average_fsc_free                    ? 
# 
_refine_hist.pdbx_refine_id                   'X-RAY DIFFRACTION' 
_refine_hist.cycle_id                         final 
_refine_hist.details                          ? 
_refine_hist.d_res_high                       1.3500 
_refine_hist.d_res_low                        32.8500 
_refine_hist.number_atoms_solvent             20 
_refine_hist.number_atoms_total               501 
_refine_hist.number_reflns_all                ? 
_refine_hist.number_reflns_obs                ? 
_refine_hist.number_reflns_R_free             ? 
_refine_hist.number_reflns_R_work             ? 
_refine_hist.R_factor_all                     ? 
_refine_hist.R_factor_obs                     ? 
_refine_hist.R_factor_R_free                  ? 
_refine_hist.R_factor_R_work                  ? 
_refine_hist.pdbx_number_residues_total       60 
_refine_hist.pdbx_B_iso_mean_ligand           28.83 
_refine_hist.pdbx_B_iso_mean_solvent          35.42 
_refine_hist.pdbx_number_atoms_protein        463 
_refine_hist.pdbx_number_atoms_nucleic_acid   0 
_refine_hist.pdbx_number_atoms_ligand         18 
_refine_hist.pdbx_number_atoms_lipid          ? 
_refine_hist.pdbx_number_atoms_carb           ? 
_refine_hist.pdbx_pseudo_atom_details         ? 
# 
loop_
_refine_ls_restr.pdbx_refine_id 
_refine_ls_restr.criterion 
_refine_ls_restr.dev_ideal 
_refine_ls_restr.dev_ideal_target 
_refine_ls_restr.number 
_refine_ls_restr.rejects 
_refine_ls_restr.type 
_refine_ls_restr.weight 
_refine_ls_restr.pdbx_restraint_function 
'X-RAY DIFFRACTION' ? 0.007  0.012  480  ? r_bond_refined_d       ? ? 
'X-RAY DIFFRACTION' ? 0.001  0.016  494  ? r_bond_other_d         ? ? 
'X-RAY DIFFRACTION' ? 1.177  1.614  636  ? r_angle_refined_deg    ? ? 
'X-RAY DIFFRACTION' ? 0.402  1.563  1150 ? r_angle_other_deg      ? ? 
'X-RAY DIFFRACTION' ? 3.209  5.000  56   ? r_dihedral_angle_1_deg ? ? 
'X-RAY DIFFRACTION' ? 14.274 10.000 98   ? r_dihedral_angle_3_deg ? ? 
'X-RAY DIFFRACTION' ? 0.069  0.200  75   ? r_chiral_restr         ? ? 
'X-RAY DIFFRACTION' ? 0.006  0.020  492  ? r_gen_planes_refined   ? ? 
'X-RAY DIFFRACTION' ? 0.001  0.020  68   ? r_gen_planes_other     ? ? 
'X-RAY DIFFRACTION' ? 3.187  3.000  974  ? r_rigid_bond_restr     ? ? 
# 
_refine_ls_shell.pdbx_refine_id                   'X-RAY DIFFRACTION' 
_refine_ls_shell.d_res_high                       1.35 
_refine_ls_shell.d_res_low                        1.3830 
_refine_ls_shell.number_reflns_all                ? 
_refine_ls_shell.number_reflns_obs                ? 
_refine_ls_shell.number_reflns_R_free             38 
_refine_ls_shell.number_reflns_R_work             779 
_refine_ls_shell.percent_reflns_obs               98.9100 
_refine_ls_shell.percent_reflns_R_free            ? 
_refine_ls_shell.R_factor_all                     ? 
_refine_ls_shell.R_factor_obs                     ? 
_refine_ls_shell.R_factor_R_free                  0.3420 
_refine_ls_shell.R_factor_R_free_error            0.0000 
_refine_ls_shell.R_factor_R_work                  0.3170 
_refine_ls_shell.redundancy_reflns_all            ? 
_refine_ls_shell.redundancy_reflns_obs            ? 
_refine_ls_shell.wR_factor_all                    ? 
_refine_ls_shell.wR_factor_obs                    ? 
_refine_ls_shell.wR_factor_R_free                 ? 
_refine_ls_shell.wR_factor_R_work                 ? 
_refine_ls_shell.pdbx_R_complete                  ? 
_refine_ls_shell.pdbx_total_number_of_bins_used   ? 
_refine_ls_shell.pdbx_phase_error                 ? 
_refine_ls_shell.pdbx_fsc_work                    ? 
_refine_ls_shell.pdbx_fsc_free                    ? 
# 
_struct.entry_id                     8A09 
_struct.title                        'A hexameric barrel state of a de novo coiled-coil assembly: CC-Type2-(QgLaId)4' 
_struct.pdbx_model_details           ? 
_struct.pdbx_formula_weight          ? 
_struct.pdbx_formula_weight_method   ? 
_struct.pdbx_model_type_details      ? 
_struct.pdbx_CASP_flag               N 
# 
_struct_keywords.entry_id        8A09 
_struct_keywords.text            'DE NOVO PROTEIN' 
_struct_keywords.pdbx_keywords   'DE NOVO PROTEIN' 
# 
loop_
_struct_asym.id 
_struct_asym.pdbx_blank_PDB_chainid_flag 
_struct_asym.pdbx_modified 
_struct_asym.entity_id 
_struct_asym.details 
A N N 1 ? 
B N N 1 ? 
C N N 2 ? 
D N N 2 ? 
E N N 2 ? 
F N N 3 ? 
G N N 3 ? 
# 
_struct_ref.id                         1 
_struct_ref.db_name                    PDB 
_struct_ref.db_code                    8A09 
_struct_ref.pdbx_db_accession          8A09 
_struct_ref.pdbx_db_isoform            ? 
_struct_ref.entity_id                  1 
_struct_ref.pdbx_seq_one_letter_code   ? 
_struct_ref.pdbx_align_begin           1 
# 
loop_
_struct_ref_seq.align_id 
_struct_ref_seq.ref_id 
_struct_ref_seq.pdbx_PDB_id_code 
_struct_ref_seq.pdbx_strand_id 
_struct_ref_seq.seq_align_beg 
_struct_ref_seq.pdbx_seq_align_beg_ins_code 
_struct_ref_seq.seq_align_end 
_struct_ref_seq.pdbx_seq_align_end_ins_code 
_struct_ref_seq.pdbx_db_accession 
_struct_ref_seq.db_align_beg 
_struct_ref_seq.pdbx_db_align_beg_ins_code 
_struct_ref_seq.db_align_end 
_struct_ref_seq.pdbx_db_align_end_ins_code 
_struct_ref_seq.pdbx_auth_seq_align_beg 
_struct_ref_seq.pdbx_auth_seq_align_end 
1 1 8A09 A 1 ? 32 ? 8A09 0 ? 31 ? 0 31 
2 1 8A09 B 1 ? 32 ? 8A09 0 ? 31 ? 0 31 
# 
_pdbx_struct_assembly.id                   1 
_pdbx_struct_assembly.details              author_and_software_defined_assembly 
_pdbx_struct_assembly.method_details       PISA 
_pdbx_struct_assembly.oligomeric_details   hexameric 
_pdbx_struct_assembly.oligomeric_count     6 
# 
loop_
_pdbx_struct_assembly_prop.biol_id 
_pdbx_struct_assembly_prop.type 
_pdbx_struct_assembly_prop.value 
_pdbx_struct_assembly_prop.details 
1 'ABSA (A^2)' 11130 ? 
1 MORE         -106  ? 
1 'SSA (A^2)'  8730  ? 
# 
_pdbx_struct_assembly_gen.assembly_id       1 
_pdbx_struct_assembly_gen.oper_expression   1,2,3 
_pdbx_struct_assembly_gen.asym_id_list      A,B,C,D,E,F,G 
# 
_pdbx_struct_assembly_auth_evidence.id                     1 
_pdbx_struct_assembly_auth_evidence.assembly_id            1 
_pdbx_struct_assembly_auth_evidence.experimental_support   'equilibrium centrifugation' 
_pdbx_struct_assembly_auth_evidence.details                ? 
# 
loop_
_pdbx_struct_oper_list.id 
_pdbx_struct_oper_list.type 
_pdbx_struct_oper_list.name 
_pdbx_struct_oper_list.symmetry_operation 
_pdbx_struct_oper_list.matrix[1][1] 
_pdbx_struct_oper_list.matrix[1][2] 
_pdbx_struct_oper_list.matrix[1][3] 
_pdbx_struct_oper_list.vector[1] 
_pdbx_struct_oper_list.matrix[2][1] 
_pdbx_struct_oper_list.matrix[2][2] 
_pdbx_struct_oper_list.matrix[2][3] 
_pdbx_struct_oper_list.vector[2] 
_pdbx_struct_oper_list.matrix[3][1] 
_pdbx_struct_oper_list.matrix[3][2] 
_pdbx_struct_oper_list.matrix[3][3] 
_pdbx_struct_oper_list.vector[3] 
1 'identity operation'         1_555 x,y,z     1.0000000000  0.0000000000  0.0000000000  0.0000000000   0.0000000000  1.0000000000  0.0000000000  0.0000000000  0.0000000000  0.0000000000  1.0000000000 0.0000000000 
2 'crystal symmetry operation' 2_555 -y,x-y,z  -0.4561141806 0.8655432308  0.2068689678  -11.6529243084 -0.6131782678 -0.1371944546 -0.7779396465 5.7942763303  -0.6449591198 -0.4816768597 0.5933086352 1.0031635420 
3 'crystal symmetry operation' 3_555 -x+y,-x,z -0.4561141806 -0.6131782678 -0.6449591198 -1.1151402241  0.8655432308  -0.1371944546 -0.4816768597 11.3642529999 0.2068689678  -0.7779396465 0.5933086352 6.3230401119 
# 
loop_
_struct_conf.conf_type_id 
_struct_conf.id 
_struct_conf.pdbx_PDB_helix_id 
_struct_conf.beg_label_comp_id 
_struct_conf.beg_label_asym_id 
_struct_conf.beg_label_seq_id 
_struct_conf.pdbx_beg_PDB_ins_code 
_struct_conf.end_label_comp_id 
_struct_conf.end_label_asym_id 
_struct_conf.end_label_seq_id 
_struct_conf.pdbx_end_PDB_ins_code 
_struct_conf.beg_auth_comp_id 
_struct_conf.beg_auth_asym_id 
_struct_conf.beg_auth_seq_id 
_struct_conf.end_auth_comp_id 
_struct_conf.end_auth_asym_id 
_struct_conf.end_auth_seq_id 
_struct_conf.pdbx_PDB_helix_class 
_struct_conf.details 
_struct_conf.pdbx_PDB_helix_length 
HELX_P HELX_P1 AA1 GLY A 2 ? LYS A 30 ? GLY A 1 LYS A 29 1 ? 29 
HELX_P HELX_P2 AA2 GLU B 3 ? LYS B 30 ? GLU B 2 LYS B 29 1 ? 28 
# 
_struct_conf_type.id          HELX_P 
_struct_conf_type.criteria    ? 
_struct_conf_type.reference   ? 
# 
_pdbx_entry_details.entry_id                   8A09 
_pdbx_entry_details.has_ligand_of_interest     N 
_pdbx_entry_details.compound_details           ? 
_pdbx_entry_details.source_details             ? 
_pdbx_entry_details.nonpolymer_details         ? 
_pdbx_entry_details.sequence_details           ? 
_pdbx_entry_details.has_protein_modification   N 
# 
loop_
_pdbx_struct_special_symmetry.id 
_pdbx_struct_special_symmetry.PDB_model_num 
_pdbx_struct_special_symmetry.auth_asym_id 
_pdbx_struct_special_symmetry.auth_comp_id 
_pdbx_struct_special_symmetry.auth_seq_id 
_pdbx_struct_special_symmetry.PDB_ins_code 
_pdbx_struct_special_symmetry.label_asym_id 
_pdbx_struct_special_symmetry.label_comp_id 
_pdbx_struct_special_symmetry.label_seq_id 
1 1 A GOL 101 ? C GOL . 
2 1 A GOL 101 ? C GOL . 
3 1 A GOL 102 ? D GOL . 
4 1 A HOH 201 ? F HOH . 
5 1 A HOH 210 ? F HOH . 
# 
loop_
_pdbx_refine_tls.id 
_pdbx_refine_tls.pdbx_refine_id 
_pdbx_refine_tls.details 
_pdbx_refine_tls.method 
_pdbx_refine_tls.origin_x 
_pdbx_refine_tls.origin_y 
_pdbx_refine_tls.origin_z 
_pdbx_refine_tls.T[1][1] 
_pdbx_refine_tls.T[1][1]_esd 
_pdbx_refine_tls.T[1][2] 
_pdbx_refine_tls.T[1][2]_esd 
_pdbx_refine_tls.T[1][3] 
_pdbx_refine_tls.T[1][3]_esd 
_pdbx_refine_tls.T[2][2] 
_pdbx_refine_tls.T[2][2]_esd 
_pdbx_refine_tls.T[2][3] 
_pdbx_refine_tls.T[2][3]_esd 
_pdbx_refine_tls.T[3][3] 
_pdbx_refine_tls.T[3][3]_esd 
_pdbx_refine_tls.L[1][1] 
_pdbx_refine_tls.L[1][1]_esd 
_pdbx_refine_tls.L[1][2] 
_pdbx_refine_tls.L[1][2]_esd 
_pdbx_refine_tls.L[1][3] 
_pdbx_refine_tls.L[1][3]_esd 
_pdbx_refine_tls.L[2][2] 
_pdbx_refine_tls.L[2][2]_esd 
_pdbx_refine_tls.L[2][3] 
_pdbx_refine_tls.L[2][3]_esd 
_pdbx_refine_tls.L[3][3] 
_pdbx_refine_tls.L[3][3]_esd 
_pdbx_refine_tls.S[1][1] 
_pdbx_refine_tls.S[1][1]_esd 
_pdbx_refine_tls.S[1][2] 
_pdbx_refine_tls.S[1][2]_esd 
_pdbx_refine_tls.S[1][3] 
_pdbx_refine_tls.S[1][3]_esd 
_pdbx_refine_tls.S[2][1] 
_pdbx_refine_tls.S[2][1]_esd 
_pdbx_refine_tls.S[2][2] 
_pdbx_refine_tls.S[2][2]_esd 
_pdbx_refine_tls.S[2][3] 
_pdbx_refine_tls.S[2][3]_esd 
_pdbx_refine_tls.S[3][1] 
_pdbx_refine_tls.S[3][1]_esd 
_pdbx_refine_tls.S[3][2] 
_pdbx_refine_tls.S[3][2]_esd 
_pdbx_refine_tls.S[3][3] 
_pdbx_refine_tls.S[3][3]_esd 
1 'X-RAY DIFFRACTION' ? refined -3.5021 -2.1862 -1.5275 0.0408 ? 0.0224 ? -0.0221 ? 0.0333 ? -0.0328 ? 0.0481 ? 5.7435 ? 1.9538 ? -2.9263 ? 6.7845 ? -4.4066 ? 7.5675 ? -0.0740 ? 0.2673 ? -0.3286 ? -0.2641 ? 0.0350  ? 0.1072  ? 0.4238 ? 0.0910 ? 0.0389 ? 
2 'X-RAY DIFFRACTION' ? refined 3.6843  1.6194  2.1159  0.0122 ? 0.0201 ? -0.0026 ? 0.0604 ? -0.0351 ? 0.0441 ? 3.1745 ? 2.0084 ? -2.3968 ? 8.2932 ? -5.0580 ? 8.2632 ? 0.0412  ? 0.0431 ? -0.0619 ? -0.1433 ? -0.0844 ? -0.3646 ? 0.2364 ? 0.3511 ? 0.0431 ? 
# 
loop_
_pdbx_refine_tls_group.id 
_pdbx_refine_tls_group.pdbx_refine_id 
_pdbx_refine_tls_group.refine_tls_id 
_pdbx_refine_tls_group.beg_label_asym_id 
_pdbx_refine_tls_group.beg_label_seq_id 
_pdbx_refine_tls_group.beg_auth_asym_id 
_pdbx_refine_tls_group.beg_auth_seq_id 
_pdbx_refine_tls_group.beg_PDB_ins_code 
_pdbx_refine_tls_group.end_label_asym_id 
_pdbx_refine_tls_group.end_label_seq_id 
_pdbx_refine_tls_group.end_auth_asym_id 
_pdbx_refine_tls_group.end_auth_seq_id 
_pdbx_refine_tls_group.end_PDB_ins_code 
_pdbx_refine_tls_group.selection 
_pdbx_refine_tls_group.selection_details 
1 'X-RAY DIFFRACTION' 1 ? ? A 1 ? ? ? A 30 ? ? ? 
2 'X-RAY DIFFRACTION' 2 ? ? B 1 ? ? ? B 30 ? ? ? 
# 
_pdbx_distant_solvent_atoms.id                                1 
_pdbx_distant_solvent_atoms.PDB_model_num                     1 
_pdbx_distant_solvent_atoms.auth_atom_id                      O 
_pdbx_distant_solvent_atoms.label_alt_id                      ? 
_pdbx_distant_solvent_atoms.auth_asym_id                      A 
_pdbx_distant_solvent_atoms.auth_comp_id                      HOH 
_pdbx_distant_solvent_atoms.auth_seq_id                       210 
_pdbx_distant_solvent_atoms.PDB_ins_code                      ? 
_pdbx_distant_solvent_atoms.neighbor_macromolecule_distance   . 
_pdbx_distant_solvent_atoms.neighbor_ligand_distance          7.60 
# 
loop_
_pdbx_unobs_or_zero_occ_residues.id 
_pdbx_unobs_or_zero_occ_residues.PDB_model_num 
_pdbx_unobs_or_zero_occ_residues.polymer_flag 
_pdbx_unobs_or_zero_occ_residues.occupancy_flag 
_pdbx_unobs_or_zero_occ_residues.auth_asym_id 
_pdbx_unobs_or_zero_occ_residues.auth_comp_id 
_pdbx_unobs_or_zero_occ_residues.auth_seq_id 
_pdbx_unobs_or_zero_occ_residues.PDB_ins_code 
_pdbx_unobs_or_zero_occ_residues.label_asym_id 
_pdbx_unobs_or_zero_occ_residues.label_comp_id 
_pdbx_unobs_or_zero_occ_residues.label_seq_id 
1 1 Y 1 A ACE 0  ? A ACE 1  
2 1 Y 1 A NH2 31 ? A NH2 32 
3 1 Y 1 B ACE 0  ? B ACE 1  
4 1 Y 1 B NH2 31 ? B NH2 32 
# 
loop_
_chem_comp_atom.comp_id 
_chem_comp_atom.atom_id 
_chem_comp_atom.type_symbol 
_chem_comp_atom.pdbx_aromatic_flag 
_chem_comp_atom.pdbx_stereo_config 
_chem_comp_atom.pdbx_ordinal 
ACE C    C N N 1   
ACE O    O N N 2   
ACE CH3  C N N 3   
ACE H    H N N 4   
ACE H1   H N N 5   
ACE H2   H N N 6   
ACE H3   H N N 7   
ALA N    N N N 8   
ALA CA   C N S 9   
ALA C    C N N 10  
ALA O    O N N 11  
ALA CB   C N N 12  
ALA OXT  O N N 13  
ALA H    H N N 14  
ALA H2   H N N 15  
ALA HA   H N N 16  
ALA HB1  H N N 17  
ALA HB2  H N N 18  
ALA HB3  H N N 19  
ALA HXT  H N N 20  
GLN N    N N N 21  
GLN CA   C N S 22  
GLN C    C N N 23  
GLN O    O N N 24  
GLN CB   C N N 25  
GLN CG   C N N 26  
GLN CD   C N N 27  
GLN OE1  O N N 28  
GLN NE2  N N N 29  
GLN OXT  O N N 30  
GLN H    H N N 31  
GLN H2   H N N 32  
GLN HA   H N N 33  
GLN HB2  H N N 34  
GLN HB3  H N N 35  
GLN HG2  H N N 36  
GLN HG3  H N N 37  
GLN HE21 H N N 38  
GLN HE22 H N N 39  
GLN HXT  H N N 40  
GLU N    N N N 41  
GLU CA   C N S 42  
GLU C    C N N 43  
GLU O    O N N 44  
GLU CB   C N N 45  
GLU CG   C N N 46  
GLU CD   C N N 47  
GLU OE1  O N N 48  
GLU OE2  O N N 49  
GLU OXT  O N N 50  
GLU H    H N N 51  
GLU H2   H N N 52  
GLU HA   H N N 53  
GLU HB2  H N N 54  
GLU HB3  H N N 55  
GLU HG2  H N N 56  
GLU HG3  H N N 57  
GLU HE2  H N N 58  
GLU HXT  H N N 59  
GLY N    N N N 60  
GLY CA   C N N 61  
GLY C    C N N 62  
GLY O    O N N 63  
GLY OXT  O N N 64  
GLY H    H N N 65  
GLY H2   H N N 66  
GLY HA2  H N N 67  
GLY HA3  H N N 68  
GLY HXT  H N N 69  
GOL C1   C N N 70  
GOL O1   O N N 71  
GOL C2   C N N 72  
GOL O2   O N N 73  
GOL C3   C N N 74  
GOL O3   O N N 75  
GOL H11  H N N 76  
GOL H12  H N N 77  
GOL HO1  H N N 78  
GOL H2   H N N 79  
GOL HO2  H N N 80  
GOL H31  H N N 81  
GOL H32  H N N 82  
GOL HO3  H N N 83  
HOH O    O N N 84  
HOH H1   H N N 85  
HOH H2   H N N 86  
ILE N    N N N 87  
ILE CA   C N S 88  
ILE C    C N N 89  
ILE O    O N N 90  
ILE CB   C N S 91  
ILE CG1  C N N 92  
ILE CG2  C N N 93  
ILE CD1  C N N 94  
ILE OXT  O N N 95  
ILE H    H N N 96  
ILE H2   H N N 97  
ILE HA   H N N 98  
ILE HB   H N N 99  
ILE HG12 H N N 100 
ILE HG13 H N N 101 
ILE HG21 H N N 102 
ILE HG22 H N N 103 
ILE HG23 H N N 104 
ILE HD11 H N N 105 
ILE HD12 H N N 106 
ILE HD13 H N N 107 
ILE HXT  H N N 108 
LEU N    N N N 109 
LEU CA   C N S 110 
LEU C    C N N 111 
LEU O    O N N 112 
LEU CB   C N N 113 
LEU CG   C N N 114 
LEU CD1  C N N 115 
LEU CD2  C N N 116 
LEU OXT  O N N 117 
LEU H    H N N 118 
LEU H2   H N N 119 
LEU HA   H N N 120 
LEU HB2  H N N 121 
LEU HB3  H N N 122 
LEU HG   H N N 123 
LEU HD11 H N N 124 
LEU HD12 H N N 125 
LEU HD13 H N N 126 
LEU HD21 H N N 127 
LEU HD22 H N N 128 
LEU HD23 H N N 129 
LEU HXT  H N N 130 
LYS N    N N N 131 
LYS CA   C N S 132 
LYS C    C N N 133 
LYS O    O N N 134 
LYS CB   C N N 135 
LYS CG   C N N 136 
LYS CD   C N N 137 
LYS CE   C N N 138 
LYS NZ   N N N 139 
LYS OXT  O N N 140 
LYS H    H N N 141 
LYS H2   H N N 142 
LYS HA   H N N 143 
LYS HB2  H N N 144 
LYS HB3  H N N 145 
LYS HG2  H N N 146 
LYS HG3  H N N 147 
LYS HD2  H N N 148 
LYS HD3  H N N 149 
LYS HE2  H N N 150 
LYS HE3  H N N 151 
LYS HZ1  H N N 152 
LYS HZ2  H N N 153 
LYS HZ3  H N N 154 
LYS HXT  H N N 155 
NH2 N    N N N 156 
NH2 HN1  H N N 157 
NH2 HN2  H N N 158 
TRP N    N N N 159 
TRP CA   C N S 160 
TRP C    C N N 161 
TRP O    O N N 162 
TRP CB   C N N 163 
TRP CG   C Y N 164 
TRP CD1  C Y N 165 
TRP CD2  C Y N 166 
TRP NE1  N Y N 167 
TRP CE2  C Y N 168 
TRP CE3  C Y N 169 
TRP CZ2  C Y N 170 
TRP CZ3  C Y N 171 
TRP CH2  C Y N 172 
TRP OXT  O N N 173 
TRP H    H N N 174 
TRP H2   H N N 175 
TRP HA   H N N 176 
TRP HB2  H N N 177 
TRP HB3  H N N 178 
TRP HD1  H N N 179 
TRP HE1  H N N 180 
TRP HE3  H N N 181 
TRP HZ2  H N N 182 
TRP HZ3  H N N 183 
TRP HH2  H N N 184 
TRP HXT  H N N 185 
# 
loop_
_chem_comp_bond.comp_id 
_chem_comp_bond.atom_id_1 
_chem_comp_bond.atom_id_2 
_chem_comp_bond.value_order 
_chem_comp_bond.pdbx_aromatic_flag 
_chem_comp_bond.pdbx_stereo_config 
_chem_comp_bond.pdbx_ordinal 
ACE C   O    doub N N 1   
ACE C   CH3  sing N N 2   
ACE C   H    sing N N 3   
ACE CH3 H1   sing N N 4   
ACE CH3 H2   sing N N 5   
ACE CH3 H3   sing N N 6   
ALA N   CA   sing N N 7   
ALA N   H    sing N N 8   
ALA N   H2   sing N N 9   
ALA CA  C    sing N N 10  
ALA CA  CB   sing N N 11  
ALA CA  HA   sing N N 12  
ALA C   O    doub N N 13  
ALA C   OXT  sing N N 14  
ALA CB  HB1  sing N N 15  
ALA CB  HB2  sing N N 16  
ALA CB  HB3  sing N N 17  
ALA OXT HXT  sing N N 18  
GLN N   CA   sing N N 19  
GLN N   H    sing N N 20  
GLN N   H2   sing N N 21  
GLN CA  C    sing N N 22  
GLN CA  CB   sing N N 23  
GLN CA  HA   sing N N 24  
GLN C   O    doub N N 25  
GLN C   OXT  sing N N 26  
GLN CB  CG   sing N N 27  
GLN CB  HB2  sing N N 28  
GLN CB  HB3  sing N N 29  
GLN CG  CD   sing N N 30  
GLN CG  HG2  sing N N 31  
GLN CG  HG3  sing N N 32  
GLN CD  OE1  doub N N 33  
GLN CD  NE2  sing N N 34  
GLN NE2 HE21 sing N N 35  
GLN NE2 HE22 sing N N 36  
GLN OXT HXT  sing N N 37  
GLU N   CA   sing N N 38  
GLU N   H    sing N N 39  
GLU N   H2   sing N N 40  
GLU CA  C    sing N N 41  
GLU CA  CB   sing N N 42  
GLU CA  HA   sing N N 43  
GLU C   O    doub N N 44  
GLU C   OXT  sing N N 45  
GLU CB  CG   sing N N 46  
GLU CB  HB2  sing N N 47  
GLU CB  HB3  sing N N 48  
GLU CG  CD   sing N N 49  
GLU CG  HG2  sing N N 50  
GLU CG  HG3  sing N N 51  
GLU CD  OE1  doub N N 52  
GLU CD  OE2  sing N N 53  
GLU OE2 HE2  sing N N 54  
GLU OXT HXT  sing N N 55  
GLY N   CA   sing N N 56  
GLY N   H    sing N N 57  
GLY N   H2   sing N N 58  
GLY CA  C    sing N N 59  
GLY CA  HA2  sing N N 60  
GLY CA  HA3  sing N N 61  
GLY C   O    doub N N 62  
GLY C   OXT  sing N N 63  
GLY OXT HXT  sing N N 64  
GOL C1  O1   sing N N 65  
GOL C1  C2   sing N N 66  
GOL C1  H11  sing N N 67  
GOL C1  H12  sing N N 68  
GOL O1  HO1  sing N N 69  
GOL C2  O2   sing N N 70  
GOL C2  C3   sing N N 71  
GOL C2  H2   sing N N 72  
GOL O2  HO2  sing N N 73  
GOL C3  O3   sing N N 74  
GOL C3  H31  sing N N 75  
GOL C3  H32  sing N N 76  
GOL O3  HO3  sing N N 77  
HOH O   H1   sing N N 78  
HOH O   H2   sing N N 79  
ILE N   CA   sing N N 80  
ILE N   H    sing N N 81  
ILE N   H2   sing N N 82  
ILE CA  C    sing N N 83  
ILE CA  CB   sing N N 84  
ILE CA  HA   sing N N 85  
ILE C   O    doub N N 86  
ILE C   OXT  sing N N 87  
ILE CB  CG1  sing N N 88  
ILE CB  CG2  sing N N 89  
ILE CB  HB   sing N N 90  
ILE CG1 CD1  sing N N 91  
ILE CG1 HG12 sing N N 92  
ILE CG1 HG13 sing N N 93  
ILE CG2 HG21 sing N N 94  
ILE CG2 HG22 sing N N 95  
ILE CG2 HG23 sing N N 96  
ILE CD1 HD11 sing N N 97  
ILE CD1 HD12 sing N N 98  
ILE CD1 HD13 sing N N 99  
ILE OXT HXT  sing N N 100 
LEU N   CA   sing N N 101 
LEU N   H    sing N N 102 
LEU N   H2   sing N N 103 
LEU CA  C    sing N N 104 
LEU CA  CB   sing N N 105 
LEU CA  HA   sing N N 106 
LEU C   O    doub N N 107 
LEU C   OXT  sing N N 108 
LEU CB  CG   sing N N 109 
LEU CB  HB2  sing N N 110 
LEU CB  HB3  sing N N 111 
LEU CG  CD1  sing N N 112 
LEU CG  CD2  sing N N 113 
LEU CG  HG   sing N N 114 
LEU CD1 HD11 sing N N 115 
LEU CD1 HD12 sing N N 116 
LEU CD1 HD13 sing N N 117 
LEU CD2 HD21 sing N N 118 
LEU CD2 HD22 sing N N 119 
LEU CD2 HD23 sing N N 120 
LEU OXT HXT  sing N N 121 
LYS N   CA   sing N N 122 
LYS N   H    sing N N 123 
LYS N   H2   sing N N 124 
LYS CA  C    sing N N 125 
LYS CA  CB   sing N N 126 
LYS CA  HA   sing N N 127 
LYS C   O    doub N N 128 
LYS C   OXT  sing N N 129 
LYS CB  CG   sing N N 130 
LYS CB  HB2  sing N N 131 
LYS CB  HB3  sing N N 132 
LYS CG  CD   sing N N 133 
LYS CG  HG2  sing N N 134 
LYS CG  HG3  sing N N 135 
LYS CD  CE   sing N N 136 
LYS CD  HD2  sing N N 137 
LYS CD  HD3  sing N N 138 
LYS CE  NZ   sing N N 139 
LYS CE  HE2  sing N N 140 
LYS CE  HE3  sing N N 141 
LYS NZ  HZ1  sing N N 142 
LYS NZ  HZ2  sing N N 143 
LYS NZ  HZ3  sing N N 144 
LYS OXT HXT  sing N N 145 
NH2 N   HN1  sing N N 146 
NH2 N   HN2  sing N N 147 
TRP N   CA   sing N N 148 
TRP N   H    sing N N 149 
TRP N   H2   sing N N 150 
TRP CA  C    sing N N 151 
TRP CA  CB   sing N N 152 
TRP CA  HA   sing N N 153 
TRP C   O    doub N N 154 
TRP C   OXT  sing N N 155 
TRP CB  CG   sing N N 156 
TRP CB  HB2  sing N N 157 
TRP CB  HB3  sing N N 158 
TRP CG  CD1  doub Y N 159 
TRP CG  CD2  sing Y N 160 
TRP CD1 NE1  sing Y N 161 
TRP CD1 HD1  sing N N 162 
TRP CD2 CE2  doub Y N 163 
TRP CD2 CE3  sing Y N 164 
TRP NE1 CE2  sing Y N 165 
TRP NE1 HE1  sing N N 166 
TRP CE2 CZ2  sing Y N 167 
TRP CE3 CZ3  doub Y N 168 
TRP CE3 HE3  sing N N 169 
TRP CZ2 CH2  doub Y N 170 
TRP CZ2 HZ2  sing N N 171 
TRP CZ3 CH2  sing Y N 172 
TRP CZ3 HZ3  sing N N 173 
TRP CH2 HH2  sing N N 174 
TRP OXT HXT  sing N N 175 
# 
loop_
_pdbx_audit_support.funding_organization 
_pdbx_audit_support.country 
_pdbx_audit_support.grant_number 
_pdbx_audit_support.ordinal 
'European Research Council (ERC)'                                'European Union' 340764       1 
'European Research Council (ERC)'                                'European Union' 787173       2 
'Biotechnology and Biological Sciences Research Council (BBSRC)' 'United Kingdom' BB/L01386X/1 3 
'Engineering and Physical Sciences Research Council'             'United Kingdom' EP/G036764   4 
'Biotechnology and Biological Sciences Research Council (BBSRC)' 'United Kingdom' BB/M009122/1 5 
# 
_atom_sites.entry_id                    8A09 
_atom_sites.Cartn_transf_matrix[1][1]   ? 
_atom_sites.Cartn_transf_matrix[1][2]   ? 
_atom_sites.Cartn_transf_matrix[1][3]   ? 
_atom_sites.Cartn_transf_matrix[2][1]   ? 
_atom_sites.Cartn_transf_matrix[2][2]   ? 
_atom_sites.Cartn_transf_matrix[2][3]   ? 
_atom_sites.Cartn_transf_matrix[3][1]   ? 
_atom_sites.Cartn_transf_matrix[3][2]   ? 
_atom_sites.Cartn_transf_matrix[3][3]   ? 
_atom_sites.Cartn_transf_vector[1]      ? 
_atom_sites.Cartn_transf_vector[2]      ? 
_atom_sites.Cartn_transf_vector[3]      ? 
_atom_sites.fract_transf_matrix[1][1]   -0.01640229 
_atom_sites.fract_transf_matrix[1][2]   -0.01036650 
_atom_sites.fract_transf_matrix[1][3]   -0.00925791 
_atom_sites.fract_transf_matrix[2][1]   -0.01980857 
_atom_sites.fract_transf_matrix[2][2]   0.00831580 
_atom_sites.fract_transf_matrix[2][3]   0.00082171 
_atom_sites.fract_transf_matrix[3][1]   0.00368693 
_atom_sites.fract_transf_matrix[3][2]   0.01060082 
_atom_sites.fract_transf_matrix[3][3]   -0.01840237 
_atom_sites.fract_transf_vector[1]      0.012091 
_atom_sites.fract_transf_vector[2]      -0.133875 
_atom_sites.fract_transf_vector[3]      -0.082146 
_atom_sites.solution_primary            ? 
_atom_sites.solution_secondary          ? 
_atom_sites.solution_hydrogens          ? 
_atom_sites.special_details             ? 
# 
loop_
_atom_type.symbol 
C 
N 
O 
# 
loop_
_atom_site.group_PDB 
_atom_site.id 
_atom_site.type_symbol 
_atom_site.label_atom_id 
_atom_site.label_alt_id 
_atom_site.label_comp_id 
_atom_site.label_asym_id 
_atom_site.label_entity_id 
_atom_site.label_seq_id 
_atom_site.pdbx_PDB_ins_code 
_atom_site.Cartn_x 
_atom_site.Cartn_y 
_atom_site.Cartn_z 
_atom_site.occupancy 
_atom_site.B_iso_or_equiv 
_atom_site.pdbx_formal_charge 
_atom_site.auth_seq_id 
_atom_site.auth_comp_id 
_atom_site.auth_asym_id 
_atom_site.auth_atom_id 
_atom_site.pdbx_PDB_model_num 
ATOM   1   N N   . GLY A 1 2  ? 3.440   7.609   -19.882 1.00 48.18 ? 1   GLY A N   1 
ATOM   2   C CA  . GLY A 1 2  ? 4.410   6.548   -19.525 1.00 48.26 ? 1   GLY A CA  1 
ATOM   3   C C   . GLY A 1 2  ? 4.766   6.508   -18.036 1.00 42.27 ? 1   GLY A C   1 
ATOM   4   O O   . GLY A 1 2  ? 4.196   5.723   -17.299 1.00 40.25 ? 1   GLY A O   1 
ATOM   5   N N   . GLU A 1 3  ? 5.724   7.345   -17.621 1.00 42.30 ? 2   GLU A N   1 
ATOM   6   C CA  . GLU A 1 3  ? 6.361   7.253   -16.320 1.00 39.22 ? 2   GLU A CA  1 
ATOM   7   C C   . GLU A 1 3  ? 5.351   7.604   -15.227 1.00 35.88 ? 2   GLU A C   1 
ATOM   8   O O   . GLU A 1 3  ? 5.330   6.974   -14.168 1.00 34.82 ? 2   GLU A O   1 
ATOM   9   C CB  . GLU A 1 3  ? 7.577   8.183   -16.267 1.00 41.16 ? 2   GLU A CB  1 
ATOM   10  N N   . ILE A 1 4  ? 4.489   8.596   -15.492 1.00 35.53 ? 3   ILE A N   1 
ATOM   11  C CA  . ILE A 1 4  ? 3.473   8.964   -14.514 1.00 35.00 ? 3   ILE A CA  1 
ATOM   12  C C   . ILE A 1 4  ? 2.483   7.814   -14.386 1.00 32.10 ? 3   ILE A C   1 
ATOM   13  O O   . ILE A 1 4  ? 2.184   7.428   -13.266 1.00 29.84 ? 3   ILE A O   1 
ATOM   14  C CB  . ILE A 1 4  ? 2.822   10.326  -14.839 1.00 36.39 ? 3   ILE A CB  1 
ATOM   15  C CG1 . ILE A 1 4  ? 3.794   11.471  -14.533 1.00 36.07 ? 3   ILE A CG1 1 
ATOM   16  C CG2 . ILE A 1 4  ? 1.500   10.536  -14.114 1.00 34.42 ? 3   ILE A CG2 1 
ATOM   17  C CD1 . ILE A 1 4  ? 3.371   12.816  -15.101 1.00 37.58 ? 3   ILE A CD1 1 
ATOM   18  N N   . ALA A 1 5  ? 2.019   7.254   -15.505 1.00 35.59 ? 4   ALA A N   1 
ATOM   19  C CA  . ALA A 1 5  ? 1.141   6.092   -15.501 1.00 35.96 ? 4   ALA A CA  1 
ATOM   20  C C   . ALA A 1 5  ? 1.748   4.922   -14.731 1.00 33.08 ? 4   ALA A C   1 
ATOM   21  O O   . ALA A 1 5  ? 1.032   4.240   -14.007 1.00 32.94 ? 4   ALA A O   1 
ATOM   22  C CB  . ALA A 1 5  ? 0.823   5.665   -16.906 1.00 38.78 ? 4   ALA A CB  1 
ATOM   23  N N   . GLN A 1 6  ? 3.054   4.669   -14.895 1.00 34.71 ? 5   GLN A N   1 
ATOM   24  C CA  . GLN A 1 6  ? 3.713   3.556   -14.227 1.00 34.65 ? 5   GLN A CA  1 
ATOM   25  C C   . GLN A 1 6  ? 3.723   3.758   -12.715 1.00 30.73 ? 5   GLN A C   1 
ATOM   26  O O   . GLN A 1 6  ? 3.470   2.810   -11.978 1.00 30.48 ? 5   GLN A O   1 
ATOM   27  C CB  . GLN A 1 6  ? 5.154   3.352   -14.692 1.00 38.45 ? 5   GLN A CB  1 
ATOM   28  C CG  . GLN A 1 6  ? 5.859   2.232   -13.930 1.00 44.88 ? 5   GLN A CG  1 
ATOM   29  C CD  . GLN A 1 6  ? 5.067   0.941   -13.854 1.00 49.38 ? 5   GLN A CD  1 
ATOM   30  O OE1 . GLN A 1 6  ? 4.939   0.217   -14.847 1.00 58.88 ? 5   GLN A OE1 1 
ATOM   31  N NE2 . GLN A 1 6  ? 4.535   0.645   -12.667 1.00 47.48 ? 5   GLN A NE2 1 
ATOM   32  N N   . GLN A 1 7  ? 3.975   4.990   -12.256 1.00 29.97 ? 6   GLN A N   1 
ATOM   33  C CA  . GLN A 1 7  ? 3.967   5.257   -10.826 1.00 27.05 ? 6   GLN A CA  1 
ATOM   34  C C   . GLN A 1 7  ? 2.552   5.167   -10.264 1.00 25.23 ? 6   GLN A C   1 
ATOM   35  O O   . GLN A 1 7  ? 2.371   4.633   -9.174  1.00 24.16 ? 6   GLN A O   1 
ATOM   36  C CB  . GLN A 1 7  ? 4.598   6.601   -10.467 1.00 27.08 ? 6   GLN A CB  1 
ATOM   37  C CG  . GLN A 1 7  ? 6.085   6.675   -10.796 1.00 29.66 ? 6   GLN A CG  1 
ATOM   38  C CD  . GLN A 1 7  ? 6.885   5.601   -10.096 1.00 30.26 ? 6   GLN A CD  1 
ATOM   39  O OE1 . GLN A 1 7  ? 6.623   5.283   -8.944  1.00 29.96 ? 6   GLN A OE1 1 
ATOM   40  N NE2 . GLN A 1 7  ? 7.823   4.991   -10.801 1.00 36.13 ? 6   GLN A NE2 1 
ATOM   41  N N   . LEU A 1 8  ? 1.547   5.627   -11.016 1.00 25.47 ? 7   LEU A N   1 
ATOM   42  C CA  . LEU A 1 8  ? 0.171   5.511   -10.571 1.00 24.14 ? 7   LEU A CA  1 
ATOM   43  C C   . LEU A 1 8  ? -0.224  4.035   -10.492 1.00 24.76 ? 7   LEU A C   1 
ATOM   44  O O   . LEU A 1 8  ? -0.950  3.656   -9.577  1.00 23.90 ? 7   LEU A O   1 
ATOM   45  C CB  . LEU A 1 8  ? -0.746  6.319   -11.490 1.00 26.94 ? 7   LEU A CB  1 
ATOM   46  C CG  . LEU A 1 8  ? -0.596  7.842   -11.381 1.00 27.40 ? 7   LEU A CG  1 
ATOM   47  C CD1 . LEU A 1 8  ? -1.480  8.532   -12.397 1.00 29.19 ? 7   LEU A CD1 1 
ATOM   48  C CD2 . LEU A 1 8  ? -0.921  8.318   -9.967  1.00 26.77 ? 7   LEU A CD2 1 
ATOM   49  N N   . LYS A 1 9  ? 0.268   3.210   -11.429 1.00 26.60 ? 8   LYS A N   1 
ATOM   50  C CA  . LYS A 1 9  ? 0.035   1.777   -11.408 1.00 25.80 ? 8   LYS A CA  1 
ATOM   51  C C   . LYS A 1 9  ? 0.602   1.187   -10.116 1.00 25.70 ? 8   LYS A C   1 
ATOM   52  O O   . LYS A 1 9  ? -0.039  0.354   -9.494  1.00 25.51 ? 8   LYS A O   1 
ATOM   53  C CB  . LYS A 1 9  ? 0.640   1.068   -12.620 1.00 29.84 ? 8   LYS A CB  1 
ATOM   54  C CG  . LYS A 1 9  ? 0.240   -0.395  -12.764 1.00 34.42 ? 8   LYS A CG  1 
ATOM   55  C CD  . LYS A 1 9  ? 0.472   -0.982  -14.132 1.00 41.58 ? 8   LYS A CD  1 
ATOM   56  C CE  . LYS A 1 9  ? -0.172  -2.342  -14.297 1.00 47.71 ? 8   LYS A CE  1 
ATOM   57  N NZ  . LYS A 1 9  ? 0.781   -3.448  -14.035 1.00 52.25 ? 8   LYS A NZ  1 
ATOM   58  N N   . GLU A 1 10 ? 1.807   1.606   -9.722  1.00 24.25 ? 9   GLU A N   1 
ATOM   59  C CA  . GLU A 1 10 ? 2.413   1.104   -8.504  1.00 24.73 ? 9   GLU A CA  1 
ATOM   60  C C   . GLU A 1 10 ? 1.628   1.583   -7.279  1.00 20.32 ? 9   GLU A C   1 
ATOM   61  O O   . GLU A 1 10 ? 1.421   0.844   -6.330  1.00 21.76 ? 9   GLU A O   1 
ATOM   62  C CB  . GLU A 1 10 ? 3.867   1.543   -8.406  1.00 24.93 ? 9   GLU A CB  1 
ATOM   63  C CG  . GLU A 1 10 ? 4.594   0.982   -7.204  1.00 26.62 ? 9   GLU A CG  1 
ATOM   64  C CD  . GLU A 1 10 ? 4.837   -0.517  -7.252  1.00 29.00 ? 9   GLU A CD  1 
ATOM   65  O OE1 . GLU A 1 10 ? 5.022   -1.039  -8.370  1.00 34.99 ? 9   GLU A OE1 1 
ATOM   66  O OE2 . GLU A 1 10 ? 4.927   -1.140  -6.176  1.00 33.54 ? 9   GLU A OE2 1 
ATOM   67  N N   . ILE A 1 11 ? 1.178   2.829   -7.285  1.00 20.58 ? 10  ILE A N   1 
ATOM   68  C CA  . ILE A 1 11 ? 0.316   3.353   -6.240  1.00 18.94 ? 10  ILE A CA  1 
ATOM   69  C C   . ILE A 1 11 ? -0.959  2.518   -6.127  1.00 18.01 ? 10  ILE A C   1 
ATOM   70  O O   . ILE A 1 11 ? -1.342  2.113   -5.025  1.00 17.93 ? 10  ILE A O   1 
ATOM   71  C CB  . ILE A 1 11 ? 0.048   4.848   -6.473  1.00 19.93 ? 10  ILE A CB  1 
ATOM   72  C CG1 . ILE A 1 11 ? 1.310   5.662   -6.215  1.00 18.95 ? 10  ILE A CG1 1 
ATOM   73  C CG2 . ILE A 1 11 ? -1.121  5.324   -5.605  1.00 19.61 ? 10  ILE A CG2 1 
ATOM   74  C CD1 . ILE A 1 11 ? 1.221   7.093   -6.660  1.00 20.83 ? 10  ILE A CD1 1 
ATOM   75  N N   . ALA A 1 12 ? -1.575  2.168   -7.248  1.00 19.50 ? 11  ALA A N   1 
ATOM   76  C CA  . ALA A 1 12 ? -2.780  1.343   -7.231  1.00 20.75 ? 11  ALA A CA  1 
ATOM   77  C C   . ALA A 1 12 ? -2.493  -0.046  -6.646  1.00 20.37 ? 11  ALA A C   1 
ATOM   78  O O   . ALA A 1 12 ? -3.289  -0.580  -5.863  1.00 20.34 ? 11  ALA A O   1 
ATOM   79  C CB  . ALA A 1 12 ? -3.316  1.236   -8.632  1.00 22.36 ? 11  ALA A CB  1 
ATOM   80  N N   . LYS A 1 13 ? -1.344  -0.620  -7.000  1.00 20.81 ? 12  LYS A N   1 
ATOM   81  C CA  . LYS A 1 13 ? -0.915  -1.923  -6.511  1.00 21.70 ? 12  LYS A CA  1 
ATOM   82  C C   . LYS A 1 13 ? -0.762  -1.907  -4.994  1.00 19.52 ? 12  LYS A C   1 
ATOM   83  O O   . LYS A 1 13 ? -1.256  -2.796  -4.282  1.00 21.19 ? 12  LYS A O   1 
ATOM   84  C CB  . LYS A 1 13 ? 0.412   -2.322  -7.157  1.00 24.23 ? 12  LYS A CB  1 
ATOM   85  C CG  . LYS A 1 13 ? 0.989   -3.662  -6.733  1.00 29.65 ? 12  LYS A CG  1 
ATOM   86  C CD  . LYS A 1 13 ? 2.334   -3.922  -7.417  1.00 34.30 ? 12  LYS A CD  1 
ATOM   87  C CE  . LYS A 1 13 ? 2.827   -5.344  -7.275  1.00 44.93 ? 12  LYS A CE  1 
ATOM   88  N NZ  . LYS A 1 13 ? 3.053   -5.692  -5.853  1.00 45.36 ? 12  LYS A NZ  1 
ATOM   89  N N   . GLN A 1 14 ? -0.146  -0.855  -4.462  1.00 18.70 ? 13  GLN A N   1 
ATOM   90  C CA  . GLN A 1 14 ? 0.053   -0.802  -3.027  1.00 17.40 ? 13  GLN A CA  1 
ATOM   91  C C   . GLN A 1 14 ? -1.278  -0.589  -2.330  1.00 17.33 ? 13  GLN A C   1 
ATOM   92  O O   . GLN A 1 14 ? -1.500  -1.118  -1.243  1.00 17.66 ? 13  GLN A O   1 
ATOM   93  C CB  . GLN A 1 14 ? 1.065   0.265   -2.619  1.00 18.67 ? 13  GLN A CB  1 
ATOM   94  C CG  . GLN A 1 14 ? 2.459   0.016   -3.213  1.00 20.12 ? 13  GLN A CG  1 
ATOM   95  C CD  . GLN A 1 14 ? 3.009   -1.330  -2.803  1.00 20.27 ? 13  GLN A CD  1 
ATOM   96  O OE1 . GLN A 1 14 ? 2.688   -1.846  -1.735  1.00 21.16 ? 13  GLN A OE1 1 
ATOM   97  N NE2 . GLN A 1 14 ? 3.808   -1.946  -3.664  1.00 26.11 ? 13  GLN A NE2 1 
ATOM   98  N N   . LEU A 1 15 ? -2.163  0.225   -2.906  1.00 17.24 ? 14  LEU A N   1 
ATOM   99  C CA  . LEU A 1 15 ? -3.468  0.424   -2.298  1.00 16.59 ? 14  LEU A CA  1 
ATOM   100 C C   . LEU A 1 15 ? -4.259  -0.886  -2.287  1.00 18.05 ? 14  LEU A C   1 
ATOM   101 O O   . LEU A 1 15 ? -5.013  -1.126  -1.336  1.00 17.81 ? 14  LEU A O   1 
ATOM   102 C CB  . LEU A 1 15 ? -4.234  1.541   -2.981  1.00 17.90 ? 14  LEU A CB  1 
ATOM   103 C CG  . LEU A 1 15 ? -3.740  2.946   -2.646  1.00 18.46 ? 14  LEU A CG  1 
ATOM   104 C CD1 . LEU A 1 15 ? -4.276  3.959   -3.620  1.00 18.68 ? 14  LEU A CD1 1 
ATOM   105 C CD2 . LEU A 1 15 ? -4.069  3.344   -1.209  1.00 17.47 ? 14  LEU A CD2 1 
ATOM   106 N N   . LYS A 1 16 ? -4.119  -1.707  -3.327  1.00 18.81 ? 15  LYS A N   1 
ATOM   107 C CA  . LYS A 1 16 ? -4.780  -2.998  -3.333  1.00 19.88 ? 15  LYS A CA  1 
ATOM   108 C C   . LYS A 1 16 ? -4.268  -3.857  -2.180  1.00 18.99 ? 15  LYS A C   1 
ATOM   109 O O   . LYS A 1 16 ? -5.045  -4.563  -1.528  1.00 19.88 ? 15  LYS A O   1 
ATOM   110 C CB  . LYS A 1 16 ? -4.591  -3.681  -4.693  1.00 24.02 ? 15  LYS A CB  1 
ATOM   111 C CG  . LYS A 1 16 ? -5.458  -4.905  -4.894  1.00 26.95 ? 15  LYS A CG  1 
ATOM   112 C CD  . LYS A 1 16 ? -5.425  -5.489  -6.284  1.00 31.02 ? 15  LYS A CD  1 
ATOM   113 C CE  . LYS A 1 16 ? -6.379  -6.655  -6.435  1.00 38.28 ? 15  LYS A CE  1 
ATOM   114 N N   . GLU A 1 17 ? -2.964  -3.793  -1.905  1.00 17.70 ? 16  GLU A N   1 
ATOM   115 C CA  . GLU A 1 17 ? -2.390  -4.561  -0.804  1.00 18.00 ? 16  GLU A CA  1 
ATOM   116 C C   . GLU A 1 17 ? -2.880  -4.019  0.536   1.00 18.00 ? 16  GLU A C   1 
ATOM   117 O O   . GLU A 1 17 ? -3.152  -4.787  1.467   1.00 18.86 ? 16  GLU A O   1 
ATOM   118 C CB  . GLU A 1 17 ? -0.863  -4.542  -0.873  1.00 19.60 ? 16  GLU A CB  1 
ATOM   119 C CG  . GLU A 1 17 ? -0.212  -5.347  0.239   1.00 20.11 ? 16  GLU A CG  1 
ATOM   120 C CD  . GLU A 1 17 ? -0.429  -6.852  0.164   1.00 25.28 ? 16  GLU A CD  1 
ATOM   121 O OE1 . GLU A 1 17 ? -0.789  -7.318  -0.920  1.00 28.48 ? 16  GLU A OE1 1 
ATOM   122 O OE2 . GLU A 1 17 ? -0.222  -7.561  1.182   1.00 29.53 ? 16  GLU A OE2 1 
ATOM   123 N N   . ILE A 1 18 ? -3.007  -2.703  0.653   1.00 17.06 ? 17  ILE A N   1 
ATOM   124 C CA  . ILE A 1 18 ? -3.562  -2.085  1.846   1.00 16.91 ? 17  ILE A CA  1 
ATOM   125 C C   . ILE A 1 18 ? -4.993  -2.565  2.087   1.00 16.76 ? 17  ILE A C   1 
ATOM   126 O O   . ILE A 1 18 ? -5.356  -2.949  3.203   1.00 17.81 ? 17  ILE A O   1 
ATOM   127 C CB  . ILE A 1 18 ? -3.439  -0.552  1.747   1.00 16.15 ? 17  ILE A CB  1 
ATOM   128 C CG1 . ILE A 1 18 ? -1.957  -0.154  1.810   1.00 15.66 ? 17  ILE A CG1 1 
ATOM   129 C CG2 . ILE A 1 18 ? -4.302  0.106   2.836   1.00 15.85 ? 17  ILE A CG2 1 
ATOM   130 C CD1 . ILE A 1 18 ? -1.685  1.253   1.407   1.00 16.58 ? 17  ILE A CD1 1 
ATOM   131 N N   . ALA A 1 19 ? -5.803  -2.591  1.031   1.00 17.19 ? 18  ALA A N   1 
ATOM   132 C CA  . ALA A 1 19 ? -7.182  -3.065  1.135   1.00 18.00 ? 18  ALA A CA  1 
ATOM   133 C C   . ALA A 1 19 ? -7.214  -4.524  1.612   1.00 17.94 ? 18  ALA A C   1 
ATOM   134 O O   . ALA A 1 19 ? -8.044  -4.913  2.426   1.00 20.06 ? 18  ALA A O   1 
ATOM   135 C CB  . ALA A 1 19 ? -7.875  -2.934  -0.193  1.00 19.58 ? 18  ALA A CB  1 
ATOM   136 N N   . TRP A 1 20 ? -6.293  -5.329  1.109   1.00 20.14 ? 19  TRP A N   1 
ATOM   137 C CA  . TRP A 1 20 ? -6.220  -6.743  1.427   1.00 19.94 ? 19  TRP A CA  1 
ATOM   138 C C   . TRP A 1 20 ? -5.880  -6.925  2.894   1.00 20.57 ? 19  TRP A C   1 
ATOM   139 O O   . TRP A 1 20 ? -6.501  -7.725  3.604   1.00 21.89 ? 19  TRP A O   1 
ATOM   140 C CB  . TRP A 1 20 ? -5.163  -7.402  0.538   1.00 20.23 ? 19  TRP A CB  1 
ATOM   141 C CG  . TRP A 1 20 ? -4.998  -8.865  0.772   1.00 22.93 ? 19  TRP A CG  1 
ATOM   142 C CD1 . TRP A 1 20 ? -4.179  -9.468  1.681   1.00 25.79 ? 19  TRP A CD1 1 
ATOM   143 C CD2 . TRP A 1 20 ? -5.662  -9.916  0.072   1.00 26.54 ? 19  TRP A CD2 1 
ATOM   144 N NE1 . TRP A 1 20 ? -4.272  -10.818 1.567   1.00 30.41 ? 19  TRP A NE1 1 
ATOM   145 C CE2 . TRP A 1 20 ? -5.202  -11.139 0.610   1.00 28.32 ? 19  TRP A CE2 1 
ATOM   146 C CE3 . TRP A 1 20 ? -6.598  -9.948  -0.947  1.00 28.63 ? 19  TRP A CE3 1 
ATOM   147 C CZ2 . TRP A 1 20 ? -5.633  -12.388 0.159   1.00 32.71 ? 19  TRP A CZ2 1 
ATOM   148 C CZ3 . TRP A 1 20 ? -7.020  -11.174 -1.410  1.00 32.86 ? 19  TRP A CZ3 1 
ATOM   149 C CH2 . TRP A 1 20 ? -6.567  -12.380 -0.852  1.00 34.82 ? 19  TRP A CH2 1 
ATOM   150 N N   . GLN A 1 21 ? -4.883  -6.171  3.369   1.00 18.72 ? 20  GLN A N   1 
ATOM   151 C CA  . GLN A 1 21 ? -4.481  -6.309  4.759   1.00 18.82 ? 20  GLN A CA  1 
ATOM   152 C C   . GLN A 1 21 ? -5.596  -5.833  5.686   1.00 18.98 ? 20  GLN A C   1 
ATOM   153 O O   . GLN A 1 21 ? -5.788  -6.405  6.767   1.00 20.62 ? 20  GLN A O   1 
ATOM   154 C CB  . GLN A 1 21 ? -3.181  -5.567  5.063   1.00 19.20 ? 20  GLN A CB  1 
ATOM   155 C CG  . GLN A 1 21 ? -1.954  -6.119  4.344   1.00 20.60 ? 20  GLN A CG  1 
ATOM   156 C CD  . GLN A 1 21 ? -1.683  -7.571  4.638   1.00 22.62 ? 20  GLN A CD  1 
ATOM   157 O OE1 . GLN A 1 21 ? -2.004  -8.065  5.726   1.00 22.44 ? 20  GLN A OE1 1 
ATOM   158 N NE2 . GLN A 1 21 ? -1.116  -8.267  3.656   1.00 23.73 ? 20  GLN A NE2 1 
ATOM   159 N N   . LEU A 1 22 ? -6.306  -4.762  5.340   1.00 17.76 ? 21  LEU A N   1 
ATOM   160 C CA  . LEU A 1 22 ? -7.423  -4.315  6.173   1.00 19.38 ? 21  LEU A CA  1 
ATOM   161 C C   . LEU A 1 22 ? -8.536  -5.360  6.225   1.00 20.41 ? 21  LEU A C   1 
ATOM   162 O O   . LEU A 1 22 ? -9.137  -5.575  7.272   1.00 22.04 ? 21  LEU A O   1 
ATOM   163 C CB  . LEU A 1 22 ? -7.935  -2.965  5.684   1.00 19.10 ? 21  LEU A CB  1 
ATOM   164 C CG  . LEU A 1 22 ? -7.000  -1.806  6.013   1.00 18.93 ? 21  LEU A CG  1 
ATOM   165 C CD1 . LEU A 1 22 ? -7.391  -0.561  5.276   1.00 19.79 ? 21  LEU A CD1 1 
ATOM   166 C CD2 . LEU A 1 22 ? -6.981  -1.548  7.513   1.00 21.58 ? 21  LEU A CD2 1 
ATOM   167 N N   . LYS A 1 23 ? -8.785  -6.057  5.110   1.00 21.29 ? 22  LYS A N   1 
ATOM   168 C CA  . LYS A 1 23 ? -9.749  -7.143  5.112   1.00 23.10 ? 22  LYS A CA  1 
ATOM   169 C C   . LYS A 1 23 ? -9.283  -8.238  6.065   1.00 23.38 ? 22  LYS A C   1 
ATOM   170 O O   . LYS A 1 23 ? -10.071 -8.805  6.809   1.00 25.90 ? 22  LYS A O   1 
ATOM   171 C CB  . LYS A 1 23 ? -9.978  -7.672  3.695   1.00 25.40 ? 22  LYS A CB  1 
ATOM   172 C CG  . LYS A 1 23 ? -10.831 -8.941  3.581   1.00 28.39 ? 22  LYS A CG  1 
ATOM   173 C CD  . LYS A 1 23 ? -11.255 -9.271  2.156   1.00 33.87 ? 22  LYS A CD  1 
ATOM   174 N N   . GLU A 1 24 ? -7.977  -8.526  6.067   1.00 23.39 ? 23  GLU A N   1 
ATOM   175 C CA  . GLU A 1 24 ? -7.458  -9.528  6.980   1.00 25.68 ? 23  GLU A CA  1 
ATOM   176 C C   . GLU A 1 24 ? -7.707  -9.121  8.427   1.00 25.44 ? 23  GLU A C   1 
ATOM   177 O O   . GLU A 1 24 ? -8.107  -9.950  9.225   1.00 28.82 ? 23  GLU A O   1 
ATOM   178 C CB  . GLU A 1 24 ? -5.976  -9.774  6.706   1.00 26.80 ? 23  GLU A CB  1 
ATOM   179 C CG  . GLU A 1 24 ? -5.729  -10.444 5.371   1.00 28.74 ? 23  GLU A CG  1 
ATOM   180 C CD  . GLU A 1 24 ? -6.504  -11.735 5.177   1.00 32.64 ? 23  GLU A CD  1 
ATOM   181 O OE1 . GLU A 1 24 ? -6.234  -12.681 5.938   1.00 38.14 ? 23  GLU A OE1 1 
ATOM   182 O OE2 . GLU A 1 24 ? -7.438  -11.748 4.348   1.00 38.26 ? 23  GLU A OE2 1 
ATOM   183 N N   . ILE A 1 25 ? -7.430  -7.861  8.757   1.00 24.31 ? 24  ILE A N   1 
ATOM   184 C CA  . ILE A 1 25 ? -7.642  -7.339  10.103  1.00 26.64 ? 24  ILE A CA  1 
ATOM   185 C C   . ILE A 1 25 ? -9.123  -7.465  10.471  1.00 27.32 ? 24  ILE A C   1 
ATOM   186 O O   . ILE A 1 25 ? -9.473  -7.910  11.559  1.00 29.89 ? 24  ILE A O   1 
ATOM   187 C CB  . ILE A 1 25 ? -7.119  -5.883  10.195  1.00 23.34 ? 24  ILE A CB  1 
ATOM   188 C CG1 . ILE A 1 25 ? -5.591  -5.856  10.102  1.00 25.13 ? 24  ILE A CG1 1 
ATOM   189 C CG2 . ILE A 1 25 ? -7.595  -5.197  11.451  1.00 27.10 ? 24  ILE A CG2 1 
ATOM   190 C CD1 . ILE A 1 25 ? -4.986  -4.498  9.820   1.00 24.28 ? 24  ILE A CD1 1 
ATOM   191 N N   . ALA A 1 26 ? -10.014 -7.078  9.566   1.00 25.39 ? 25  ALA A N   1 
ATOM   192 C CA  . ALA A 1 26 ? -11.450 -7.144  9.802   1.00 26.75 ? 25  ALA A CA  1 
ATOM   193 C C   . ALA A 1 26 ? -11.874 -8.586  10.061  1.00 30.19 ? 25  ALA A C   1 
ATOM   194 O O   . ALA A 1 26 ? -12.668 -8.852  10.944  1.00 32.18 ? 25  ALA A O   1 
ATOM   195 C CB  . ALA A 1 26 ? -12.177 -6.553  8.611   1.00 26.34 ? 25  ALA A CB  1 
ATOM   196 N N   . GLN A 1 27 ? -11.307 -9.528  9.313   1.00 31.18 ? 26  GLN A N   1 
ATOM   197 C CA  . GLN A 1 27 ? -11.682 -10.924 9.431   1.00 34.84 ? 26  GLN A CA  1 
ATOM   198 C C   . GLN A 1 27 ? -11.229 -11.456 10.781  1.00 38.06 ? 26  GLN A C   1 
ATOM   199 O O   . GLN A 1 27 ? -11.941 -12.248 11.406  1.00 40.98 ? 26  GLN A O   1 
ATOM   200 C CB  . GLN A 1 27 ? -11.100 -11.724 8.267   1.00 34.21 ? 26  GLN A CB  1 
ATOM   201 C CG  . GLN A 1 27 ? -11.917 -11.538 6.996   1.00 37.47 ? 26  GLN A CG  1 
ATOM   202 C CD  . GLN A 1 27 ? -11.449 -12.419 5.864   1.00 42.22 ? 26  GLN A CD  1 
ATOM   203 O OE1 . GLN A 1 27 ? -10.644 -13.334 6.050   1.00 46.60 ? 26  GLN A OE1 1 
ATOM   204 N NE2 . GLN A 1 27 ? -11.969 -12.147 4.673   1.00 42.64 ? 26  GLN A NE2 1 
ATOM   205 N N   . GLN A 1 28 ? -10.059 -10.996 11.228  1.00 37.27 ? 27  GLN A N   1 
ATOM   206 C CA  . GLN A 1 28 ? -9.522  -11.400 12.513  1.00 43.31 ? 27  GLN A CA  1 
ATOM   207 C C   . GLN A 1 28 ? -10.371 -10.866 13.664  1.00 47.53 ? 27  GLN A C   1 
ATOM   208 O O   . GLN A 1 28 ? -10.539 -11.537 14.654  1.00 54.54 ? 27  GLN A O   1 
ATOM   209 C CB  . GLN A 1 28 ? -8.072  -10.953 12.618  1.00 42.08 ? 27  GLN A CB  1 
ATOM   210 C CG  . GLN A 1 28 ? -7.166  -11.847 11.793  1.00 43.76 ? 27  GLN A CG  1 
ATOM   211 C CD  . GLN A 1 28 ? -5.719  -11.452 11.912  1.00 47.41 ? 27  GLN A CD  1 
ATOM   212 O OE1 . GLN A 1 28 ? -5.001  -11.375 10.919  1.00 52.67 ? 27  GLN A OE1 1 
ATOM   213 N NE2 . GLN A 1 28 ? -5.286  -11.221 13.140  1.00 51.01 ? 27  GLN A NE2 1 
ATOM   214 N N   . LEU A 1 29 ? -10.907 -9.660  13.531  1.00 45.62 ? 28  LEU A N   1 
ATOM   215 C CA  . LEU A 1 29 ? -11.728 -9.082  14.575  1.00 46.38 ? 28  LEU A CA  1 
ATOM   216 C C   . LEU A 1 29 ? -13.065 -9.822  14.616  1.00 50.59 ? 28  LEU A C   1 
ATOM   217 O O   . LEU A 1 29 ? -13.613 -10.043 15.684  1.00 59.72 ? 28  LEU A O   1 
ATOM   218 C CB  . LEU A 1 29 ? -11.874 -7.585  14.287  1.00 44.95 ? 28  LEU A CB  1 
ATOM   219 C CG  . LEU A 1 29 ? -10.585 -6.757  14.308  1.00 43.35 ? 28  LEU A CG  1 
ATOM   220 C CD1 . LEU A 1 29 ? -10.910 -5.289  14.135  1.00 40.79 ? 28  LEU A CD1 1 
ATOM   221 C CD2 . LEU A 1 29 ? -9.777  -6.959  15.581  1.00 46.19 ? 28  LEU A CD2 1 
ATOM   222 N N   . LYS A 1 30 ? -13.553 -10.268 13.454  1.00 49.47 ? 29  LYS A N   1 
ATOM   223 C CA  . LYS A 1 30 ? -14.823 -10.972 13.353  1.00 52.38 ? 29  LYS A CA  1 
ATOM   224 C C   . LYS A 1 30 ? -14.674 -12.368 13.951  1.00 54.45 ? 29  LYS A C   1 
ATOM   225 O O   . LYS A 1 30 ? -15.663 -12.973 14.358  1.00 63.49 ? 29  LYS A O   1 
ATOM   226 C CB  . LYS A 1 30 ? -15.320 -11.028 11.897  1.00 50.18 ? 29  LYS A CB  1 
ATOM   227 C CG  . LYS A 1 30 ? -15.813 -9.697  11.321  1.00 48.12 ? 29  LYS A CG  1 
ATOM   228 C CD  . LYS A 1 30 ? -16.140 -9.660  9.829   1.00 47.55 ? 29  LYS A CD  1 
ATOM   229 C CE  . LYS A 1 30 ? -16.498 -8.266  9.343   1.00 47.35 ? 29  LYS A CE  1 
ATOM   230 N NZ  . LYS A 1 30 ? -16.380 -8.098  7.867   1.00 47.21 ? 29  LYS A NZ  1 
ATOM   231 N N   . GLY A 1 31 ? -13.437 -12.868 14.009  1.00 53.37 ? 30  GLY A N   1 
ATOM   232 N N   . GLY B 1 2  ? 10.266  13.556  -14.397 1.00 53.63 ? 1   GLY B N   1 
ATOM   233 C CA  . GLY B 1 2  ? 9.800   14.866  -13.904 1.00 51.20 ? 1   GLY B CA  1 
ATOM   234 C C   . GLY B 1 2  ? 9.506   14.883  -12.398 1.00 45.57 ? 1   GLY B C   1 
ATOM   235 O O   . GLY B 1 2  ? 9.533   13.860  -11.706 1.00 46.35 ? 1   GLY B O   1 
ATOM   236 N N   . GLU B 1 3  ? 9.253   16.107  -11.906 1.00 48.05 ? 2   GLU B N   1 
ATOM   237 C CA  . GLU B 1 3  ? 9.063   16.377  -10.491 1.00 46.24 ? 2   GLU B CA  1 
ATOM   238 C C   . GLU B 1 3  ? 7.804   15.666  -9.992  1.00 39.78 ? 2   GLU B C   1 
ATOM   239 O O   . GLU B 1 3  ? 7.790   15.130  -8.882  1.00 41.23 ? 2   GLU B O   1 
ATOM   240 C CB  . GLU B 1 3  ? 8.963   17.888  -10.259 1.00 51.45 ? 2   GLU B CB  1 
ATOM   241 N N   . ILE B 1 4  ? 6.766   15.642  -10.846 1.00 40.61 ? 3   ILE B N   1 
ATOM   242 C CA  . ILE B 1 4  ? 5.524   14.928  -10.593 1.00 38.31 ? 3   ILE B CA  1 
ATOM   243 C C   . ILE B 1 4  ? 5.840   13.449  -10.384 1.00 34.73 ? 3   ILE B C   1 
ATOM   244 O O   . ILE B 1 4  ? 5.465   12.874  -9.388  1.00 32.62 ? 3   ILE B O   1 
ATOM   245 C CB  . ILE B 1 4  ? 4.513   15.096  -11.750 1.00 42.63 ? 3   ILE B CB  1 
ATOM   246 C CG1 . ILE B 1 4  ? 4.196   16.557  -12.098 1.00 45.90 ? 3   ILE B CG1 1 
ATOM   247 C CG2 . ILE B 1 4  ? 3.254   14.296  -11.489 1.00 38.86 ? 3   ILE B CG2 1 
ATOM   248 C CD1 . ILE B 1 4  ? 4.095   17.460  -10.911 1.00 48.41 ? 3   ILE B CD1 1 
ATOM   249 N N   . ALA B 1 5  ? 6.529   12.832  -11.352 1.00 37.17 ? 4   ALA B N   1 
ATOM   250 C CA  . ALA B 1 5  ? 6.909   11.427  -11.279 1.00 36.26 ? 4   ALA B CA  1 
ATOM   251 C C   . ALA B 1 5  ? 7.695   11.107  -10.005 1.00 33.86 ? 4   ALA B C   1 
ATOM   252 O O   . ALA B 1 5  ? 7.480   10.050  -9.395  1.00 33.74 ? 4   ALA B O   1 
ATOM   253 C CB  . ALA B 1 5  ? 7.726   11.068  -12.492 1.00 39.21 ? 4   ALA B CB  1 
ATOM   254 N N   . GLN B 1 6  ? 8.631   11.988  -9.619  1.00 34.94 ? 5   GLN B N   1 
ATOM   255 C CA  . GLN B 1 6  ? 9.468   11.764  -8.441  1.00 34.94 ? 5   GLN B CA  1 
ATOM   256 C C   . GLN B 1 6  ? 8.628   11.746  -7.163  1.00 31.03 ? 5   GLN B C   1 
ATOM   257 O O   . GLN B 1 6  ? 8.804   10.870  -6.282  1.00 28.90 ? 5   GLN B O   1 
ATOM   258 C CB  . GLN B 1 6  ? 10.547  12.852  -8.311  1.00 39.80 ? 5   GLN B CB  1 
ATOM   259 C CG  . GLN B 1 6  ? 11.704  12.713  -9.285  1.00 47.58 ? 5   GLN B CG  1 
ATOM   260 C CD  . GLN B 1 6  ? 12.828  13.677  -8.991  1.00 52.20 ? 5   GLN B CD  1 
ATOM   261 O OE1 . GLN B 1 6  ? 12.666  14.655  -8.262  1.00 61.14 ? 5   GLN B OE1 1 
ATOM   262 N NE2 . GLN B 1 6  ? 13.987  13.401  -9.563  1.00 55.78 ? 5   GLN B NE2 1 
ATOM   263 N N   . GLN B 1 7  ? 7.676   12.684  -7.064  1.00 29.91 ? 6   GLN B N   1 
ATOM   264 C CA  . GLN B 1 7  ? 6.804   12.702  -5.896  1.00 27.53 ? 6   GLN B CA  1 
ATOM   265 C C   . GLN B 1 7  ? 5.881   11.483  -5.875  1.00 26.08 ? 6   GLN B C   1 
ATOM   266 O O   . GLN B 1 7  ? 5.654   10.919  -4.804  1.00 23.51 ? 6   GLN B O   1 
ATOM   267 C CB  . GLN B 1 7  ? 5.984   13.997  -5.804  1.00 30.67 ? 6   GLN B CB  1 
ATOM   268 C CG  . GLN B 1 7  ? 6.805   15.248  -5.540  1.00 34.05 ? 6   GLN B CG  1 
ATOM   269 C CD  . GLN B 1 7  ? 7.707   15.147  -4.337  1.00 31.57 ? 6   GLN B CD  1 
ATOM   270 O OE1 . GLN B 1 7  ? 7.386   14.522  -3.327  1.00 32.75 ? 6   GLN B OE1 1 
ATOM   271 N NE2 . GLN B 1 7  ? 8.892   15.714  -4.470  1.00 41.52 ? 6   GLN B NE2 1 
ATOM   272 N N   . LEU B 1 8  ? 5.367   11.048  -7.033  1.00 27.67 ? 7   LEU B N   1 
ATOM   273 C CA  . LEU B 1 8  ? 4.529   9.852   -7.099  1.00 24.79 ? 7   LEU B CA  1 
ATOM   274 C C   . LEU B 1 8  ? 5.326   8.618   -6.654  1.00 24.65 ? 7   LEU B C   1 
ATOM   275 O O   . LEU B 1 8  ? 4.803   7.738   -5.966  1.00 22.71 ? 7   LEU B O   1 
ATOM   276 C CB  . LEU B 1 8  ? 3.974   9.692   -8.526  1.00 27.95 ? 7   LEU B CB  1 
ATOM   277 C CG  . LEU B 1 8  ? 2.915   10.707  -8.947  1.00 26.90 ? 7   LEU B CG  1 
ATOM   278 C CD1 . LEU B 1 8  ? 2.527   10.493  -10.405 1.00 30.42 ? 7   LEU B CD1 1 
ATOM   279 C CD2 . LEU B 1 8  ? 1.682   10.636  -8.059  1.00 26.80 ? 7   LEU B CD2 1 
ATOM   280 N N   . LYS B 1 9  ? 6.624   8.588   -6.969  1.00 25.62 ? 8   LYS B N   1 
ATOM   281 C CA  . LYS B 1 9  ? 7.491   7.492   -6.579  1.00 25.72 ? 8   LYS B CA  1 
ATOM   282 C C   . LYS B 1 9  ? 7.605   7.449   -5.053  1.00 23.06 ? 8   LYS B C   1 
ATOM   283 O O   . LYS B 1 9  ? 7.559   6.374   -4.451  1.00 22.82 ? 8   LYS B O   1 
ATOM   284 C CB  . LYS B 1 9  ? 8.881   7.603   -7.206  1.00 29.92 ? 8   LYS B CB  1 
ATOM   285 C CG  . LYS B 1 9  ? 9.623   6.270   -7.226  1.00 33.21 ? 8   LYS B CG  1 
ATOM   286 C CD  . LYS B 1 9  ? 10.884  6.289   -8.046  1.00 38.74 ? 8   LYS B CD  1 
ATOM   287 C CE  . LYS B 1 9  ? 11.129  5.056   -8.902  1.00 45.21 ? 8   LYS B CE  1 
ATOM   288 N NZ  . LYS B 1 9  ? 11.105  3.794   -8.124  1.00 44.74 ? 8   LYS B NZ  1 
ATOM   289 N N   . GLU B 1 10 ? 7.746   8.625   -4.430  1.00 23.41 ? 9   GLU B N   1 
ATOM   290 C CA  . GLU B 1 10 ? 7.810   8.727   -2.979  1.00 22.05 ? 9   GLU B CA  1 
ATOM   291 C C   . GLU B 1 10 ? 6.476   8.306   -2.352  1.00 19.83 ? 9   GLU B C   1 
ATOM   292 O O   . GLU B 1 10 ? 6.437   7.592   -1.324  1.00 21.21 ? 9   GLU B O   1 
ATOM   293 C CB  . GLU B 1 10 ? 8.162   10.161  -2.564  1.00 22.91 ? 9   GLU B CB  1 
ATOM   294 C CG  . GLU B 1 10 ? 8.263   10.328  -1.052  1.00 26.69 ? 9   GLU B CG  1 
ATOM   295 C CD  . GLU B 1 10 ? 9.466   9.655   -0.408  1.00 28.26 ? 9   GLU B CD  1 
ATOM   296 O OE1 . GLU B 1 10 ? 10.506  9.463   -1.125  1.00 33.26 ? 9   GLU B OE1 1 
ATOM   297 O OE2 . GLU B 1 10 ? 9.383   9.313   0.811   1.00 30.67 ? 9   GLU B OE2 1 
ATOM   298 N N   . ILE B 1 11 ? 5.365   8.710   -2.970  1.00 19.61 ? 10  ILE B N   1 
ATOM   299 C CA  . ILE B 1 11 ? 4.043   8.316   -2.521  1.00 17.87 ? 10  ILE B CA  1 
ATOM   300 C C   . ILE B 1 11 ? 3.912   6.794   -2.573  1.00 17.09 ? 10  ILE B C   1 
ATOM   301 O O   . ILE B 1 11 ? 3.469   6.176   -1.597  1.00 17.99 ? 10  ILE B O   1 
ATOM   302 C CB  . ILE B 1 11 ? 2.991   9.043   -3.387  1.00 18.73 ? 10  ILE B CB  1 
ATOM   303 C CG1 . ILE B 1 11 ? 2.946   10.516  -2.975  1.00 19.88 ? 10  ILE B CG1 1 
ATOM   304 C CG2 . ILE B 1 11 ? 1.629   8.394   -3.265  1.00 19.02 ? 10  ILE B CG2 1 
ATOM   305 C CD1 . ILE B 1 11 ? 2.220   11.430  -3.926  1.00 21.74 ? 10  ILE B CD1 1 
ATOM   306 N N   . ALA B 1 12 ? 4.375   6.167   -3.647  1.00 19.85 ? 11  ALA B N   1 
ATOM   307 C CA  . ALA B 1 12 ? 4.331   4.721   -3.759  1.00 19.40 ? 11  ALA B CA  1 
ATOM   308 C C   . ALA B 1 12 ? 5.136   4.049   -2.644  1.00 18.95 ? 11  ALA B C   1 
ATOM   309 O O   . ALA B 1 12 ? 4.740   3.011   -2.096  1.00 19.14 ? 11  ALA B O   1 
ATOM   310 C CB  . ALA B 1 12 ? 4.824   4.309   -5.111  1.00 20.75 ? 11  ALA B CB  1 
ATOM   311 N N   . LYS B 1 13 ? 6.314   4.604   -2.343  1.00 19.46 ? 12  LYS B N   1 
ATOM   312 C CA  . LYS B 1 13 ? 7.204   4.086   -1.314  1.00 21.26 ? 12  LYS B CA  1 
ATOM   313 C C   . LYS B 1 13 ? 6.481   4.091   0.029   1.00 19.09 ? 12  LYS B C   1 
ATOM   314 O O   . LYS B 1 13 ? 6.491   3.104   0.780   1.00 19.98 ? 12  LYS B O   1 
ATOM   315 C CB  . LYS B 1 13 ? 8.502   4.903   -1.273  1.00 22.33 ? 12  LYS B CB  1 
ATOM   316 C CG  . LYS B 1 13 ? 9.364   4.729   -0.021  1.00 26.71 ? 12  LYS B CG  1 
ATOM   317 C CD  . LYS B 1 13 ? 10.627  5.574   -0.028  1.00 30.29 ? 12  LYS B CD  1 
ATOM   318 C CE  . LYS B 1 13 ? 11.148  5.893   1.354   1.00 35.77 ? 12  LYS B CE  1 
ATOM   319 N NZ  . LYS B 1 13 ? 10.929  4.780   2.295   1.00 41.08 ? 12  LYS B NZ  1 
ATOM   320 N N   . GLN B 1 14 ? 5.825   5.210   0.352   1.00 17.73 ? 13  GLN B N   1 
ATOM   321 C CA  . GLN B 1 14 ? 5.170   5.296   1.642   1.00 17.72 ? 13  GLN B CA  1 
ATOM   322 C C   . GLN B 1 14 ? 3.992   4.342   1.713   1.00 16.48 ? 13  GLN B C   1 
ATOM   323 O O   . GLN B 1 14 ? 3.729   3.761   2.761   1.00 17.13 ? 13  GLN B O   1 
ATOM   324 C CB  . GLN B 1 14 ? 4.748   6.729   1.944   1.00 17.84 ? 13  GLN B CB  1 
ATOM   325 C CG  . GLN B 1 14 ? 5.922   7.697   2.032   1.00 20.10 ? 13  GLN B CG  1 
ATOM   326 C CD  . GLN B 1 14 ? 6.936   7.302   3.087   1.00 20.96 ? 13  GLN B CD  1 
ATOM   327 O OE1 . GLN B 1 14 ? 6.584   6.673   4.087   1.00 21.58 ? 13  GLN B OE1 1 
ATOM   328 N NE2 . GLN B 1 14 ? 8.202   7.584   2.812   1.00 24.49 ? 13  GLN B NE2 1 
ATOM   329 N N   . LEU B 1 15 ? 3.256   4.187   0.620   1.00 16.70 ? 14  LEU B N   1 
ATOM   330 C CA  . LEU B 1 15 ? 2.145   3.255   0.591   1.00 16.85 ? 14  LEU B CA  1 
ATOM   331 C C   . LEU B 1 15 ? 2.637   1.822   0.773   1.00 16.93 ? 14  LEU B C   1 
ATOM   332 O O   . LEU B 1 15 ? 1.972   1.025   1.439   1.00 17.75 ? 14  LEU B O   1 
ATOM   333 C CB  . LEU B 1 15 ? 1.360   3.422   -0.702  1.00 15.77 ? 14  LEU B CB  1 
ATOM   334 C CG  . LEU B 1 15 ? 0.512   4.696   -0.807  1.00 16.57 ? 14  LEU B CG  1 
ATOM   335 C CD1 . LEU B 1 15 ? 0.031   4.883   -2.236  1.00 18.28 ? 14  LEU B CD1 1 
ATOM   336 C CD2 . LEU B 1 15 ? -0.660  4.642   0.149   1.00 17.79 ? 14  LEU B CD2 1 
ATOM   337 N N   . LYS B 1 16 ? 3.806   1.491   0.216   1.00 17.46 ? 15  LYS B N   1 
ATOM   338 C CA  . LYS B 1 16 ? 4.381   0.171   0.441   1.00 18.64 ? 15  LYS B CA  1 
ATOM   339 C C   . LYS B 1 16 ? 4.676   -0.042  1.925   1.00 19.07 ? 15  LYS B C   1 
ATOM   340 O O   . LYS B 1 16 ? 4.467   -1.132  2.448   1.00 19.32 ? 15  LYS B O   1 
ATOM   341 C CB  . LYS B 1 16 ? 5.644   -0.032  -0.396  1.00 21.58 ? 15  LYS B CB  1 
ATOM   342 C CG  . LYS B 1 16 ? 6.123   -1.474  -0.420  1.00 25.99 ? 15  LYS B CG  1 
ATOM   343 C CD  . LYS B 1 16 ? 7.281   -1.763  -1.347  1.00 30.92 ? 15  LYS B CD  1 
ATOM   344 C CE  . LYS B 1 16 ? 7.508   -3.250  -1.554  1.00 41.27 ? 15  LYS B CE  1 
ATOM   345 N NZ  . LYS B 1 16 ? 6.568   -3.838  -2.548  1.00 44.76 ? 15  LYS B NZ  1 
ATOM   346 N N   . GLU B 1 17 ? 5.176   0.992   2.597   1.00 18.34 ? 16  GLU B N   1 
ATOM   347 C CA  . GLU B 1 17 ? 5.458   0.886   4.026   1.00 17.60 ? 16  GLU B CA  1 
ATOM   348 C C   . GLU B 1 17 ? 4.159   0.755   4.816   1.00 18.19 ? 16  GLU B C   1 
ATOM   349 O O   . GLU B 1 17 ? 4.102   0.016   5.804   1.00 18.99 ? 16  GLU B O   1 
ATOM   350 C CB  . GLU B 1 17 ? 6.275   2.073   4.508   1.00 19.21 ? 16  GLU B CB  1 
ATOM   351 C CG  . GLU B 1 17 ? 6.601   2.017   5.987   1.00 21.83 ? 16  GLU B CG  1 
ATOM   352 C CD  . GLU B 1 17 ? 7.476   0.879   6.468   1.00 25.76 ? 16  GLU B CD  1 
ATOM   353 O OE1 . GLU B 1 17 ? 8.085   0.208   5.622   1.00 32.47 ? 16  GLU B OE1 1 
ATOM   354 O OE2 . GLU B 1 17 ? 7.625   0.739   7.689   1.00 29.37 ? 16  GLU B OE2 1 
ATOM   355 N N   . ILE B 1 18 ? 3.128   1.492   4.407   1.00 16.27 ? 17  ILE B N   1 
ATOM   356 C CA  . ILE B 1 18 ? 1.837   1.368   5.057   1.00 16.48 ? 17  ILE B CA  1 
ATOM   357 C C   . ILE B 1 18 ? 1.328   -0.066  4.930   1.00 16.07 ? 17  ILE B C   1 
ATOM   358 O O   . ILE B 1 18 ? 0.803   -0.632  5.900   1.00 17.33 ? 17  ILE B O   1 
ATOM   359 C CB  . ILE B 1 18 ? 0.883   2.427   4.474   1.00 15.75 ? 17  ILE B CB  1 
ATOM   360 C CG1 . ILE B 1 18 ? 1.301   3.817   4.943   1.00 15.31 ? 17  ILE B CG1 1 
ATOM   361 C CG2 . ILE B 1 18 ? -0.564  2.144   4.829   1.00 16.51 ? 17  ILE B CG2 1 
ATOM   362 C CD1 . ILE B 1 18 ? 0.703   4.985   4.130   1.00 17.72 ? 17  ILE B CD1 1 
ATOM   363 N N   . ALA B 1 19 ? 1.416   -0.642  3.736   1.00 16.98 ? 18  ALA B N   1 
ATOM   364 C CA  . ALA B 1 19 ? 1.007   -2.014  3.503   1.00 17.98 ? 18  ALA B CA  1 
ATOM   365 C C   . ALA B 1 19 ? 1.753   -2.977  4.426   1.00 18.56 ? 18  ALA B C   1 
ATOM   366 O O   . ALA B 1 19 ? 1.160   -3.900  4.996   1.00 18.83 ? 18  ALA B O   1 
ATOM   367 C CB  . ALA B 1 19 ? 1.199   -2.397  2.045   1.00 17.84 ? 18  ALA B CB  1 
ATOM   368 N N   . TRP B 1 20 ? 3.051   -2.759  4.575   1.00 19.63 ? 19  TRP B N   1 
ATOM   369 C CA  . TRP B 1 20 ? 3.902   -3.600  5.395   1.00 20.05 ? 19  TRP B CA  1 
ATOM   370 C C   . TRP B 1 20 ? 3.469   -3.517  6.855   1.00 18.71 ? 19  TRP B C   1 
ATOM   371 O O   . TRP B 1 20 ? 3.339   -4.537  7.534   1.00 21.33 ? 19  TRP B O   1 
ATOM   372 C CB  . TRP B 1 20 ? 5.381   -3.196  5.232   1.00 22.28 ? 19  TRP B CB  1 
ATOM   373 C CG  . TRP B 1 20 ? 6.306   -3.954  6.140   1.00 24.41 ? 19  TRP B CG  1 
ATOM   374 C CD1 . TRP B 1 20 ? 6.743   -3.533  7.364   1.00 26.94 ? 19  TRP B CD1 1 
ATOM   375 C CD2 . TRP B 1 20 ? 6.876   -5.258  5.949   1.00 28.12 ? 19  TRP B CD2 1 
ATOM   376 N NE1 . TRP B 1 20 ? 7.520   -4.483  7.950   1.00 31.38 ? 19  TRP B NE1 1 
ATOM   377 C CE2 . TRP B 1 20 ? 7.637   -5.554  7.109   1.00 30.51 ? 19  TRP B CE2 1 
ATOM   378 C CE3 . TRP B 1 20 ? 6.814   -6.200  4.931   1.00 31.43 ? 19  TRP B CE3 1 
ATOM   379 C CZ2 . TRP B 1 20 ? 8.370   -6.732  7.259   1.00 33.44 ? 19  TRP B CZ2 1 
ATOM   380 C CZ3 . TRP B 1 20 ? 7.516   -7.377  5.084   1.00 36.42 ? 19  TRP B CZ3 1 
ATOM   381 C CH2 . TRP B 1 20 ? 8.265   -7.651  6.239   1.00 36.58 ? 19  TRP B CH2 1 
ATOM   382 N N   . GLN B 1 21 ? 3.245   -2.311  7.349   1.00 18.74 ? 20  GLN B N   1 
ATOM   383 C CA  . GLN B 1 21 ? 2.849   -2.148  8.732   1.00 19.10 ? 20  GLN B CA  1 
ATOM   384 C C   . GLN B 1 21 ? 1.470   -2.748  8.984   1.00 19.28 ? 20  GLN B C   1 
ATOM   385 O O   . GLN B 1 21 ? 1.252   -3.317  10.048  1.00 19.32 ? 20  GLN B O   1 
ATOM   386 C CB  . GLN B 1 21 ? 2.876   -0.679  9.170   1.00 19.80 ? 20  GLN B CB  1 
ATOM   387 C CG  . GLN B 1 21 ? 4.280   -0.077  9.188   1.00 21.35 ? 20  GLN B CG  1 
ATOM   388 C CD  . GLN B 1 21 ? 5.242   -0.806  10.097  1.00 22.68 ? 20  GLN B CD  1 
ATOM   389 O OE1 . GLN B 1 21 ? 4.857   -1.445  11.067  1.00 24.83 ? 20  GLN B OE1 1 
ATOM   390 N NE2 . GLN B 1 21 ? 6.524   -0.679  9.794   1.00 26.51 ? 20  GLN B NE2 1 
ATOM   391 N N   . LEU B 1 22 ? 0.536   -2.661  8.048   1.00 18.71 ? 21  LEU B N   1 
ATOM   392 C CA  . LEU B 1 22 ? -0.775  -3.275  8.235   1.00 18.97 ? 21  LEU B CA  1 
ATOM   393 C C   . LEU B 1 22 ? -0.658  -4.800  8.266   1.00 19.03 ? 21  LEU B C   1 
ATOM   394 O O   . LEU B 1 22 ? -1.336  -5.461  9.046   1.00 20.24 ? 21  LEU B O   1 
ATOM   395 C CB  . LEU B 1 22 ? -1.727  -2.835  7.123   1.00 19.84 ? 21  LEU B CB  1 
ATOM   396 C CG  . LEU B 1 22 ? -2.194  -1.387  7.270   1.00 18.53 ? 21  LEU B CG  1 
ATOM   397 C CD1 . LEU B 1 22 ? -2.867  -0.903  5.977   1.00 19.31 ? 21  LEU B CD1 1 
ATOM   398 C CD2 . LEU B 1 22 ? -3.118  -1.239  8.450   1.00 20.59 ? 21  LEU B CD2 1 
ATOM   399 N N   . LYS B 1 23 ? 0.260   -5.366  7.481   1.00 19.01 ? 22  LYS B N   1 
ATOM   400 C CA  . LYS B 1 23 ? 0.522   -6.798  7.527   1.00 20.22 ? 22  LYS B CA  1 
ATOM   401 C C   . LYS B 1 23 ? 1.070   -7.174  8.905   1.00 20.94 ? 22  LYS B C   1 
ATOM   402 O O   . LYS B 1 23 ? 0.662   -8.169  9.509   1.00 23.80 ? 22  LYS B O   1 
ATOM   403 C CB  . LYS B 1 23 ? 1.483   -7.206  6.407   1.00 22.05 ? 22  LYS B CB  1 
ATOM   404 C CG  . LYS B 1 23 ? 1.858   -8.684  6.400   1.00 25.24 ? 22  LYS B CG  1 
ATOM   405 C CD  . LYS B 1 23 ? 2.606   -9.104  5.140   1.00 32.28 ? 22  LYS B CD  1 
ATOM   406 C CE  . LYS B 1 23 ? 2.592   -10.595 4.863   1.00 43.83 ? 22  LYS B CE  1 
ATOM   407 N NZ  . LYS B 1 23 ? 3.756   -11.313 5.441   1.00 50.74 ? 22  LYS B NZ  1 
ATOM   408 N N   . GLU B 1 24 ? 1.952   -6.325  9.447   1.00 21.31 ? 23  GLU B N   1 
ATOM   409 C CA  . GLU B 1 24 ? 2.499   -6.584  10.767  1.00 23.51 ? 23  GLU B CA  1 
ATOM   410 C C   . GLU B 1 24 ? 1.376   -6.560  11.794  1.00 23.44 ? 23  GLU B C   1 
ATOM   411 O O   . GLU B 1 24 ? 1.341   -7.402  12.680  1.00 25.97 ? 23  GLU B O   1 
ATOM   412 C CB  . GLU B 1 24 ? 3.600   -5.573  11.106  1.00 25.73 ? 23  GLU B CB  1 
ATOM   413 C CG  . GLU B 1 24 ? 4.864   -5.754  10.291  1.00 27.47 ? 23  GLU B CG  1 
ATOM   414 C CD  . GLU B 1 24 ? 5.546   -7.068  10.601  1.00 32.86 ? 23  GLU B CD  1 
ATOM   415 O OE1 . GLU B 1 24 ? 5.835   -7.312  11.793  1.00 37.80 ? 23  GLU B OE1 1 
ATOM   416 O OE2 . GLU B 1 24 ? 5.741   -7.858  9.662   1.00 38.55 ? 23  GLU B OE2 1 
ATOM   417 N N   . ILE B 1 25 ? 0.473   -5.584  11.688  1.00 22.24 ? 24  ILE B N   1 
ATOM   418 C CA  . ILE B 1 25 ? -0.660  -5.452  12.601  1.00 22.61 ? 24  ILE B CA  1 
ATOM   419 C C   . ILE B 1 25 ? -1.540  -6.693  12.499  1.00 22.25 ? 24  ILE B C   1 
ATOM   420 O O   . ILE B 1 25 ? -1.921  -7.259  13.522  1.00 23.84 ? 24  ILE B O   1 
ATOM   421 C CB  . ILE B 1 25 ? -1.435  -4.147  12.300  1.00 21.94 ? 24  ILE B CB  1 
ATOM   422 C CG1 . ILE B 1 25 ? -0.623  -2.934  12.756  1.00 21.76 ? 24  ILE B CG1 1 
ATOM   423 C CG2 . ILE B 1 25 ? -2.828  -4.148  12.932  1.00 23.00 ? 24  ILE B CG2 1 
ATOM   424 C CD1 . ILE B 1 25 ? -1.159  -1.623  12.280  1.00 23.52 ? 24  ILE B CD1 1 
ATOM   425 N N   . ALA B 1 26 ? -1.839  -7.144  11.280  1.00 22.99 ? 25  ALA B N   1 
ATOM   426 C CA  . ALA B 1 26 ? -2.684  -8.315  11.097  1.00 23.90 ? 25  ALA B CA  1 
ATOM   427 C C   . ALA B 1 26 ? -2.060  -9.535  11.782  1.00 24.83 ? 25  ALA B C   1 
ATOM   428 O O   . ALA B 1 26 ? -2.745  -10.317 12.442  1.00 25.16 ? 25  ALA B O   1 
ATOM   429 C CB  . ALA B 1 26 ? -2.936  -8.547  9.635   1.00 23.81 ? 25  ALA B CB  1 
ATOM   430 N N   . GLN B 1 27 ? -0.734  -9.660  11.647  1.00 24.44 ? 26  GLN B N   1 
ATOM   431 C CA  . GLN B 1 27 ? -0.013  -10.785 12.188  1.00 26.23 ? 26  GLN B CA  1 
ATOM   432 C C   . GLN B 1 27 ? -0.088  -10.738 13.714  1.00 26.96 ? 26  GLN B C   1 
ATOM   433 O O   . GLN B 1 27 ? -0.231  -11.775 14.353  1.00 30.21 ? 26  GLN B O   1 
ATOM   434 C CB  . GLN B 1 27 ? 1.399   -10.792 11.602  1.00 28.51 ? 26  GLN B CB  1 
ATOM   435 C CG  . GLN B 1 27 ? 1.407   -11.315 10.175  1.00 33.20 ? 26  GLN B CG  1 
ATOM   436 C CD  . GLN B 1 27 ? 2.765   -11.388 9.521   1.00 38.44 ? 26  GLN B CD  1 
ATOM   437 O OE1 . GLN B 1 27 ? 3.804   -11.267 10.172  1.00 44.84 ? 26  GLN B OE1 1 
ATOM   438 N NE2 . GLN B 1 27 ? 2.761   -11.592 8.208   1.00 37.48 ? 26  GLN B NE2 1 
ATOM   439 N N   . GLN B 1 28 ? 0.017   -9.533  14.277  1.00 28.56 ? 27  GLN B N   1 
ATOM   440 C CA  . GLN B 1 28 ? -0.001  -9.364  15.720  1.00 29.52 ? 27  GLN B CA  1 
ATOM   441 C C   . GLN B 1 28 ? -1.372  -9.683  16.303  1.00 29.14 ? 27  GLN B C   1 
ATOM   442 O O   . GLN B 1 28 ? -1.459  -10.264 17.380  1.00 31.20 ? 27  GLN B O   1 
ATOM   443 C CB  . GLN B 1 28 ? 0.401   -7.946  16.117  1.00 31.02 ? 27  GLN B CB  1 
ATOM   444 C CG  . GLN B 1 28 ? 1.856   -7.637  15.829  1.00 35.91 ? 27  GLN B CG  1 
ATOM   445 C CD  . GLN B 1 28 ? 2.768   -8.810  16.073  1.00 41.06 ? 27  GLN B CD  1 
ATOM   446 O OE1 . GLN B 1 28 ? 3.579   -9.181  15.223  1.00 47.86 ? 27  GLN B OE1 1 
ATOM   447 N NE2 . GLN B 1 28 ? 2.644   -9.400  17.250  1.00 43.55 ? 27  GLN B NE2 1 
ATOM   448 N N   . LEU B 1 29 ? -2.437  -9.337  15.580  1.00 28.18 ? 28  LEU B N   1 
ATOM   449 C CA  . LEU B 1 29 ? -3.780  -9.568  16.065  1.00 30.22 ? 28  LEU B CA  1 
ATOM   450 C C   . LEU B 1 29 ? -4.053  -11.067 16.018  1.00 31.13 ? 28  LEU B C   1 
ATOM   451 O O   . LEU B 1 29 ? -4.677  -11.607 16.940  1.00 35.96 ? 28  LEU B O   1 
ATOM   452 C CB  . LEU B 1 29 ? -4.760  -8.759  15.211  1.00 28.01 ? 28  LEU B CB  1 
ATOM   453 C CG  . LEU B 1 29 ? -4.738  -7.244  15.431  1.00 29.56 ? 28  LEU B CG  1 
ATOM   454 C CD1 . LEU B 1 29 ? -5.693  -6.544  14.484  1.00 31.22 ? 28  LEU B CD1 1 
ATOM   455 C CD2 . LEU B 1 29 ? -5.066  -6.888  16.865  1.00 31.03 ? 28  LEU B CD2 1 
ATOM   456 N N   . LYS B 1 30 ? -3.504  -11.746 14.992  1.00 29.94 ? 29  LYS B N   1 
ATOM   457 C CA  . LYS B 1 30 ? -3.634  -13.185 14.896  1.00 32.41 ? 29  LYS B CA  1 
ATOM   458 C C   . LYS B 1 30 ? -2.846  -13.802 16.042  1.00 33.79 ? 29  LYS B C   1 
ATOM   459 O O   . LYS B 1 30 ? -1.708  -13.412 16.323  1.00 36.46 ? 29  LYS B O   1 
ATOM   460 C CB  . LYS B 1 30 ? -3.148  -13.706 13.544  1.00 32.75 ? 29  LYS B CB  1 
ATOM   461 C CG  . LYS B 1 30 ? -3.266  -15.204 13.345  1.00 36.02 ? 29  LYS B CG  1 
ATOM   462 C CD  . LYS B 1 30 ? -4.654  -15.649 12.927  1.00 39.36 ? 29  LYS B CD  1 
ATOM   463 N N   . GLY B 1 31 ? -3.523  -14.700 16.739  1.00 33.91 ? 30  GLY B N   1 
HETATM 464 C C1  . GOL C 2 .  ? -2.999  8.182   -3.041  0.30 29.67 ? 101 GOL A C1  1 
HETATM 465 O O1  . GOL C 2 .  ? -3.429  8.097   -1.687  0.30 36.78 ? 101 GOL A O1  1 
HETATM 466 C C2  . GOL C 2 .  ? -3.406  9.494   -3.672  0.30 27.83 ? 101 GOL A C2  1 
HETATM 467 O O2  . GOL C 2 .  ? -3.247  10.557  -2.733  0.30 33.06 ? 101 GOL A O2  1 
HETATM 468 C C3  . GOL C 2 .  ? -2.634  9.816   -4.933  0.30 25.45 ? 101 GOL A C3  1 
HETATM 469 O O3  . GOL C 2 .  ? -3.093  11.025  -5.537  0.30 27.12 ? 101 GOL A O3  1 
HETATM 470 C C1  . GOL D 2 .  ? -4.886  2.130   8.188   0.30 28.94 ? 102 GOL A C1  1 
HETATM 471 O O1  . GOL D 2 .  ? -5.637  1.764   9.315   0.30 38.94 ? 102 GOL A O1  1 
HETATM 472 C C2  . GOL D 2 .  ? -5.594  3.096   7.264   0.30 25.83 ? 102 GOL A C2  1 
HETATM 473 O O2  . GOL D 2 .  ? -5.614  4.405   7.835   0.30 31.72 ? 102 GOL A O2  1 
HETATM 474 C C3  . GOL D 2 .  ? -4.963  3.165   5.892   0.30 24.10 ? 102 GOL A C3  1 
HETATM 475 O O3  . GOL D 2 .  ? -5.067  4.477   5.351   0.30 25.80 ? 102 GOL A O3  1 
HETATM 476 C C1  . GOL E 2 .  ? -0.658  14.000  -11.573 0.30 26.05 ? 103 GOL A C1  1 
HETATM 477 O O1  . GOL E 2 .  ? -0.909  13.578  -12.910 0.30 31.25 ? 103 GOL A O1  1 
HETATM 478 C C2  . GOL E 2 .  ? -1.766  13.566  -10.643 0.30 26.89 ? 103 GOL A C2  1 
HETATM 479 O O2  . GOL E 2 .  ? -2.927  13.230  -11.399 0.30 29.45 ? 103 GOL A O2  1 
HETATM 480 C C3  . GOL E 2 .  ? -1.377  12.390  -9.775  0.30 23.81 ? 103 GOL A C3  1 
HETATM 481 O O3  . GOL E 2 .  ? -2.521  11.817  -9.150  0.30 26.20 ? 103 GOL A O3  1 
HETATM 482 O O   . HOH F 3 .  ? -4.530  4.932   3.809   0.33 32.09 ? 201 HOH A O   1 
HETATM 483 O O   . HOH F 3 .  ? -7.808  -13.451 7.846   1.00 42.90 ? 202 HOH A O   1 
HETATM 484 O O   . HOH F 3 .  ? 3.207   -4.227  -0.838  1.00 30.45 ? 203 HOH A O   1 
HETATM 485 O O   . HOH F 3 .  ? -1.717  -10.647 6.474   1.00 29.33 ? 204 HOH A O   1 
HETATM 486 O O   . HOH F 3 .  ? -1.329  -5.512  -4.914  1.00 33.79 ? 205 HOH A O   1 
HETATM 487 O O   . HOH F 3 .  ? 7.651   3.035   -7.522  1.00 43.73 ? 206 HOH A O   1 
HETATM 488 O O   . HOH F 3 .  ? -2.994  -12.931 3.132   1.00 30.91 ? 207 HOH A O   1 
HETATM 489 O O   . HOH F 3 .  ? 4.849   10.617  -17.724 1.00 35.90 ? 208 HOH A O   1 
HETATM 490 O O   . HOH F 3 .  ? -0.572  -11.302 4.118   1.00 39.95 ? 209 HOH A O   1 
HETATM 491 O O   . HOH F 3 .  ? -6.933  -1.976  15.801  0.33 51.06 ? 210 HOH A O   1 
HETATM 492 O O   . HOH G 3 .  ? 8.065   5.322   5.810   1.00 36.76 ? 101 HOH B O   1 
HETATM 493 O O   . HOH G 3 .  ? 1.369   -11.163 18.757  1.00 43.62 ? 102 HOH B O   1 
HETATM 494 O O   . HOH G 3 .  ? 8.253   -0.820  3.047   1.00 35.55 ? 103 HOH B O   1 
HETATM 495 O O   . HOH G 3 .  ? 6.361   -2.906  12.889  1.00 29.74 ? 104 HOH B O   1 
HETATM 496 O O   . HOH G 3 .  ? 4.809   -3.809  1.530   1.00 29.19 ? 105 HOH B O   1 
HETATM 497 O O   . HOH G 3 .  ? 8.625   1.293   1.364   1.00 30.52 ? 106 HOH B O   1 
HETATM 498 O O   . HOH G 3 .  ? 2.025   -5.966  2.995   1.00 32.49 ? 107 HOH B O   1 
HETATM 499 O O   . HOH G 3 .  ? 6.757   3.160   9.298   1.00 31.00 ? 108 HOH B O   1 
HETATM 500 O O   . HOH G 3 .  ? 10.692  7.202   4.625   1.00 36.72 ? 109 HOH B O   1 
HETATM 501 O O   . HOH G 3 .  ? 11.618  9.820   -10.422 1.00 41.37 ? 110 HOH B O   1 
# 
loop_
_atom_site_anisotrop.id 
_atom_site_anisotrop.type_symbol 
_atom_site_anisotrop.pdbx_label_atom_id 
_atom_site_anisotrop.pdbx_label_alt_id 
_atom_site_anisotrop.pdbx_label_comp_id 
_atom_site_anisotrop.pdbx_label_asym_id 
_atom_site_anisotrop.pdbx_label_seq_id 
_atom_site_anisotrop.pdbx_PDB_ins_code 
_atom_site_anisotrop.U[1][1] 
_atom_site_anisotrop.U[2][2] 
_atom_site_anisotrop.U[3][3] 
_atom_site_anisotrop.U[1][2] 
_atom_site_anisotrop.U[1][3] 
_atom_site_anisotrop.U[2][3] 
_atom_site_anisotrop.pdbx_auth_seq_id 
_atom_site_anisotrop.pdbx_auth_comp_id 
_atom_site_anisotrop.pdbx_auth_asym_id 
_atom_site_anisotrop.pdbx_auth_atom_id 
1   N N   . GLY A 2  ? 0.7706 0.8509 0.2090 0.0601  0.1223  0.1898  1   GLY A N   
2   C CA  . GLY A 2  ? 0.7455 0.8597 0.2284 0.0779  0.1362  0.1549  1   GLY A CA  
3   C C   . GLY A 2  ? 0.6194 0.7472 0.2395 0.0675  0.1380  0.1711  1   GLY A C   
4   O O   . GLY A 2  ? 0.5765 0.7005 0.2522 0.0493  0.1114  0.1405  1   GLY A O   
5   N N   . GLU A 3  ? 0.5628 0.7429 0.3012 0.0755  0.1343  0.1834  2   GLU A N   
6   C CA  . GLU A 3  ? 0.5013 0.6827 0.3059 0.0708  0.1458  0.1966  2   GLU A CA  
7   C C   . GLU A 3  ? 0.4818 0.6247 0.2566 0.0585  0.1128  0.2144  2   GLU A C   
8   O O   . GLU A 3  ? 0.4507 0.6285 0.2439 0.0548  0.0859  0.2096  2   GLU A O   
9   C CB  . GLU A 3  ? 0.5290 0.6597 0.3750 0.0587  0.1408  0.2406  2   GLU A CB  
10  N N   . ILE A 4  ? 0.4446 0.6244 0.2808 0.0544  0.1160  0.1808  3   ILE A N   
11  C CA  . ILE A 4  ? 0.4177 0.6202 0.2917 0.0348  0.1028  0.1502  3   ILE A CA  
12  C C   . ILE A 4  ? 0.4138 0.5834 0.2223 0.0518  0.0920  0.1542  3   ILE A C   
13  O O   . ILE A 4  ? 0.3812 0.5479 0.2046 0.0286  0.0558  0.1437  3   ILE A O   
14  C CB  . ILE A 4  ? 0.4386 0.6329 0.3108 0.0435  0.1020  0.1825  3   ILE A CB  
15  C CG1 . ILE A 4  ? 0.4184 0.6315 0.3204 0.0461  0.1281  0.1848  3   ILE A CG1 
16  C CG2 . ILE A 4  ? 0.4411 0.5748 0.2916 0.0358  0.0954  0.1893  3   ILE A CG2 
17  C CD1 . ILE A 4  ? 0.4857 0.6777 0.2643 0.0583  0.1235  0.2294  3   ILE A CD1 
18  N N   . ALA A 5  ? 0.4470 0.6595 0.2455 0.0311  0.0618  0.1381  4   ALA A N   
19  C CA  . ALA A 5  ? 0.4504 0.6837 0.2321 0.0183  0.0502  0.1118  4   ALA A CA  
20  C C   . ALA A 5  ? 0.4295 0.6491 0.1781 0.0229  0.0594  0.0694  4   ALA A C   
21  O O   . ALA A 5  ? 0.4450 0.6454 0.1611 -0.0161 0.0471  0.0334  4   ALA A O   
22  C CB  . ALA A 5  ? 0.4984 0.7499 0.2253 0.0066  0.0347  0.1172  4   ALA A CB  
23  N N   . GLN A 6  ? 0.4528 0.6865 0.1793 0.0468  0.1077  0.0917  5   GLN A N   
24  C CA  . GLN A 6  ? 0.4414 0.6491 0.2261 0.0577  0.0961  0.0435  5   GLN A CA  
25  C C   . GLN A 6  ? 0.3833 0.5675 0.2167 0.0447  0.0835  0.0380  5   GLN A C   
26  O O   . GLN A 6  ? 0.3765 0.5402 0.2411 0.0313  0.0527  0.0246  5   GLN A O   
27  C CB  . GLN A 6  ? 0.4844 0.6999 0.2766 0.0904  0.1587  0.0027  5   GLN A CB  
28  C CG  . GLN A 6  ? 0.5462 0.7276 0.4314 0.1092  0.1450  0.0372  5   GLN A CG  
29  C CD  . GLN A 6  ? 0.6143 0.7605 0.5014 0.0710  0.1678  -0.0080 5   GLN A CD  
30  O OE1 . GLN A 6  ? 0.7831 0.8848 0.5690 0.1049  0.1622  -0.1061 5   GLN A OE1 
31  N NE2 . GLN A 6  ? 0.6435 0.7427 0.4177 0.1708  0.0911  0.0014  5   GLN A NE2 
32  N N   . GLN A 7  ? 0.3611 0.5607 0.2165 0.0075  0.0865  0.0735  6   GLN A N   
33  C CA  . GLN A 7  ? 0.3359 0.4840 0.2077 0.0221  0.0551  0.0749  6   GLN A CA  
34  C C   . GLN A 7  ? 0.3167 0.4348 0.2069 0.0097  0.0329  0.0381  6   GLN A C   
35  O O   . GLN A 7  ? 0.3160 0.3669 0.2347 0.0272  0.0209  0.0562  6   GLN A O   
36  C CB  . GLN A 7  ? 0.3324 0.4893 0.2071 -0.0034 0.0853  0.0834  6   GLN A CB  
37  C CG  . GLN A 7  ? 0.3542 0.5410 0.2318 0.0135  0.1232  0.0744  6   GLN A CG  
38  C CD  . GLN A 7  ? 0.3280 0.5374 0.2840 0.0210  0.1058  0.0597  6   GLN A CD  
39  O OE1 . GLN A 7  ? 0.3737 0.4975 0.2671 0.0239  0.0642  0.0380  6   GLN A OE1 
40  N NE2 . GLN A 7  ? 0.4336 0.6044 0.3348 0.0453  0.1470  -0.0025 6   GLN A NE2 
41  N N   . LEU A 8  ? 0.3268 0.4458 0.1947 -0.0115 0.0455  0.0552  7   LEU A N   
42  C CA  . LEU A 8  ? 0.3118 0.4233 0.1822 0.0000  0.0309  0.0481  7   LEU A CA  
43  C C   . LEU A 8  ? 0.3312 0.4044 0.2050 0.0213  0.0155  0.0273  7   LEU A C   
44  O O   . LEU A 8  ? 0.3243 0.3985 0.1852 -0.0037 -0.0149 0.0251  7   LEU A O   
45  C CB  . LEU A 8  ? 0.3438 0.4508 0.2288 0.0037  0.0201  0.0710  7   LEU A CB  
46  C CG  . LEU A 8  ? 0.3584 0.4505 0.2321 -0.0079 0.0408  0.1040  7   LEU A CG  
47  C CD1 . LEU A 8  ? 0.3685 0.4809 0.2595 -0.0036 0.0335  0.1296  7   LEU A CD1 
48  C CD2 . LEU A 8  ? 0.3571 0.3957 0.2642 0.0083  0.0387  0.0721  7   LEU A CD2 
49  N N   . LYS A 9  ? 0.3612 0.4473 0.2020 0.0131  0.0272  0.0280  8   LYS A N   
50  C CA  . LYS A 9  ? 0.3675 0.4472 0.1655 0.0008  0.0176  0.0088  8   LYS A CA  
51  C C   . LYS A 9  ? 0.3765 0.4367 0.1632 0.0181  0.0150  -0.0009 8   LYS A C   
52  O O   . LYS A 9  ? 0.3245 0.4245 0.2201 0.0208  0.0181  -0.0253 8   LYS A O   
53  C CB  . LYS A 9  ? 0.4609 0.4935 0.1792 0.0033  0.0374  -0.0156 8   LYS A CB  
54  C CG  . LYS A 9  ? 0.5738 0.4889 0.2449 0.0019  0.0480  -0.0084 8   LYS A CG  
55  C CD  . LYS A 9  ? 0.7312 0.5829 0.2657 -0.0168 0.0339  -0.0537 8   LYS A CD  
56  C CE  . LYS A 9  ? 0.8633 0.5616 0.3879 -0.0110 0.0264  -0.0732 8   LYS A CE  
57  N NZ  . LYS A 9  ? 0.9238 0.5789 0.4825 0.0272  0.0706  -0.0447 8   LYS A NZ  
58  N N   . GLU A 10 ? 0.3375 0.4056 0.1782 0.0580  0.0477  -0.0003 9   GLU A N   
59  C CA  . GLU A 10 ? 0.3397 0.4015 0.1982 0.0486  0.0278  -0.0009 9   GLU A CA  
60  C C   . GLU A 10 ? 0.2678 0.3538 0.1501 0.0425  -0.0080 0.0164  9   GLU A C   
61  O O   . GLU A 10 ? 0.3197 0.3290 0.1778 0.0113  0.0376  0.0050  9   GLU A O   
62  C CB  . GLU A 10 ? 0.3257 0.4009 0.2203 0.0640  0.0419  0.0198  9   GLU A CB  
63  C CG  . GLU A 10 ? 0.3359 0.4524 0.2228 0.0673  0.0446  0.0436  9   GLU A CG  
64  C CD  . GLU A 10 ? 0.3640 0.4662 0.2718 0.1291  0.0737  0.0157  9   GLU A CD  
65  O OE1 . GLU A 10 ? 0.5680 0.4478 0.3136 0.1560  0.0836  -0.0071 9   GLU A OE1 
66  O OE2 . GLU A 10 ? 0.4418 0.4966 0.3359 0.1099  0.1183  0.0786  9   GLU A OE2 
67  N N   . ILE A 11 ? 0.2685 0.3487 0.1645 0.0208  0.0287  0.0333  10  ILE A N   
68  C CA  . ILE A 11 ? 0.2421 0.3264 0.1511 0.0306  -0.0041 0.0161  10  ILE A CA  
69  C C   . ILE A 11 ? 0.2696 0.2701 0.1446 0.0140  -0.0028 -0.0086 10  ILE A C   
70  O O   . ILE A 11 ? 0.2638 0.2641 0.1531 -0.0107 -0.0104 0.0239  10  ILE A O   
71  C CB  . ILE A 11 ? 0.2470 0.3355 0.1745 0.0315  0.0157  0.0408  10  ILE A CB  
72  C CG1 . ILE A 11 ? 0.2528 0.3368 0.1302 0.0327  0.0320  0.0552  10  ILE A CG1 
73  C CG2 . ILE A 11 ? 0.2583 0.2992 0.1874 0.0153  0.0045  0.0016  10  ILE A CG2 
74  C CD1 . ILE A 11 ? 0.2737 0.3398 0.1778 0.0182  0.0001  0.0504  10  ILE A CD1 
75  N N   . ALA A 12 ? 0.2579 0.3127 0.1701 0.0165  -0.0134 0.0079  11  ALA A N   
76  C CA  . ALA A 12 ? 0.2681 0.3240 0.1963 0.0101  -0.0285 -0.0255 11  ALA A CA  
77  C C   . ALA A 12 ? 0.2815 0.3066 0.1859 -0.0016 0.0046  -0.0224 11  ALA A C   
78  O O   . ALA A 12 ? 0.2716 0.2856 0.2155 -0.0090 -0.0176 -0.0128 11  ALA A O   
79  C CB  . ALA A 12 ? 0.3106 0.3383 0.2005 0.0168  -0.0511 -0.0304 11  ALA A CB  
80  N N   . LYS A 13 ? 0.3008 0.2996 0.1900 0.0177  -0.0011 -0.0380 12  LYS A N   
81  C CA  . LYS A 13 ? 0.3119 0.3017 0.2109 0.0208  -0.0042 -0.0422 12  LYS A CA  
82  C C   . LYS A 13 ? 0.2611 0.2803 0.2003 0.0100  0.0156  -0.0322 12  LYS A C   
83  O O   . LYS A 13 ? 0.3113 0.2519 0.2417 -0.0113 -0.0164 -0.0217 12  LYS A O   
84  C CB  . LYS A 13 ? 0.3206 0.3805 0.2193 0.0358  -0.0011 -0.0663 12  LYS A CB  
85  C CG  . LYS A 13 ? 0.4129 0.4342 0.2793 0.0838  0.0213  -0.0443 12  LYS A CG  
86  C CD  . LYS A 13 ? 0.4707 0.5456 0.2866 0.0974  0.0884  -0.0171 12  LYS A CD  
87  C CE  . LYS A 13 ? 0.6494 0.5675 0.4901 0.0987  0.0840  0.0111  12  LYS A CE  
88  N NZ  . LYS A 13 ? 0.6498 0.5798 0.4939 0.1201  0.1300  0.0292  12  LYS A NZ  
89  N N   . GLN A 14 ? 0.2703 0.2609 0.1791 0.0047  0.0008  0.0056  13  GLN A N   
90  C CA  . GLN A 14 ? 0.2209 0.2581 0.1820 0.0229  -0.0161 -0.0037 13  GLN A CA  
91  C C   . GLN A 14 ? 0.2180 0.2144 0.2258 0.0102  -0.0108 -0.0188 13  GLN A C   
92  O O   . GLN A 14 ? 0.2380 0.2268 0.2061 0.0244  -0.0110 -0.0051 13  GLN A O   
93  C CB  . GLN A 14 ? 0.2148 0.2774 0.2172 0.0131  0.0001  -0.0079 13  GLN A CB  
94  C CG  . GLN A 14 ? 0.2234 0.3179 0.2232 0.0170  0.0281  -0.0086 13  GLN A CG  
95  C CD  . GLN A 14 ? 0.2082 0.3042 0.2575 0.0221  0.0387  0.0086  13  GLN A CD  
96  O OE1 . GLN A 14 ? 0.2730 0.2764 0.2546 0.0133  0.0092  -0.0014 13  GLN A OE1 
97  N NE2 . GLN A 14 ? 0.3185 0.4044 0.2691 0.0530  0.0448  -0.0180 13  GLN A NE2 
98  N N   . LEU A 15 ? 0.2352 0.2347 0.1852 0.0085  -0.0005 0.0011  14  LEU A N   
99  C CA  . LEU A 15 ? 0.2289 0.2093 0.1920 0.0043  -0.0059 -0.0045 14  LEU A CA  
100 C C   . LEU A 15 ? 0.2266 0.2134 0.2459 -0.0077 -0.0101 -0.0450 14  LEU A C   
101 O O   . LEU A 15 ? 0.2371 0.2133 0.2263 -0.0052 -0.0033 -0.0157 14  LEU A O   
102 C CB  . LEU A 15 ? 0.2450 0.2569 0.1781 0.0112  -0.0253 0.0000  14  LEU A CB  
103 C CG  . LEU A 15 ? 0.2373 0.2592 0.2047 -0.0057 -0.0235 0.0013  14  LEU A CG  
104 C CD1 . LEU A 15 ? 0.2500 0.2370 0.2224 0.0255  -0.0127 -0.0014 14  LEU A CD1 
105 C CD2 . LEU A 15 ? 0.2115 0.2205 0.2316 0.0174  0.0041  0.0067  14  LEU A CD2 
106 N N   . LYS A 16 ? 0.2435 0.2405 0.2304 -0.0084 -0.0380 -0.0287 15  LYS A N   
107 C CA  . LYS A 16 ? 0.2964 0.2125 0.2463 -0.0016 -0.0553 -0.0372 15  LYS A CA  
108 C C   . LYS A 16 ? 0.2587 0.1997 0.2630 -0.0014 -0.0448 -0.0245 15  LYS A C   
109 O O   . LYS A 16 ? 0.2857 0.2057 0.2636 0.0037  -0.0203 -0.0127 15  LYS A O   
110 C CB  . LYS A 16 ? 0.3552 0.3132 0.2440 0.0021  -0.0452 -0.0377 15  LYS A CB  
111 C CG  . LYS A 16 ? 0.4226 0.2912 0.3101 -0.0108 -0.0665 -0.0212 15  LYS A CG  
112 C CD  . LYS A 16 ? 0.4711 0.3423 0.3649 -0.0041 -0.0769 -0.0850 15  LYS A CD  
113 C CE  . LYS A 16 ? 0.5423 0.3744 0.5375 -0.0367 -0.0835 -0.0610 15  LYS A CE  
114 N N   . GLU A 17 ? 0.2431 0.1941 0.2350 0.0045  -0.0057 -0.0133 16  GLU A N   
115 C CA  . GLU A 17 ? 0.2518 0.1838 0.2482 0.0403  -0.0116 -0.0156 16  GLU A CA  
116 C C   . GLU A 17 ? 0.2384 0.1830 0.2623 0.0285  -0.0132 -0.0036 16  GLU A C   
117 O O   . GLU A 17 ? 0.2662 0.1934 0.2567 0.0135  -0.0088 0.0167  16  GLU A O   
118 C CB  . GLU A 17 ? 0.2646 0.2175 0.2623 0.0464  0.0050  -0.0337 16  GLU A CB  
119 C CG  . GLU A 17 ? 0.2294 0.2591 0.2756 0.0667  0.0070  -0.0242 16  GLU A CG  
120 C CD  . GLU A 17 ? 0.3591 0.2632 0.3381 0.1072  0.0370  -0.0159 16  GLU A CD  
121 O OE1 . GLU A 17 ? 0.4129 0.2695 0.3994 0.0485  -0.0145 -0.0409 16  GLU A OE1 
122 O OE2 . GLU A 17 ? 0.4673 0.2616 0.3930 0.0671  0.0749  0.0427  16  GLU A OE2 
123 N N   . ILE A 18 ? 0.2330 0.1662 0.2488 0.0082  0.0070  0.0098  17  ILE A N   
124 C CA  . ILE A 18 ? 0.2320 0.1812 0.2289 0.0111  -0.0277 0.0058  17  ILE A CA  
125 C C   . ILE A 18 ? 0.2318 0.1698 0.2349 0.0245  -0.0003 -0.0205 17  ILE A C   
126 O O   . ILE A 18 ? 0.2495 0.1931 0.2341 -0.0086 0.0051  0.0002  17  ILE A O   
127 C CB  . ILE A 18 ? 0.2015 0.1762 0.2355 0.0216  -0.0364 0.0015  17  ILE A CB  
128 C CG1 . ILE A 18 ? 0.2164 0.1872 0.1913 -0.0061 -0.0238 0.0079  17  ILE A CG1 
129 C CG2 . ILE A 18 ? 0.2261 0.1603 0.2157 0.0202  -0.0155 0.0175  17  ILE A CG2 
130 C CD1 . ILE A 18 ? 0.2410 0.1938 0.1950 -0.0212 -0.0231 0.0019  17  ILE A CD1 
131 N N   . ALA A 19 ? 0.2189 0.2012 0.2330 0.0064  -0.0174 0.0208  18  ALA A N   
132 C CA  . ALA A 19 ? 0.2125 0.1965 0.2747 -0.0043 -0.0153 -0.0015 18  ALA A CA  
133 C C   . ALA A 19 ? 0.2127 0.1961 0.2728 -0.0083 -0.0138 -0.0037 18  ALA A C   
134 O O   . ALA A 19 ? 0.2506 0.2206 0.2910 -0.0180 -0.0029 0.0161  18  ALA A O   
135 C CB  . ALA A 19 ? 0.2425 0.1980 0.3034 -0.0015 -0.0299 0.0052  18  ALA A CB  
136 N N   . TRP A 20 ? 0.2716 0.1842 0.3093 0.0020  -0.0127 -0.0265 19  TRP A N   
137 C CA  . TRP A 20 ? 0.2673 0.1787 0.3114 -0.0118 -0.0031 -0.0228 19  TRP A CA  
138 C C   . TRP A 20 ? 0.2774 0.1842 0.3198 -0.0105 -0.0033 0.0047  19  TRP A C   
139 O O   . TRP A 20 ? 0.2878 0.2057 0.3382 -0.0112 0.0196  0.0074  19  TRP A O   
140 C CB  . TRP A 20 ? 0.2995 0.1943 0.2746 -0.0032 0.0123  -0.0126 19  TRP A CB  
141 C CG  . TRP A 20 ? 0.3229 0.2130 0.3353 0.0438  0.0161  -0.0028 19  TRP A CG  
142 C CD1 . TRP A 20 ? 0.3676 0.2221 0.3900 0.0529  -0.0249 0.0036  19  TRP A CD1 
143 C CD2 . TRP A 20 ? 0.3667 0.2717 0.3699 0.0275  -0.0109 -0.0188 19  TRP A CD2 
144 N NE1 . TRP A 20 ? 0.4629 0.2417 0.4505 0.0276  -0.0137 0.0517  19  TRP A NE1 
145 C CE2 . TRP A 20 ? 0.4435 0.2185 0.4138 0.0167  0.0163  0.0030  19  TRP A CE2 
146 C CE3 . TRP A 20 ? 0.3822 0.2639 0.4416 0.0189  -0.0635 -0.0411 19  TRP A CE3 
147 C CZ2 . TRP A 20 ? 0.5353 0.2116 0.4957 0.0263  0.0166  -0.0197 19  TRP A CZ2 
148 C CZ3 . TRP A 20 ? 0.5075 0.2353 0.5057 -0.0077 -0.0729 -0.0551 19  TRP A CZ3 
149 C CH2 . TRP A 20 ? 0.5845 0.1819 0.5563 -0.0140 -0.0355 -0.0643 19  TRP A CH2 
150 N N   . GLN A 21 ? 0.2674 0.1648 0.2790 -0.0068 0.0051  0.0288  20  GLN A N   
151 C CA  . GLN A 21 ? 0.2536 0.1933 0.2681 0.0256  -0.0065 0.0282  20  GLN A CA  
152 C C   . GLN A 21 ? 0.2395 0.2182 0.2634 0.0042  0.0076  0.0495  20  GLN A C   
153 O O   . GLN A 21 ? 0.2787 0.2530 0.2517 0.0114  0.0113  0.0673  20  GLN A O   
154 C CB  . GLN A 21 ? 0.2678 0.2283 0.2332 0.0094  -0.0067 0.0228  20  GLN A CB  
155 C CG  . GLN A 21 ? 0.2581 0.2277 0.2968 0.0022  0.0079  0.0067  20  GLN A CG  
156 C CD  . GLN A 21 ? 0.2754 0.2384 0.3455 0.0253  -0.0133 0.0215  20  GLN A CD  
157 O OE1 . GLN A 21 ? 0.2886 0.2355 0.3284 0.0225  -0.0247 0.0312  20  GLN A OE1 
158 N NE2 . GLN A 21 ? 0.2591 0.2684 0.3738 0.0493  -0.0150 -0.0063 20  GLN A NE2 
159 N N   . LEU A 22 ? 0.2332 0.1907 0.2505 -0.0109 0.0249  0.0390  21  LEU A N   
160 C CA  . LEU A 22 ? 0.2430 0.2108 0.2823 0.0078  0.0204  0.0144  21  LEU A CA  
161 C C   . LEU A 22 ? 0.2950 0.1890 0.2915 -0.0081 0.0502  0.0390  21  LEU A C   
162 O O   . LEU A 22 ? 0.2927 0.2546 0.2898 -0.0093 0.0504  0.0694  21  LEU A O   
163 C CB  . LEU A 22 ? 0.2505 0.2050 0.2700 -0.0024 0.0392  0.0051  21  LEU A CB  
164 C CG  . LEU A 22 ? 0.2421 0.2074 0.2697 -0.0060 0.0359  0.0079  21  LEU A CG  
165 C CD1 . LEU A 22 ? 0.2592 0.2550 0.2375 0.0330  0.0315  0.0139  21  LEU A CD1 
166 C CD2 . LEU A 22 ? 0.3242 0.2025 0.2929 -0.0154 0.0409  0.0150  21  LEU A CD2 
167 N N   . LYS A 23 ? 0.2847 0.1934 0.3308 0.0035  0.0094  0.0130  22  LYS A N   
168 C CA  . LYS A 23 ? 0.2905 0.2063 0.3805 -0.0088 0.0220  0.0183  22  LYS A CA  
169 C C   . LYS A 23 ? 0.2937 0.2176 0.3771 -0.0055 0.0373  0.0363  22  LYS A C   
170 O O   . LYS A 23 ? 0.3521 0.1944 0.4375 -0.0214 0.0587  0.0524  22  LYS A O   
171 C CB  . LYS A 23 ? 0.3262 0.2314 0.4075 -0.0329 -0.0092 -0.0059 22  LYS A CB  
172 C CG  . LYS A 23 ? 0.3718 0.2397 0.4669 -0.0628 -0.0169 0.0106  22  LYS A CG  
173 C CD  . LYS A 23 ? 0.4912 0.3066 0.4890 -0.0704 -0.0432 -0.0309 22  LYS A CD  
174 N N   . GLU A 24 ? 0.3196 0.1887 0.3801 0.0233  0.0330  0.0357  23  GLU A N   
175 C CA  . GLU A 24 ? 0.3606 0.2046 0.4104 0.0400  0.0279  0.0620  23  GLU A CA  
176 C C   . GLU A 24 ? 0.3634 0.2149 0.3880 0.0149  0.0635  0.1168  23  GLU A C   
177 O O   . GLU A 24 ? 0.4503 0.2583 0.3863 0.0264  0.0662  0.1653  23  GLU A O   
178 C CB  . GLU A 24 ? 0.3552 0.2210 0.4418 0.0568  0.0029  0.0664  23  GLU A CB  
179 C CG  . GLU A 24 ? 0.3945 0.2363 0.4609 0.0648  0.0507  0.0478  23  GLU A CG  
180 C CD  . GLU A 24 ? 0.4402 0.2563 0.5435 0.0326  0.0454  0.0353  23  GLU A CD  
181 O OE1 . GLU A 24 ? 0.5220 0.2421 0.6849 0.0479  0.0680  0.0726  23  GLU A OE1 
182 O OE2 . GLU A 24 ? 0.5514 0.3611 0.5409 0.0349  0.0008  -0.0001 23  GLU A OE2 
183 N N   . ILE A 25 ? 0.3674 0.2447 0.3112 0.0234  0.0306  0.0925  24  ILE A N   
184 C CA  . ILE A 25 ? 0.3870 0.3022 0.3230 0.0161  0.0407  0.0774  24  ILE A CA  
185 C C   . ILE A 25 ? 0.4173 0.2906 0.3299 -0.0097 0.1061  0.1157  24  ILE A C   
186 O O   . ILE A 25 ? 0.4251 0.3783 0.3319 -0.0113 0.0953  0.1515  24  ILE A O   
187 C CB  . ILE A 25 ? 0.3454 0.3084 0.2329 0.0064  0.0228  0.0881  24  ILE A CB  
188 C CG1 . ILE A 25 ? 0.3388 0.3540 0.2619 0.0349  -0.0100 0.0767  24  ILE A CG1 
189 C CG2 . ILE A 25 ? 0.4009 0.3585 0.2702 0.0160  0.0739  0.0765  24  ILE A CG2 
190 C CD1 . ILE A 25 ? 0.3004 0.3628 0.2590 0.0102  -0.0506 0.0519  24  ILE A CD1 
191 N N   . ALA A 26 ? 0.3646 0.2576 0.3423 -0.0109 0.1088  0.0973  25  ALA A N   
192 C CA  . ALA A 26 ? 0.3705 0.2459 0.3998 0.0110  0.1413  0.1133  25  ALA A CA  
193 C C   . ALA A 26 ? 0.4048 0.2717 0.4706 -0.0289 0.1689  0.1004  25  ALA A C   
194 O O   . ALA A 26 ? 0.4796 0.2909 0.4521 -0.0025 0.2006  0.1323  25  ALA A O   
195 C CB  . ALA A 26 ? 0.3446 0.2291 0.4268 -0.0163 0.1124  0.1083  25  ALA A CB  
196 N N   . GLN A 27 ? 0.4617 0.2658 0.4569 -0.0177 0.1658  0.1001  26  GLN A N   
197 C CA  . GLN A 27 ? 0.5132 0.2784 0.5321 -0.0464 0.1836  0.0983  26  GLN A CA  
198 C C   . GLN A 27 ? 0.5930 0.2890 0.5640 -0.0334 0.1828  0.1442  26  GLN A C   
199 O O   . GLN A 27 ? 0.6194 0.3328 0.6047 -0.0559 0.1643  0.2127  26  GLN A O   
200 C CB  . GLN A 27 ? 0.5292 0.2249 0.5456 -0.0626 0.1694  0.0813  26  GLN A CB  
201 C CG  . GLN A 27 ? 0.5771 0.2856 0.5610 -0.0652 0.1483  0.0397  26  GLN A CG  
202 C CD  . GLN A 27 ? 0.6636 0.3242 0.6162 -0.0306 0.1161  -0.0246 26  GLN A CD  
203 O OE1 . GLN A 27 ? 0.8077 0.3566 0.6063 0.0469  0.1509  -0.0006 26  GLN A OE1 
204 N NE2 . GLN A 27 ? 0.6061 0.4007 0.6132 -0.0992 0.0964  -0.0401 26  GLN A NE2 
205 N N   . GLN A 28 ? 0.5631 0.3275 0.5252 0.0028  0.1798  0.1568  27  GLN A N   
206 C CA  . GLN A 28 ? 0.6928 0.3800 0.5726 0.0460  0.1561  0.2413  27  GLN A CA  
207 C C   . GLN A 28 ? 0.7665 0.4893 0.5500 0.0748  0.1799  0.2658  27  GLN A C   
208 O O   . GLN A 28 ? 0.9154 0.5177 0.6390 0.0517  0.2588  0.3335  27  GLN A O   
209 C CB  . GLN A 28 ? 0.6824 0.4472 0.4692 0.0649  0.1187  0.2861  27  GLN A CB  
210 C CG  . GLN A 28 ? 0.7006 0.4860 0.4760 0.0767  0.1034  0.2363  27  GLN A CG  
211 C CD  . GLN A 28 ? 0.7061 0.5896 0.5056 0.0858  0.0035  0.1862  27  GLN A CD  
212 O OE1 . GLN A 28 ? 0.7403 0.6773 0.5836 0.0203  0.0431  0.2503  27  GLN A OE1 
213 N NE2 . GLN A 28 ? 0.7293 0.6588 0.5498 0.1194  -0.0661 0.1785  27  GLN A NE2 
214 N N   . LEU A 29 ? 0.7350 0.4568 0.5413 0.0399  0.2463  0.2440  28  LEU A N   
215 C CA  . LEU A 29 ? 0.8138 0.4857 0.4626 0.0577  0.2387  0.2808  28  LEU A CA  
216 C C   . LEU A 29 ? 0.8195 0.5793 0.5233 0.0284  0.2688  0.2880  28  LEU A C   
217 O O   . LEU A 29 ? 0.9632 0.7450 0.5608 -0.0145 0.3461  0.2647  28  LEU A O   
218 C CB  . LEU A 29 ? 0.7478 0.4725 0.4876 0.0877  0.1916  0.2417  28  LEU A CB  
219 C CG  . LEU A 29 ? 0.7412 0.4941 0.4117 0.0828  0.1639  0.1804  28  LEU A CG  
220 C CD1 . LEU A 29 ? 0.7284 0.4987 0.3226 0.1084  0.1599  0.1778  28  LEU A CD1 
221 C CD2 . LEU A 29 ? 0.7850 0.5076 0.4623 0.0854  0.1124  0.1831  28  LEU A CD2 
222 N N   . LYS A 30 ? 0.7543 0.5955 0.5296 -0.0148 0.3106  0.2652  29  LYS A N   
223 C CA  . LYS A 30 ? 0.7773 0.5795 0.6333 -0.0327 0.3406  0.2370  29  LYS A CA  
224 C C   . LYS A 30 ? 0.8573 0.5800 0.6314 -0.0265 0.3641  0.2290  29  LYS A C   
225 O O   . LYS A 30 ? 0.9655 0.6393 0.8075 -0.0904 0.3977  0.2191  29  LYS A O   
226 C CB  . LYS A 30 ? 0.6947 0.5649 0.6469 -0.0809 0.3468  0.1968  29  LYS A CB  
227 C CG  . LYS A 30 ? 0.6429 0.5610 0.6241 -0.0962 0.3678  0.2190  29  LYS A CG  
228 C CD  . LYS A 30 ? 0.6570 0.4839 0.6656 -0.0872 0.2926  0.2041  29  LYS A CD  
229 C CE  . LYS A 30 ? 0.6776 0.4838 0.6378 -0.0735 0.3221  0.2184  29  LYS A CE  
230 N NZ  . LYS A 30 ? 0.7206 0.4501 0.6230 -0.0796 0.2730  0.1724  29  LYS A NZ  
231 N N   . GLY A 31 ? 0.8826 0.5306 0.6144 0.0165  0.3641  0.1985  30  GLY A N   
232 N N   . GLY B 2  ? 0.8176 0.7113 0.5085 0.0373  0.2762  0.2132  1   GLY B N   
233 C CA  . GLY B 2  ? 0.7295 0.7000 0.5155 0.0295  0.3162  0.2268  1   GLY B CA  
234 C C   . GLY B 2  ? 0.6674 0.5323 0.5317 -0.0245 0.3529  0.2630  1   GLY B C   
235 O O   . GLY B 2  ? 0.6765 0.5948 0.4898 0.0409  0.2480  0.2925  1   GLY B O   
236 N N   . GLU B 3  ? 0.6075 0.6022 0.6160 0.0390  0.3393  0.1669  2   GLU B N   
237 C CA  . GLU B 3  ? 0.6282 0.5166 0.6121 -0.0238 0.2655  0.1676  2   GLU B CA  
238 C C   . GLU B 3  ? 0.5768 0.4164 0.5181 -0.0034 0.2155  0.1712  2   GLU B C   
239 O O   . GLU B 3  ? 0.6224 0.4635 0.4805 -0.0397 0.2302  0.1254  2   GLU B O   
240 C CB  . GLU B 3  ? 0.6678 0.5286 0.7584 -0.0432 0.2403  0.1297  2   GLU B CB  
241 N N   . ILE B 4  ? 0.6180 0.4602 0.4644 -0.0185 0.1946  0.2077  3   ILE B N   
242 C CA  . ILE B 4  ? 0.5440 0.4990 0.4123 0.0075  0.1787  0.1633  3   ILE B CA  
243 C C   . ILE B 4  ? 0.4999 0.4914 0.3281 -0.0235 0.1620  0.1974  3   ILE B C   
244 O O   . ILE B 4  ? 0.4485 0.4668 0.3239 -0.0360 0.1402  0.1979  3   ILE B O   
245 C CB  . ILE B 4  ? 0.5935 0.5826 0.4435 -0.0040 0.1385  0.1762  3   ILE B CB  
246 C CG1 . ILE B 4  ? 0.6199 0.5949 0.5291 -0.0094 0.1497  0.1894  3   ILE B CG1 
247 C CG2 . ILE B 4  ? 0.5772 0.5384 0.3606 0.0169  0.0748  0.1881  3   ILE B CG2 
248 C CD1 . ILE B 4  ? 0.6563 0.5569 0.6258 0.0075  0.1754  0.1515  3   ILE B CD1 
249 N N   . ALA B 5  ? 0.5287 0.5266 0.3569 -0.0049 0.1693  0.1618  4   ALA B N   
250 C CA  . ALA B 5  ? 0.5093 0.5254 0.3429 -0.0060 0.1710  0.1433  4   ALA B CA  
251 C C   . ALA B 5  ? 0.5303 0.4643 0.2918 -0.0354 0.1862  0.1552  4   ALA B C   
252 O O   . ALA B 5  ? 0.5260 0.4351 0.3209 -0.0262 0.2009  0.1377  4   ALA B O   
253 C CB  . ALA B 5  ? 0.5695 0.5545 0.3658 -0.0071 0.2383  0.1832  4   ALA B CB  
254 N N   . GLN B 6  ? 0.5012 0.4664 0.3597 -0.0418 0.2262  0.1457  5   GLN B N   
255 C CA  . GLN B 6  ? 0.4416 0.4588 0.4271 -0.0685 0.1948  0.0886  5   GLN B CA  
256 C C   . GLN B 6  ? 0.4083 0.3573 0.4135 -0.0775 0.1788  0.1218  5   GLN B C   
257 O O   . GLN B 6  ? 0.3213 0.3884 0.3881 -0.0449 0.1484  0.1091  5   GLN B O   
258 C CB  . GLN B 6  ? 0.4388 0.5318 0.5413 -0.1318 0.2284  0.1288  5   GLN B CB  
259 C CG  . GLN B 6  ? 0.5382 0.6690 0.6006 -0.0720 0.2516  0.0856  5   GLN B CG  
260 C CD  . GLN B 6  ? 0.6087 0.7033 0.6714 -0.1321 0.2027  0.1351  5   GLN B CD  
261 O OE1 . GLN B 6  ? 0.7748 0.7170 0.8310 -0.1200 0.0688  0.0426  5   GLN B OE1 
262 N NE2 . GLN B 6  ? 0.6437 0.8153 0.6602 -0.1243 0.2693  0.1863  5   GLN B NE2 
263 N N   . GLN B 7  ? 0.4187 0.3559 0.3617 -0.0842 0.1599  0.1149  6   GLN B N   
264 C CA  . GLN B 7  ? 0.3438 0.3385 0.3636 -0.0796 0.1322  0.0450  6   GLN B CA  
265 C C   . GLN B 7  ? 0.3429 0.3293 0.3188 -0.0746 0.0974  0.0858  6   GLN B C   
266 O O   . GLN B 7  ? 0.3142 0.2869 0.2921 -0.0055 0.1035  0.0473  6   GLN B O   
267 C CB  . GLN B 7  ? 0.3959 0.3446 0.4245 -0.0605 0.1380  0.0731  6   GLN B CB  
268 C CG  . GLN B 7  ? 0.4398 0.3428 0.5110 -0.0485 0.1092  0.0350  6   GLN B CG  
269 C CD  . GLN B 7  ? 0.4157 0.3009 0.4826 -0.0876 0.1353  0.0166  6   GLN B CD  
270 O OE1 . GLN B 7  ? 0.4414 0.3400 0.4626 -0.0704 0.1269  0.0221  6   GLN B OE1 
271 N NE2 . GLN B 7  ? 0.4195 0.4613 0.6965 -0.1309 0.1106  0.0440  6   GLN B NE2 
272 N N   . LEU B 8  ? 0.3856 0.3564 0.3092 -0.0383 0.1351  0.0507  7   LEU B N   
273 C CA  . LEU B 8  ? 0.3501 0.3532 0.2384 -0.0180 0.0954  0.0464  7   LEU B CA  
274 C C   . LEU B 8  ? 0.3520 0.3514 0.2331 -0.0063 0.1081  0.0439  7   LEU B C   
275 O O   . LEU B 8  ? 0.3344 0.3009 0.2272 -0.0082 0.0756  0.0192  7   LEU B O   
276 C CB  . LEU B 8  ? 0.4131 0.3918 0.2567 0.0006  0.0645  0.0611  7   LEU B CB  
277 C CG  . LEU B 8  ? 0.4221 0.3872 0.2127 -0.0045 0.0778  0.0881  7   LEU B CG  
278 C CD1 . LEU B 8  ? 0.4765 0.4717 0.2073 -0.0131 0.0753  0.1053  7   LEU B CD1 
279 C CD2 . LEU B 8  ? 0.4075 0.3729 0.2376 0.0262  0.0662  0.1013  7   LEU B CD2 
280 N N   . LYS B 9  ? 0.3618 0.3488 0.2628 0.0025  0.1230  0.0783  8   LYS B N   
281 C CA  . LYS B 9  ? 0.3380 0.3841 0.2550 0.0332  0.1128  0.0341  8   LYS B CA  
282 C C   . LYS B 9  ? 0.2766 0.3508 0.2488 -0.0167 0.1082  0.0465  8   LYS B C   
283 O O   . LYS B 9  ? 0.2503 0.3379 0.2784 -0.0067 0.0973  0.0396  8   LYS B O   
284 C CB  . LYS B 9  ? 0.3344 0.4692 0.3330 0.0183  0.1086  0.0414  8   LYS B CB  
285 C CG  . LYS B 9  ? 0.3199 0.5436 0.3980 0.0573  0.1254  0.0517  8   LYS B CG  
286 C CD  . LYS B 9  ? 0.3603 0.6509 0.4605 0.0576  0.1868  0.0586  8   LYS B CD  
287 C CE  . LYS B 9  ? 0.4495 0.6625 0.6058 0.1215  0.1619  0.0383  8   LYS B CE  
288 N NZ  . LYS B 9  ? 0.3577 0.6841 0.6578 0.1496  0.0947  0.0446  8   LYS B NZ  
289 N N   . GLU B 10 ? 0.2591 0.3609 0.2694 -0.0065 0.1101  0.0304  9   GLU B N   
290 C CA  . GLU B 10 ? 0.2363 0.3211 0.2804 -0.0056 0.0847  0.0052  9   GLU B CA  
291 C C   . GLU B 10 ? 0.2103 0.2618 0.2813 -0.0109 0.0498  0.0111  9   GLU B C   
292 O O   . GLU B 10 ? 0.2292 0.3068 0.2699 -0.0012 0.0337  0.0067  9   GLU B O   
293 C CB  . GLU B 10 ? 0.1974 0.3103 0.3627 0.0059  0.0836  0.0093  9   GLU B CB  
294 C CG  . GLU B 10 ? 0.2673 0.3844 0.3620 -0.0324 0.0592  0.0077  9   GLU B CG  
295 C CD  . GLU B 10 ? 0.2417 0.4702 0.3615 -0.0740 0.0274  0.0345  9   GLU B CD  
296 O OE1 . GLU B 10 ? 0.2461 0.5644 0.4529 -0.0290 0.0562  0.0344  9   GLU B OE1 
297 O OE2 . GLU B 10 ? 0.3419 0.4731 0.3501 -0.0715 0.0321  0.0258  9   GLU B OE2 
298 N N   . ILE B 11 ? 0.2202 0.2808 0.2439 -0.0066 0.0554  0.0130  10  ILE B N   
299 C CA  . ILE B 11 ? 0.2160 0.2655 0.1975 0.0120  0.0492  0.0011  10  ILE B CA  
300 C C   . ILE B 11 ? 0.1923 0.2636 0.1932 0.0197  0.0233  0.0174  10  ILE B C   
301 O O   . ILE B 11 ? 0.2159 0.2624 0.2051 -0.0095 0.0425  -0.0040 10  ILE B O   
302 C CB  . ILE B 11 ? 0.2260 0.3018 0.1838 0.0023  0.0492  0.0346  10  ILE B CB  
303 C CG1 . ILE B 11 ? 0.2709 0.2738 0.2104 -0.0109 0.0704  0.0486  10  ILE B CG1 
304 C CG2 . ILE B 11 ? 0.2270 0.3137 0.1820 -0.0087 -0.0050 0.0414  10  ILE B CG2 
305 C CD1 . ILE B 11 ? 0.2937 0.2906 0.2416 0.0149  0.0965  0.0584  10  ILE B CD1 
306 N N   . ALA B 12 ? 0.2433 0.2701 0.2407 0.0116  0.0481  -0.0099 11  ALA B N   
307 C CA  . ALA B 12 ? 0.2476 0.2760 0.2134 -0.0098 0.0546  -0.0035 11  ALA B CA  
308 C C   . ALA B 12 ? 0.2216 0.2573 0.2408 0.0129  0.0529  -0.0008 11  ALA B C   
309 O O   . ALA B 12 ? 0.2344 0.2813 0.2116 -0.0122 0.0245  0.0023  11  ALA B O   
310 C CB  . ALA B 12 ? 0.3133 0.2580 0.2170 0.0075  0.0814  0.0256  11  ALA B CB  
311 N N   . LYS B 13 ? 0.2264 0.2805 0.2321 0.0024  0.0727  0.0023  12  LYS B N   
312 C CA  . LYS B 13 ? 0.2110 0.3308 0.2658 0.0266  0.0486  -0.0339 12  LYS B CA  
313 C C   . LYS B 13 ? 0.1977 0.2755 0.2518 0.0228  0.0293  -0.0283 12  LYS B C   
314 O O   . LYS B 13 ? 0.2079 0.3025 0.2487 0.0108  0.0326  -0.0133 12  LYS B O   
315 C CB  . LYS B 13 ? 0.2053 0.3555 0.2875 0.0213  0.0683  -0.0347 12  LYS B CB  
316 C CG  . LYS B 13 ? 0.2340 0.4184 0.3623 0.0224  0.0149  -0.0168 12  LYS B CG  
317 C CD  . LYS B 13 ? 0.2695 0.4795 0.4020 -0.0216 -0.0092 -0.0008 12  LYS B CD  
318 C CE  . LYS B 13 ? 0.3823 0.5562 0.4202 -0.0289 -0.0419 -0.0046 12  LYS B CE  
319 N NZ  . LYS B 13 ? 0.4479 0.5960 0.5166 -0.0192 -0.0526 0.0450  12  LYS B NZ  
320 N N   . GLN B 14 ? 0.1896 0.2581 0.2257 -0.0029 0.0268  -0.0303 13  GLN B N   
321 C CA  . GLN B 14 ? 0.2087 0.2523 0.2123 -0.0178 0.0220  -0.0246 13  GLN B CA  
322 C C   . GLN B 14 ? 0.1855 0.2354 0.2051 0.0048  0.0150  -0.0286 13  GLN B C   
323 O O   . GLN B 14 ? 0.2032 0.2468 0.2006 0.0042  -0.0064 -0.0031 13  GLN B O   
324 C CB  . GLN B 14 ? 0.2138 0.2322 0.2319 -0.0124 0.0253  -0.0263 13  GLN B CB  
325 C CG  . GLN B 14 ? 0.2238 0.2931 0.2466 -0.0316 0.0280  -0.0354 13  GLN B CG  
326 C CD  . GLN B 14 ? 0.2101 0.3093 0.2769 -0.0573 0.0086  -0.0339 13  GLN B CD  
327 O OE1 . GLN B 14 ? 0.2356 0.3154 0.2688 -0.0279 0.0120  -0.0205 13  GLN B OE1 
328 N NE2 . GLN B 14 ? 0.2040 0.3741 0.3522 -0.0277 0.0416  -0.0368 13  GLN B NE2 
329 N N   . LEU B 15 ? 0.2039 0.2326 0.1978 -0.0035 -0.0032 -0.0145 14  LEU B N   
330 C CA  . LEU B 15 ? 0.2153 0.2298 0.1951 0.0105  -0.0138 -0.0349 14  LEU B CA  
331 C C   . LEU B 15 ? 0.2065 0.2294 0.2071 0.0305  -0.0025 -0.0317 14  LEU B C   
332 O O   . LEU B 15 ? 0.2118 0.2459 0.2165 0.0130  -0.0080 -0.0035 14  LEU B O   
333 C CB  . LEU B 15 ? 0.2317 0.2104 0.1570 0.0036  0.0112  -0.0161 14  LEU B CB  
334 C CG  . LEU B 15 ? 0.2272 0.2195 0.1826 -0.0080 0.0000  -0.0100 14  LEU B CG  
335 C CD1 . LEU B 15 ? 0.2221 0.2863 0.1860 0.0260  -0.0223 -0.0002 14  LEU B CD1 
336 C CD2 . LEU B 15 ? 0.2486 0.2399 0.1874 0.0070  0.0283  0.0203  14  LEU B CD2 
337 N N   . LYS B 16 ? 0.2311 0.2245 0.2076 0.0248  0.0154  -0.0208 15  LYS B N   
338 C CA  . LYS B 16 ? 0.2485 0.2161 0.2436 0.0342  0.0096  -0.0276 15  LYS B CA  
339 C C   . LYS B 16 ? 0.2357 0.2406 0.2483 0.0278  -0.0019 -0.0104 15  LYS B C   
340 O O   . LYS B 16 ? 0.2506 0.2250 0.2582 0.0238  -0.0212 -0.0159 15  LYS B O   
341 C CB  . LYS B 16 ? 0.2595 0.2887 0.2717 0.0198  0.0455  0.0054  15  LYS B CB  
342 C CG  . LYS B 16 ? 0.3451 0.3410 0.3013 0.0781  0.0493  0.0252  15  LYS B CG  
343 C CD  . LYS B 16 ? 0.3784 0.4175 0.3787 0.0814  0.1179  0.0595  15  LYS B CD  
344 C CE  . LYS B 16 ? 0.5887 0.4623 0.5168 0.1075  0.0791  0.0205  15  LYS B CE  
345 N NZ  . LYS B 16 ? 0.7168 0.5650 0.4185 0.0470  0.0794  0.0698  15  LYS B NZ  
346 N N   . GLU B 17 ? 0.2182 0.2560 0.2226 0.0356  -0.0024 -0.0070 16  GLU B N   
347 C CA  . GLU B 17 ? 0.1806 0.2634 0.2247 0.0440  -0.0208 -0.0258 16  GLU B CA  
348 C C   . GLU B 17 ? 0.1953 0.2404 0.2554 0.0152  -0.0198 -0.0104 16  GLU B C   
349 O O   . GLU B 17 ? 0.2482 0.2294 0.2437 0.0167  -0.0399 -0.0023 16  GLU B O   
350 C CB  . GLU B 17 ? 0.1822 0.3095 0.2381 0.0130  -0.0050 -0.0096 16  GLU B CB  
351 C CG  . GLU B 17 ? 0.2055 0.3719 0.2516 0.0153  -0.0461 -0.0258 16  GLU B CG  
352 C CD  . GLU B 17 ? 0.2141 0.4499 0.3146 0.0416  -0.0614 0.0147  16  GLU B CD  
353 O OE1 . GLU B 17 ? 0.3112 0.4849 0.4375 0.1305  -0.0934 -0.0414 16  GLU B OE1 
354 O OE2 . GLU B 17 ? 0.2983 0.4871 0.3303 0.0221  -0.0812 0.0223  16  GLU B OE2 
355 N N   . ILE B 18 ? 0.1936 0.2338 0.1908 0.0140  -0.0032 0.0075  17  ILE B N   
356 C CA  . ILE B 18 ? 0.1868 0.2117 0.2272 0.0199  -0.0110 -0.0199 17  ILE B CA  
357 C C   . ILE B 18 ? 0.1988 0.2053 0.2064 0.0133  0.0009  -0.0063 17  ILE B C   
358 O O   . ILE B 18 ? 0.2367 0.2352 0.1866 0.0129  0.0111  0.0106  17  ILE B O   
359 C CB  . ILE B 18 ? 0.2122 0.2094 0.1765 0.0175  0.0000  0.0090  17  ILE B CB  
360 C CG1 . ILE B 18 ? 0.2048 0.2046 0.1723 -0.0130 0.0215  0.0041  17  ILE B CG1 
361 C CG2 . ILE B 18 ? 0.2068 0.2021 0.2185 0.0116  -0.0134 -0.0023 17  ILE B CG2 
362 C CD1 . ILE B 18 ? 0.2609 0.2218 0.1905 0.0050  0.0251  0.0107  17  ILE B CD1 
363 N N   . ALA B 19 ? 0.2341 0.2116 0.1994 0.0141  -0.0245 0.0041  18  ALA B N   
364 C CA  . ALA B 19 ? 0.2526 0.2086 0.2220 -0.0121 -0.0115 -0.0092 18  ALA B CA  
365 C C   . ALA B 19 ? 0.2474 0.2333 0.2242 0.0004  -0.0201 -0.0133 18  ALA B C   
366 O O   . ALA B 19 ? 0.2775 0.2159 0.2218 0.0242  -0.0343 0.0124  18  ALA B O   
367 C CB  . ALA B 19 ? 0.2642 0.1930 0.2206 -0.0013 -0.0292 0.0057  18  ALA B CB  
368 N N   . TRP B 20 ? 0.2461 0.2466 0.2530 0.0126  -0.0301 0.0073  19  TRP B N   
369 C CA  . TRP B 20 ? 0.2450 0.2304 0.2861 0.0484  -0.0074 -0.0069 19  TRP B CA  
370 C C   . TRP B 20 ? 0.2388 0.2168 0.2552 0.0409  -0.0499 0.0095  19  TRP B C   
371 O O   . TRP B 20 ? 0.2908 0.2406 0.2789 0.0327  -0.0299 0.0367  19  TRP B O   
372 C CB  . TRP B 20 ? 0.2391 0.3027 0.3046 0.0511  -0.0037 0.0067  19  TRP B CB  
373 C CG  . TRP B 20 ? 0.2392 0.3401 0.3481 0.0390  -0.0036 0.0523  19  TRP B CG  
374 C CD1 . TRP B 20 ? 0.2904 0.3871 0.3460 0.0453  0.0026  0.0661  19  TRP B CD1 
375 C CD2 . TRP B 20 ? 0.2940 0.3788 0.3954 0.0529  0.0196  0.0709  19  TRP B CD2 
376 N NE1 . TRP B 20 ? 0.3150 0.4762 0.4011 0.0698  -0.0256 0.1008  19  TRP B NE1 
377 C CE2 . TRP B 20 ? 0.3530 0.3765 0.4296 0.0894  -0.0204 0.1296  19  TRP B CE2 
378 C CE3 . TRP B 20 ? 0.3957 0.3790 0.4193 0.0695  0.0798  0.0640  19  TRP B CE3 
379 C CZ2 . TRP B 20 ? 0.4223 0.4478 0.4003 0.1403  0.0055  0.1842  19  TRP B CZ2 
380 C CZ3 . TRP B 20 ? 0.4804 0.4132 0.4899 0.1510  0.0496  0.0735  19  TRP B CZ3 
381 C CH2 . TRP B 20 ? 0.4768 0.4314 0.4816 0.1557  0.0771  0.1386  19  TRP B CH2 
382 N N   . GLN B 21 ? 0.2809 0.2206 0.2105 0.0287  -0.0385 0.0090  20  GLN B N   
383 C CA  . GLN B 21 ? 0.2864 0.2359 0.2034 0.0260  -0.0408 0.0043  20  GLN B CA  
384 C C   . GLN B 21 ? 0.3005 0.2194 0.2126 0.0222  -0.0317 0.0222  20  GLN B C   
385 O O   . GLN B 21 ? 0.3016 0.2301 0.2023 0.0167  -0.0292 0.0511  20  GLN B O   
386 C CB  . GLN B 21 ? 0.2686 0.2550 0.2284 0.0298  -0.0408 -0.0225 20  GLN B CB  
387 C CG  . GLN B 21 ? 0.2865 0.2851 0.2395 0.0061  -0.0394 -0.0044 20  GLN B CG  
388 C CD  . GLN B 21 ? 0.2759 0.3122 0.2736 0.0247  -0.0546 -0.0147 20  GLN B CD  
389 O OE1 . GLN B 21 ? 0.3371 0.3750 0.2312 0.0161  -0.0594 -0.0115 20  GLN B OE1 
390 N NE2 . GLN B 21 ? 0.2786 0.4203 0.3083 0.0107  -0.0431 -0.0119 20  GLN B NE2 
391 N N   . LEU B 22 ? 0.2759 0.2272 0.2074 0.0055  -0.0277 0.0368  21  LEU B N   
392 C CA  . LEU B 22 ? 0.2579 0.2264 0.2362 0.0074  -0.0206 0.0141  21  LEU B CA  
393 C C   . LEU B 22 ? 0.2923 0.2133 0.2173 -0.0059 -0.0231 0.0413  21  LEU B C   
394 O O   . LEU B 22 ? 0.3346 0.2252 0.2092 -0.0043 -0.0039 0.0593  21  LEU B O   
395 C CB  . LEU B 22 ? 0.2812 0.2407 0.2317 -0.0066 0.0037  0.0479  21  LEU B CB  
396 C CG  . LEU B 22 ? 0.2426 0.2253 0.2360 -0.0098 -0.0034 0.0117  21  LEU B CG  
397 C CD1 . LEU B 22 ? 0.2425 0.2772 0.2141 0.0192  0.0331  0.0507  21  LEU B CD1 
398 C CD2 . LEU B 22 ? 0.3005 0.2256 0.2562 0.0006  0.0262  0.0510  21  LEU B CD2 
399 N N   . LYS B 23 ? 0.3007 0.1983 0.2231 -0.0043 -0.0242 0.0233  22  LYS B N   
400 C CA  . LYS B 23 ? 0.3320 0.1987 0.2374 0.0122  -0.0263 -0.0005 22  LYS B CA  
401 C C   . LYS B 23 ? 0.3382 0.2354 0.2218 0.0135  0.0122  0.0336  22  LYS B C   
402 O O   . LYS B 23 ? 0.3914 0.2334 0.2794 0.0092  -0.0054 0.0538  22  LYS B O   
403 C CB  . LYS B 23 ? 0.3580 0.1999 0.2799 0.0016  0.0164  0.0283  22  LYS B CB  
404 C CG  . LYS B 23 ? 0.4191 0.2142 0.3258 0.0347  0.0072  0.0303  22  LYS B CG  
405 C CD  . LYS B 23 ? 0.4777 0.3594 0.3893 0.0699  0.0378  0.0135  22  LYS B CD  
406 C CE  . LYS B 23 ? 0.6894 0.4103 0.5655 0.0830  0.0193  -0.0038 22  LYS B CE  
407 N NZ  . LYS B 23 ? 0.7005 0.5484 0.6788 0.1326  0.0142  0.0158  22  LYS B NZ  
408 N N   . GLU B 24 ? 0.3658 0.2371 0.2065 0.0102  -0.0135 0.0706  23  GLU B N   
409 C CA  . GLU B 24 ? 0.4107 0.2768 0.2056 0.0303  -0.0345 0.0339  23  GLU B CA  
410 C C   . GLU B 24 ? 0.3827 0.2496 0.2580 0.0133  -0.0331 0.0472  23  GLU B C   
411 O O   . GLU B 24 ? 0.4468 0.2617 0.2780 0.0000  -0.0103 0.0748  23  GLU B O   
412 C CB  . GLU B 24 ? 0.4080 0.3116 0.2577 0.0288  -0.0398 0.0445  23  GLU B CB  
413 C CG  . GLU B 24 ? 0.4078 0.3531 0.2827 0.0650  -0.0376 0.0703  23  GLU B CG  
414 C CD  . GLU B 24 ? 0.4848 0.3752 0.3885 0.0955  -0.0422 0.0763  23  GLU B CD  
415 O OE1 . GLU B 24 ? 0.5848 0.4102 0.4411 0.1038  -0.1069 0.0993  23  GLU B OE1 
416 O OE2 . GLU B 24 ? 0.5846 0.4666 0.4133 0.1442  -0.0503 0.0477  23  GLU B OE2 
417 N N   . ILE B 25 ? 0.3660 0.2331 0.2457 0.0048  -0.0275 0.0313  24  ILE B N   
418 C CA  . ILE B 25 ? 0.3794 0.2498 0.2299 0.0083  -0.0118 0.0271  24  ILE B CA  
419 C C   . ILE B 25 ? 0.3772 0.2360 0.2320 0.0144  -0.0054 0.0697  24  ILE B C   
420 O O   . ILE B 25 ? 0.4137 0.2516 0.2403 0.0035  0.0376  0.0633  24  ILE B O   
421 C CB  . ILE B 25 ? 0.3446 0.2418 0.2470 -0.0021 0.0159  0.0117  24  ILE B CB  
422 C CG1 . ILE B 25 ? 0.3546 0.2671 0.2048 -0.0225 0.0312  0.0208  24  ILE B CG1 
423 C CG2 . ILE B 25 ? 0.3348 0.2853 0.2537 -0.0218 0.0129  0.0202  24  ILE B CG2 
424 C CD1 . ILE B 25 ? 0.3759 0.2733 0.2444 -0.0116 -0.0036 0.0035  24  ILE B CD1 
425 N N   . ALA B 26 ? 0.3742 0.2402 0.2590 -0.0189 0.0060  0.0429  25  ALA B N   
426 C CA  . ALA B 26 ? 0.3989 0.2318 0.2772 -0.0247 -0.0026 0.0471  25  ALA B CA  
427 C C   . ALA B 26 ? 0.4332 0.2326 0.2777 -0.0265 0.0099  0.0704  25  ALA B C   
428 O O   . ALA B 26 ? 0.4702 0.2408 0.2449 -0.0309 0.0356  0.0411  25  ALA B O   
429 C CB  . ALA B 26 ? 0.3939 0.2318 0.2791 -0.0458 0.0309  0.0063  25  ALA B CB  
430 N N   . GLN B 27 ? 0.4283 0.2214 0.2788 0.0123  0.0052  0.0390  26  GLN B N   
431 C CA  . GLN B 27 ? 0.4858 0.2343 0.2764 0.0199  -0.0004 0.0740  26  GLN B CA  
432 C C   . GLN B 27 ? 0.5082 0.2325 0.2835 0.0252  0.0116  0.0906  26  GLN B C   
433 O O   . GLN B 27 ? 0.5872 0.2207 0.3397 0.0098  0.0177  0.1112  26  GLN B O   
434 C CB  . GLN B 27 ? 0.4686 0.2672 0.3472 0.0612  -0.0179 0.0708  26  GLN B CB  
435 C CG  . GLN B 27 ? 0.5358 0.3292 0.3962 0.0453  0.0001  0.0079  26  GLN B CG  
436 C CD  . GLN B 27 ? 0.5319 0.4630 0.4653 0.0827  0.0123  0.0038  26  GLN B CD  
437 O OE1 . GLN B 27 ? 0.5074 0.5881 0.6081 0.0615  0.0071  -0.0921 26  GLN B OE1 
438 N NE2 . GLN B 27 ? 0.5355 0.4307 0.4577 0.1064  0.0016  0.0444  26  GLN B NE2 
439 N N   . GLN B 28 ? 0.5229 0.2794 0.2827 0.0142  -0.0332 0.0696  27  GLN B N   
440 C CA  . GLN B 28 ? 0.5500 0.3067 0.2650 0.0189  -0.0198 0.0841  27  GLN B CA  
441 C C   . GLN B 28 ? 0.5792 0.2806 0.2474 0.0120  -0.0008 0.0752  27  GLN B C   
442 O O   . GLN B 28 ? 0.6500 0.2744 0.2609 0.0389  0.0032  0.0872  27  GLN B O   
443 C CB  . GLN B 28 ? 0.5794 0.3281 0.2710 -0.0008 -0.0016 0.0736  27  GLN B CB  
444 C CG  . GLN B 28 ? 0.5737 0.4349 0.3559 0.0001  -0.0127 0.0407  27  GLN B CG  
445 C CD  . GLN B 28 ? 0.6220 0.4898 0.4482 0.0476  0.0073  0.0617  27  GLN B CD  
446 O OE1 . GLN B 28 ? 0.7068 0.6014 0.5102 0.0324  0.0472  -0.0309 27  GLN B OE1 
447 N NE2 . GLN B 28 ? 0.6745 0.4753 0.5048 0.1530  -0.0235 0.1008  27  GLN B NE2 
448 N N   . LEU B 29 ? 0.5344 0.2922 0.2439 0.0076  0.0389  0.0979  28  LEU B N   
449 C CA  . LEU B 29 ? 0.5569 0.3353 0.2561 -0.0036 0.0640  0.0722  28  LEU B CA  
450 C C   . LEU B 29 ? 0.6317 0.3194 0.2317 0.0011  0.0800  0.0808  28  LEU B C   
451 O O   . LEU B 29 ? 0.7139 0.3373 0.3149 -0.0270 0.1490  0.0768  28  LEU B O   
452 C CB  . LEU B 29 ? 0.5006 0.3125 0.2511 0.0065  0.0891  0.0543  28  LEU B CB  
453 C CG  . LEU B 29 ? 0.4868 0.3189 0.3174 -0.0010 0.0765  0.0496  28  LEU B CG  
454 C CD1 . LEU B 29 ? 0.5116 0.3551 0.3194 -0.0118 0.0660  0.0788  28  LEU B CD1 
455 C CD2 . LEU B 29 ? 0.5123 0.3227 0.3441 0.0041  0.0905  0.0180  28  LEU B CD2 
456 N N   . LYS B 30 ? 0.5996 0.2774 0.2605 -0.0034 0.0904  0.0855  29  LYS B N   
457 C CA  . LYS B 30 ? 0.6749 0.2953 0.2612 -0.0135 0.0801  0.0517  29  LYS B CA  
458 C C   . LYS B 30 ? 0.6870 0.3135 0.2831 0.0036  0.0888  0.0877  29  LYS B C   
459 O O   . LYS B 30 ? 0.6370 0.4120 0.3361 0.0234  0.1152  0.0580  29  LYS B O   
460 C CB  . LYS B 30 ? 0.6851 0.3037 0.2553 -0.0311 0.0849  0.0535  29  LYS B CB  
461 C CG  . LYS B 30 ? 0.7662 0.3022 0.3001 -0.0138 0.0751  0.0553  29  LYS B CG  
462 C CD  . LYS B 30 ? 0.7989 0.3494 0.3469 -0.0496 0.0677  0.0357  29  LYS B CD  
463 N N   . GLY B 31 ? 0.7399 0.2832 0.2652 0.0161  0.0845  0.1063  30  GLY B N   
464 C C1  . GOL C .  ? 0.2469 0.4766 0.4037 -0.0606 0.0118  0.0043  101 GOL A C1  
465 O O1  . GOL C .  ? 0.4148 0.5585 0.4239 -0.0461 0.0301  0.0132  101 GOL A O1  
466 C C2  . GOL C .  ? 0.2581 0.4432 0.3559 -0.0947 0.0164  0.0184  101 GOL A C2  
467 O O2  . GOL C .  ? 0.3882 0.4932 0.3747 -0.0782 0.0105  0.0081  101 GOL A O2  
468 C C3  . GOL C .  ? 0.2626 0.3584 0.3458 -0.0918 -0.0077 0.0462  101 GOL A C3  
469 O O3  . GOL C .  ? 0.3620 0.3638 0.3043 -0.1135 0.0283  0.1137  101 GOL A O3  
470 C C1  . GOL D .  ? 0.3857 0.3695 0.3442 -0.0389 -0.0439 -0.0127 102 GOL A C1  
471 O O1  . GOL D .  ? 0.5435 0.5223 0.4137 -0.0501 0.0184  0.0463  102 GOL A O1  
472 C C2  . GOL D .  ? 0.3477 0.3338 0.2997 -0.0482 -0.0566 -0.0529 102 GOL A C2  
473 O O2  . GOL D .  ? 0.4566 0.3708 0.3776 0.0245  -0.0223 -0.0759 102 GOL A O2  
474 C C3  . GOL D .  ? 0.3013 0.3058 0.3083 -0.0492 -0.0516 -0.0224 102 GOL A C3  
475 O O3  . GOL D .  ? 0.3180 0.3101 0.3519 0.0071  -0.0514 -0.0466 102 GOL A O3  
476 C C1  . GOL E .  ? 0.3694 0.2024 0.4176 0.0215  0.0295  0.0409  103 GOL A C1  
477 O O1  . GOL E .  ? 0.4303 0.3203 0.4366 -0.0052 0.0169  0.0575  103 GOL A O1  
478 C C2  . GOL E .  ? 0.3715 0.2478 0.4025 -0.0020 0.0210  0.0355  103 GOL A C2  
479 O O2  . GOL E .  ? 0.3327 0.4296 0.3563 0.0260  0.0367  0.0925  103 GOL A O2  
480 C C3  . GOL E .  ? 0.3615 0.2339 0.3093 -0.0505 0.0522  0.0425  103 GOL A C3  
481 O O3  . GOL E .  ? 0.3614 0.2641 0.3699 -0.0582 0.0491  0.0413  103 GOL A O3  
482 O O   . HOH F .  ? 0.3359 0.3852 0.4981 0.0195  -0.0338 -0.0973 201 HOH A O   
483 O O   . HOH F .  ? 0.5572 0.6157 0.4571 0.0326  0.0180  0.0742  202 HOH A O   
484 O O   . HOH F .  ? 0.4363 0.3482 0.3722 0.0562  -0.0241 0.0158  203 HOH A O   
485 O O   . HOH F .  ? 0.5063 0.2344 0.3736 -0.0051 0.0376  0.0779  204 HOH A O   
486 O O   . HOH F .  ? 0.4974 0.2921 0.4943 0.0002  -0.0178 -0.0760 205 HOH A O   
487 O O   . HOH F .  ? 0.7657 0.5266 0.3694 -0.0077 -0.0583 0.0407  206 HOH A O   
488 O O   . HOH F .  ? 0.4248 0.3562 0.3932 0.0273  -0.0185 0.0587  207 HOH A O   
489 O O   . HOH F .  ? 0.5151 0.5731 0.2758 0.0188  0.0721  0.1627  208 HOH A O   
490 O O   . HOH F .  ? 0.5525 0.3712 0.5940 0.0359  -0.0282 0.0309  209 HOH A O   
491 O O   . HOH F .  ? 0.8625 0.7116 0.3659 -0.0597 0.1037  0.2981  210 HOH A O   
492 O O   . HOH G .  ? 0.3613 0.5153 0.5200 -0.0209 -0.0954 -0.0515 101 HOH B O   
493 O O   . HOH G .  ? 0.6127 0.5915 0.4532 0.0419  0.0302  0.1830  102 HOH B O   
494 O O   . HOH G .  ? 0.4603 0.4556 0.4348 0.0685  -0.0247 0.0439  103 HOH B O   
495 O O   . HOH G .  ? 0.4135 0.3509 0.3653 -0.0112 -0.0205 0.0537  104 HOH B O   
496 O O   . HOH G .  ? 0.4711 0.2707 0.3674 0.0447  -0.0035 -0.0536 105 HOH B O   
497 O O   . HOH G .  ? 0.2570 0.4494 0.4531 0.0638  0.0092  0.0168  106 HOH B O   
498 O O   . HOH G .  ? 0.4850 0.4003 0.3489 0.0542  -0.0008 -0.0150 107 HOH B O   
499 O O   . HOH G .  ? 0.3677 0.5509 0.2590 0.0264  -0.0119 0.0298  108 HOH B O   
500 O O   . HOH G .  ? 0.3541 0.5857 0.4554 -0.0053 -0.0596 -0.0529 109 HOH B O   
501 O O   . HOH G .  ? 0.5086 0.4839 0.5791 -0.0068 0.1060  0.0759  110 HOH B O   
# 
